data_4ZJT
#
_entry.id   4ZJT
#
_cell.length_a   85.842
_cell.length_b   127.603
_cell.length_c   122.469
_cell.angle_alpha   90.000
_cell.angle_beta   110.450
_cell.angle_gamma   90.000
#
_symmetry.space_group_name_H-M   'P 1 21 1'
#
loop_
_entity.id
_entity.type
_entity.pdbx_description
1 polymer 'Acetylcholine-binding protein'
2 non-polymer 'PHOSPHATE ION'
3 non-polymer "(3E)-3-(thiophen-2-ylmethylidene)-3,4,5,6-tetrahydro-2,3'-bipyridine"
4 water water
#
_entity_poly.entity_id   1
_entity_poly.type   'polypeptide(L)'
_entity_poly.pdbx_seq_one_letter_code
;DYKDDDDKLDRADILYNIRQTSRPDVIPTQRDRPVAVSVSLKFINILEVNEITNEVDVVFWQQTTWSDRTLAWNSSHSPD
QVSVPISSLWVPDLAAYNAISKPEVLTPQLARVVSDGEVLYMPSIRQRFSCDVSGVDTESGATCRIKIGSWTHHSREISV
DPTTENSDDSEYFSQYSRFEILDVTQKKNSVTYSCCPEAYEDVEVSLNFRKKGRSEIL
;
_entity_poly.pdbx_strand_id   A,B,C,D,E,F,G,H,I,J
#
loop_
_chem_comp.id
_chem_comp.type
_chem_comp.name
_chem_comp.formula
4P6 non-polymer (3E)-3-(thiophen-2-ylmethylidene)-3,4,5,6-tetrahydro-2,3'-bipyridine 'C15 H14 N2 S'
PO4 non-polymer 'PHOSPHATE ION' 'O4 P -3'
#
# COMPACT_ATOMS: atom_id res chain seq x y z
N ASP A 4 -19.76 -26.60 -16.70
CA ASP A 4 -18.56 -25.99 -16.16
C ASP A 4 -18.86 -24.76 -15.29
N ASP A 5 -20.14 -24.43 -15.16
CA ASP A 5 -20.56 -23.27 -14.37
C ASP A 5 -20.05 -23.29 -12.94
N ASP A 6 -20.01 -24.47 -12.32
CA ASP A 6 -19.72 -24.55 -10.90
C ASP A 6 -18.25 -24.88 -10.63
N ASP A 7 -17.41 -24.72 -11.65
CA ASP A 7 -15.97 -24.84 -11.47
C ASP A 7 -15.51 -23.59 -10.74
N LYS A 8 -15.25 -23.71 -9.45
CA LYS A 8 -15.00 -22.54 -8.62
C LYS A 8 -13.75 -21.77 -9.03
N LEU A 9 -12.66 -22.48 -9.31
CA LEU A 9 -11.45 -21.80 -9.70
C LEU A 9 -11.63 -21.02 -10.99
N ASP A 10 -12.38 -21.60 -11.92
CA ASP A 10 -12.69 -20.91 -13.18
C ASP A 10 -13.43 -19.60 -12.90
N ARG A 11 -14.37 -19.64 -11.95
CA ARG A 11 -15.13 -18.43 -11.62
C ARG A 11 -14.23 -17.36 -11.01
N ALA A 12 -13.37 -17.76 -10.08
CA ALA A 12 -12.41 -16.85 -9.48
C ALA A 12 -11.48 -16.23 -10.54
N ASP A 13 -11.08 -17.03 -11.52
CA ASP A 13 -10.19 -16.53 -12.57
C ASP A 13 -10.91 -15.55 -13.49
N ILE A 14 -12.17 -15.82 -13.78
CA ILE A 14 -12.99 -14.92 -14.57
C ILE A 14 -13.16 -13.58 -13.84
N LEU A 15 -13.44 -13.63 -12.54
CA LEU A 15 -13.58 -12.40 -11.77
C LEU A 15 -12.28 -11.59 -11.76
N TYR A 16 -11.16 -12.28 -11.60
CA TYR A 16 -9.84 -11.64 -11.73
C TYR A 16 -9.62 -11.00 -13.12
N ASN A 17 -9.95 -11.73 -14.19
CA ASN A 17 -9.80 -11.19 -15.54
C ASN A 17 -10.64 -9.94 -15.78
N ILE A 18 -11.88 -9.97 -15.27
CA ILE A 18 -12.78 -8.82 -15.37
C ILE A 18 -12.19 -7.61 -14.64
N ARG A 19 -11.67 -7.85 -13.43
CA ARG A 19 -11.11 -6.76 -12.65
C ARG A 19 -9.79 -6.23 -13.21
N GLN A 20 -9.08 -7.07 -13.97
CA GLN A 20 -7.89 -6.58 -14.67
C GLN A 20 -8.26 -5.66 -15.83
N THR A 21 -9.32 -5.99 -16.55
CA THR A 21 -9.64 -5.24 -17.78
C THR A 21 -10.67 -4.15 -17.56
N SER A 22 -11.49 -4.28 -16.53
CA SER A 22 -12.56 -3.32 -16.28
C SER A 22 -12.02 -1.93 -15.96
N ARG A 23 -12.60 -0.93 -16.62
CA ARG A 23 -12.35 0.46 -16.28
C ARG A 23 -13.65 1.08 -15.78
N PRO A 24 -13.86 1.06 -14.46
CA PRO A 24 -15.17 1.43 -13.91
C PRO A 24 -15.61 2.88 -14.14
N ASP A 25 -14.67 3.78 -14.42
CA ASP A 25 -15.04 5.18 -14.60
C ASP A 25 -15.02 5.64 -16.04
N VAL A 26 -14.70 4.75 -16.97
CA VAL A 26 -14.66 5.10 -18.40
C VAL A 26 -15.77 4.41 -19.17
N ILE A 27 -16.52 5.17 -19.99
CA ILE A 27 -17.59 4.56 -20.76
C ILE A 27 -17.05 3.53 -21.75
N PRO A 28 -17.72 2.37 -21.85
CA PRO A 28 -17.15 1.30 -22.68
C PRO A 28 -17.51 1.44 -24.14
N THR A 29 -17.09 2.54 -24.76
CA THR A 29 -17.44 2.79 -26.16
C THR A 29 -16.63 1.88 -27.05
N GLN A 30 -17.32 1.26 -27.99
CA GLN A 30 -16.75 0.28 -28.90
C GLN A 30 -16.91 0.72 -30.36
N ARG A 31 -15.86 0.51 -31.15
CA ARG A 31 -15.88 0.87 -32.56
C ARG A 31 -16.34 2.31 -32.77
N ASP A 32 -15.95 3.18 -31.84
CA ASP A 32 -16.32 4.59 -31.89
C ASP A 32 -17.83 4.84 -32.12
N ARG A 33 -18.67 4.09 -31.41
CA ARG A 33 -20.10 4.35 -31.38
C ARG A 33 -20.51 4.58 -29.92
N PRO A 34 -21.68 5.20 -29.70
CA PRO A 34 -22.12 5.36 -28.31
C PRO A 34 -22.36 4.02 -27.61
N VAL A 35 -22.26 4.01 -26.29
CA VAL A 35 -22.70 2.86 -25.53
C VAL A 35 -24.22 2.73 -25.62
N ALA A 36 -24.68 1.60 -26.14
CA ALA A 36 -26.11 1.33 -26.22
C ALA A 36 -26.59 0.72 -24.92
N VAL A 37 -27.34 1.51 -24.16
CA VAL A 37 -27.87 1.06 -22.88
C VAL A 37 -29.36 0.74 -22.98
N SER A 38 -29.72 -0.51 -22.70
CA SER A 38 -31.12 -0.90 -22.65
C SER A 38 -31.68 -0.81 -21.24
N VAL A 39 -32.83 -0.17 -21.10
CA VAL A 39 -33.48 -0.10 -19.80
C VAL A 39 -34.95 -0.47 -19.93
N SER A 40 -35.42 -1.27 -18.99
CA SER A 40 -36.82 -1.65 -18.91
C SER A 40 -37.23 -1.70 -17.43
N LEU A 41 -38.24 -0.92 -17.07
CA LEU A 41 -38.73 -0.90 -15.70
C LEU A 41 -39.85 -1.92 -15.56
N LYS A 42 -39.63 -2.92 -14.71
CA LYS A 42 -40.69 -3.86 -14.37
C LYS A 42 -41.29 -3.43 -13.04
N PHE A 43 -42.50 -2.88 -13.07
CA PHE A 43 -43.11 -2.41 -11.84
C PHE A 43 -43.60 -3.56 -10.99
N ILE A 44 -43.36 -3.46 -9.69
CA ILE A 44 -43.67 -4.54 -8.74
C ILE A 44 -44.74 -4.12 -7.73
N ASN A 45 -44.63 -2.89 -7.25
CA ASN A 45 -45.55 -2.39 -6.25
C ASN A 45 -45.75 -0.91 -6.43
N ILE A 46 -46.99 -0.44 -6.24
CA ILE A 46 -47.26 0.99 -6.13
C ILE A 46 -47.66 1.20 -4.67
N LEU A 47 -46.81 1.87 -3.91
CA LEU A 47 -46.93 1.89 -2.45
C LEU A 47 -47.83 2.99 -1.94
N GLU A 48 -47.77 4.11 -2.63
CA GLU A 48 -48.49 5.28 -2.18
C GLU A 48 -48.77 6.18 -3.35
N VAL A 49 -49.96 6.75 -3.36
CA VAL A 49 -50.31 7.72 -4.37
C VAL A 49 -50.93 8.91 -3.64
N ASN A 50 -50.29 10.06 -3.74
CA ASN A 50 -50.77 11.26 -3.06
C ASN A 50 -51.42 12.16 -4.09
N GLU A 51 -52.75 12.22 -4.04
CA GLU A 51 -53.54 13.00 -4.99
C GLU A 51 -53.43 14.49 -4.68
N ILE A 52 -53.13 14.81 -3.43
CA ILE A 52 -52.94 16.20 -3.02
C ILE A 52 -51.67 16.79 -3.66
N THR A 53 -50.59 16.03 -3.64
CA THR A 53 -49.28 16.55 -4.05
C THR A 53 -48.76 16.06 -5.40
N ASN A 54 -49.55 15.22 -6.08
CA ASN A 54 -49.10 14.58 -7.33
C ASN A 54 -47.79 13.84 -7.17
N GLU A 55 -47.79 12.87 -6.25
CA GLU A 55 -46.58 12.09 -5.99
C GLU A 55 -46.93 10.62 -5.91
N VAL A 56 -46.03 9.77 -6.42
CA VAL A 56 -46.18 8.33 -6.27
C VAL A 56 -44.90 7.74 -5.70
N ASP A 57 -45.06 6.73 -4.87
CA ASP A 57 -43.95 5.99 -4.26
C ASP A 57 -44.04 4.56 -4.79
N VAL A 58 -43.02 4.12 -5.51
CA VAL A 58 -43.16 2.86 -6.22
C VAL A 58 -41.93 1.96 -6.09
N VAL A 59 -42.10 0.68 -6.37
CA VAL A 59 -41.00 -0.27 -6.42
C VAL A 59 -40.96 -0.88 -7.81
N PHE A 60 -39.78 -0.82 -8.46
CA PHE A 60 -39.64 -1.43 -9.76
C PHE A 60 -38.33 -2.16 -9.86
N TRP A 61 -38.29 -3.17 -10.73
CA TRP A 61 -37.02 -3.81 -11.07
C TRP A 61 -36.46 -3.07 -12.28
N GLN A 62 -35.25 -2.54 -12.17
CA GLN A 62 -34.67 -1.75 -13.24
C GLN A 62 -33.76 -2.62 -14.09
N GLN A 63 -34.33 -3.30 -15.08
CA GLN A 63 -33.55 -4.18 -15.94
C GLN A 63 -32.66 -3.35 -16.84
N THR A 64 -31.35 -3.44 -16.64
CA THR A 64 -30.43 -2.57 -17.33
C THR A 64 -29.35 -3.41 -18.02
N THR A 65 -29.18 -3.25 -19.33
CA THR A 65 -28.20 -4.04 -20.06
C THR A 65 -27.36 -3.21 -21.02
N TRP A 66 -26.11 -3.65 -21.20
CA TRP A 66 -25.21 -3.03 -22.16
C TRP A 66 -24.09 -4.03 -22.38
N SER A 67 -23.20 -3.72 -23.31
CA SER A 67 -22.10 -4.64 -23.56
C SER A 67 -20.76 -3.95 -23.34
N ASP A 68 -19.79 -4.74 -22.86
CA ASP A 68 -18.39 -4.33 -22.88
C ASP A 68 -17.60 -5.53 -23.38
N ARG A 69 -17.31 -5.55 -24.68
CA ARG A 69 -16.64 -6.67 -25.31
C ARG A 69 -15.26 -6.95 -24.74
N THR A 70 -14.64 -5.94 -24.12
CA THR A 70 -13.32 -6.16 -23.52
C THR A 70 -13.38 -7.13 -22.35
N LEU A 71 -14.59 -7.38 -21.85
CA LEU A 71 -14.77 -8.25 -20.70
C LEU A 71 -15.02 -9.69 -21.12
N ALA A 72 -15.22 -9.91 -22.42
CA ALA A 72 -15.55 -11.24 -22.95
C ALA A 72 -14.45 -12.26 -22.68
N TRP A 73 -14.83 -13.52 -22.63
CA TRP A 73 -13.86 -14.61 -22.54
C TRP A 73 -14.37 -15.82 -23.30
N ASN A 74 -13.44 -16.72 -23.63
CA ASN A 74 -13.76 -17.99 -24.26
C ASN A 74 -14.34 -18.93 -23.22
N SER A 75 -15.61 -19.28 -23.36
CA SER A 75 -16.27 -20.13 -22.37
C SER A 75 -16.53 -21.54 -22.92
N SER A 76 -15.69 -22.01 -23.84
CA SER A 76 -15.80 -23.37 -24.36
C SER A 76 -15.83 -24.38 -23.24
N HIS A 77 -14.95 -24.19 -22.26
CA HIS A 77 -14.81 -25.10 -21.14
C HIS A 77 -14.67 -24.30 -19.85
N SER A 78 -15.44 -23.23 -19.75
CA SER A 78 -15.50 -22.42 -18.55
C SER A 78 -16.92 -21.87 -18.34
N PRO A 79 -17.18 -21.29 -17.16
CA PRO A 79 -18.50 -20.73 -16.86
C PRO A 79 -18.95 -19.70 -17.89
N ASP A 80 -20.25 -19.70 -18.20
CA ASP A 80 -20.79 -18.81 -19.22
C ASP A 80 -21.11 -17.43 -18.66
N GLN A 81 -21.14 -17.34 -17.34
CA GLN A 81 -21.65 -16.18 -16.66
C GLN A 81 -21.21 -16.17 -15.19
N VAL A 82 -20.87 -14.99 -14.66
CA VAL A 82 -20.62 -14.86 -13.23
C VAL A 82 -21.30 -13.60 -12.65
N SER A 83 -21.52 -13.58 -11.34
CA SER A 83 -21.97 -12.36 -10.68
C SER A 83 -20.77 -11.52 -10.23
N VAL A 84 -20.90 -10.21 -10.36
CA VAL A 84 -19.79 -9.28 -10.13
C VAL A 84 -20.32 -8.08 -9.36
N PRO A 85 -19.62 -7.66 -8.29
CA PRO A 85 -20.01 -6.44 -7.56
C PRO A 85 -19.94 -5.24 -8.50
N ILE A 86 -20.95 -4.36 -8.46
CA ILE A 86 -20.98 -3.30 -9.47
C ILE A 86 -19.86 -2.30 -9.25
N SER A 87 -19.30 -2.26 -8.03
CA SER A 87 -18.13 -1.42 -7.80
C SER A 87 -16.92 -1.83 -8.65
N SER A 88 -16.94 -3.04 -9.20
CA SER A 88 -15.85 -3.50 -10.10
C SER A 88 -16.10 -3.16 -11.56
N LEU A 89 -17.28 -2.61 -11.85
CA LEU A 89 -17.74 -2.39 -13.23
C LEU A 89 -18.10 -0.96 -13.56
N TRP A 90 -17.95 -0.58 -14.82
CA TRP A 90 -18.63 0.64 -15.25
C TRP A 90 -20.14 0.37 -15.28
N VAL A 91 -20.91 1.33 -14.78
CA VAL A 91 -22.36 1.24 -14.84
C VAL A 91 -22.90 2.58 -15.34
N PRO A 92 -23.99 2.55 -16.10
CA PRO A 92 -24.47 3.82 -16.64
C PRO A 92 -24.99 4.75 -15.54
N ASP A 93 -24.70 6.05 -15.67
CA ASP A 93 -25.11 7.05 -14.69
C ASP A 93 -26.54 7.50 -14.93
N LEU A 94 -27.46 6.55 -14.82
CA LEU A 94 -28.87 6.86 -15.08
C LEU A 94 -29.51 7.65 -13.95
N ALA A 95 -30.42 8.56 -14.33
CA ALA A 95 -31.21 9.31 -13.36
C ALA A 95 -32.62 9.47 -13.90
N ALA A 96 -33.59 9.53 -12.98
CA ALA A 96 -34.97 9.89 -13.33
C ALA A 96 -35.17 11.39 -13.09
N TYR A 97 -35.51 12.11 -14.15
CA TYR A 97 -35.63 13.55 -14.05
C TYR A 97 -36.70 14.03 -13.06
N ASN A 98 -37.75 13.24 -12.87
CA ASN A 98 -38.82 13.68 -11.98
C ASN A 98 -38.83 12.89 -10.65
N ALA A 99 -37.69 12.26 -10.32
CA ALA A 99 -37.53 11.64 -9.01
C ALA A 99 -37.44 12.73 -7.95
N ILE A 100 -38.11 12.52 -6.81
CA ILE A 100 -38.02 13.46 -5.70
C ILE A 100 -37.46 12.78 -4.43
N SER A 101 -36.95 11.57 -4.58
CA SER A 101 -36.15 10.96 -3.52
C SER A 101 -35.02 10.22 -4.20
N LYS A 102 -34.04 9.82 -3.39
CA LYS A 102 -32.92 9.04 -3.88
C LYS A 102 -33.41 7.66 -4.24
N PRO A 103 -32.85 7.06 -5.30
CA PRO A 103 -33.25 5.68 -5.53
C PRO A 103 -32.73 4.81 -4.38
N GLU A 104 -33.64 4.07 -3.76
CA GLU A 104 -33.30 3.17 -2.66
C GLU A 104 -33.14 1.75 -3.20
N VAL A 105 -31.91 1.24 -3.23
CA VAL A 105 -31.72 -0.09 -3.80
C VAL A 105 -32.06 -1.15 -2.77
N LEU A 106 -32.96 -2.07 -3.10
CA LEU A 106 -33.43 -3.07 -2.12
C LEU A 106 -32.71 -4.41 -2.22
N THR A 107 -31.84 -4.56 -3.22
CA THR A 107 -31.30 -5.86 -3.55
C THR A 107 -29.76 -5.83 -3.56
N PRO A 108 -29.14 -7.01 -3.49
CA PRO A 108 -27.67 -7.07 -3.49
C PRO A 108 -27.12 -6.39 -4.74
N GLN A 109 -26.11 -5.53 -4.57
CA GLN A 109 -25.62 -4.74 -5.68
C GLN A 109 -24.59 -5.51 -6.51
N LEU A 110 -25.09 -6.56 -7.16
CA LEU A 110 -24.31 -7.42 -8.05
C LEU A 110 -24.87 -7.34 -9.46
N ALA A 111 -23.97 -7.35 -10.45
CA ALA A 111 -24.38 -7.50 -11.84
C ALA A 111 -23.98 -8.88 -12.34
N ARG A 112 -24.61 -9.33 -13.43
CA ARG A 112 -24.14 -10.52 -14.13
C ARG A 112 -23.32 -10.12 -15.35
N VAL A 113 -22.15 -10.76 -15.51
CA VAL A 113 -21.37 -10.56 -16.72
C VAL A 113 -21.36 -11.87 -17.50
N VAL A 114 -21.74 -11.79 -18.77
CA VAL A 114 -21.81 -12.96 -19.65
C VAL A 114 -20.54 -13.04 -20.48
N SER A 115 -20.17 -14.25 -20.90
CA SER A 115 -18.87 -14.45 -21.54
C SER A 115 -18.75 -13.72 -22.88
N ASP A 116 -19.88 -13.26 -23.43
CA ASP A 116 -19.78 -12.48 -24.67
C ASP A 116 -19.61 -10.99 -24.36
N GLY A 117 -19.54 -10.65 -23.08
CA GLY A 117 -19.35 -9.26 -22.68
C GLY A 117 -20.63 -8.50 -22.35
N GLU A 118 -21.76 -9.19 -22.39
CA GLU A 118 -23.01 -8.54 -22.00
C GLU A 118 -23.04 -8.38 -20.48
N VAL A 119 -23.51 -7.24 -20.01
CA VAL A 119 -23.66 -6.99 -18.59
C VAL A 119 -25.14 -6.76 -18.28
N LEU A 120 -25.62 -7.40 -17.23
CA LEU A 120 -27.00 -7.19 -16.77
C LEU A 120 -26.97 -6.74 -15.32
N TYR A 121 -27.51 -5.56 -15.06
CA TYR A 121 -27.68 -5.07 -13.69
C TYR A 121 -29.16 -4.81 -13.48
N MET A 122 -29.76 -5.49 -12.50
CA MET A 122 -31.20 -5.32 -12.28
C MET A 122 -31.57 -5.14 -10.81
N PRO A 123 -31.32 -3.95 -10.27
CA PRO A 123 -31.72 -3.70 -8.88
C PRO A 123 -33.23 -3.55 -8.74
N SER A 124 -33.75 -3.94 -7.58
CA SER A 124 -35.08 -3.53 -7.17
C SER A 124 -34.92 -2.16 -6.53
N ILE A 125 -35.66 -1.18 -7.03
CA ILE A 125 -35.54 0.19 -6.56
C ILE A 125 -36.86 0.70 -5.99
N ARG A 126 -36.79 1.32 -4.81
CA ARG A 126 -37.95 2.07 -4.31
C ARG A 126 -37.64 3.55 -4.47
N GLN A 127 -38.57 4.30 -5.06
CA GLN A 127 -38.31 5.69 -5.34
C GLN A 127 -39.62 6.49 -5.45
N ARG A 128 -39.57 7.75 -5.07
CA ARG A 128 -40.73 8.64 -5.18
C ARG A 128 -40.62 9.53 -6.42
N PHE A 129 -41.76 9.77 -7.08
CA PHE A 129 -41.77 10.60 -8.27
C PHE A 129 -42.84 11.65 -8.20
N SER A 130 -42.56 12.77 -8.86
CA SER A 130 -43.57 13.80 -9.11
C SER A 130 -44.17 13.55 -10.49
N CYS A 131 -45.47 13.25 -10.53
CA CYS A 131 -46.12 12.99 -11.81
C CYS A 131 -47.62 13.17 -11.71
N ASP A 132 -48.29 13.05 -12.84
CA ASP A 132 -49.74 13.31 -12.92
C ASP A 132 -50.53 12.11 -12.43
N VAL A 133 -51.10 12.26 -11.23
CA VAL A 133 -51.83 11.19 -10.56
C VAL A 133 -53.36 11.34 -10.78
N SER A 134 -53.77 12.40 -11.45
CA SER A 134 -55.20 12.60 -11.70
C SER A 134 -55.78 11.45 -12.52
N GLY A 135 -56.95 10.97 -12.13
CA GLY A 135 -57.62 9.91 -12.86
C GLY A 135 -57.39 8.52 -12.30
N VAL A 136 -56.59 8.44 -11.23
CA VAL A 136 -56.24 7.15 -10.63
C VAL A 136 -57.48 6.42 -10.11
N ASP A 137 -58.52 7.18 -9.78
CA ASP A 137 -59.77 6.60 -9.31
C ASP A 137 -60.84 6.45 -10.40
N THR A 138 -60.41 6.52 -11.67
CA THR A 138 -61.33 6.38 -12.80
C THR A 138 -61.02 5.11 -13.56
N GLU A 139 -61.89 4.75 -14.50
CA GLU A 139 -61.76 3.48 -15.21
C GLU A 139 -60.54 3.51 -16.12
N SER A 140 -60.22 4.67 -16.67
CA SER A 140 -59.10 4.78 -17.59
C SER A 140 -57.79 5.05 -16.85
N GLY A 141 -57.90 5.33 -15.55
CA GLY A 141 -56.75 5.41 -14.67
C GLY A 141 -55.90 6.66 -14.77
N ALA A 142 -54.81 6.68 -14.00
CA ALA A 142 -53.82 7.74 -14.10
C ALA A 142 -52.72 7.30 -15.07
N THR A 143 -52.01 8.28 -15.62
CA THR A 143 -50.80 7.99 -16.38
C THR A 143 -49.67 8.84 -15.83
N CYS A 144 -48.74 8.16 -15.17
CA CYS A 144 -47.58 8.76 -14.52
C CYS A 144 -46.36 8.51 -15.39
N ARG A 145 -45.77 9.57 -15.94
CA ARG A 145 -44.61 9.42 -16.82
C ARG A 145 -43.29 9.67 -16.08
N ILE A 146 -42.33 8.79 -16.30
CA ILE A 146 -41.02 8.92 -15.66
C ILE A 146 -39.98 9.01 -16.76
N LYS A 147 -39.16 10.05 -16.72
CA LYS A 147 -38.15 10.29 -17.72
C LYS A 147 -36.79 9.88 -17.18
N ILE A 148 -36.13 8.96 -17.87
CA ILE A 148 -34.86 8.41 -17.42
C ILE A 148 -33.80 8.50 -18.51
N GLY A 149 -32.62 8.93 -18.12
CA GLY A 149 -31.48 8.91 -19.05
C GLY A 149 -30.17 9.09 -18.32
N SER A 150 -29.08 9.15 -19.09
CA SER A 150 -27.76 9.42 -18.52
C SER A 150 -27.71 10.85 -18.00
N TRP A 151 -27.28 11.03 -16.76
CA TRP A 151 -27.21 12.36 -16.20
C TRP A 151 -26.09 13.21 -16.81
N THR A 152 -24.98 12.60 -17.23
CA THR A 152 -23.87 13.42 -17.69
C THR A 152 -23.32 13.11 -19.08
N HIS A 153 -23.84 12.06 -19.72
CA HIS A 153 -23.36 11.67 -21.05
C HIS A 153 -24.39 11.97 -22.14
N HIS A 154 -24.00 12.73 -23.16
CA HIS A 154 -24.93 13.02 -24.24
CA HIS A 154 -24.86 13.05 -24.30
C HIS A 154 -25.05 11.86 -25.23
N SER A 155 -25.86 12.04 -26.27
CA SER A 155 -26.23 10.93 -27.16
C SER A 155 -25.04 10.32 -27.91
N ARG A 156 -24.01 11.11 -28.16
CA ARG A 156 -22.81 10.62 -28.85
C ARG A 156 -22.03 9.62 -27.97
N GLU A 157 -22.25 9.68 -26.66
CA GLU A 157 -21.52 8.85 -25.70
C GLU A 157 -22.33 7.66 -25.19
N ILE A 158 -23.58 7.95 -24.83
CA ILE A 158 -24.53 6.94 -24.36
C ILE A 158 -25.89 7.16 -25.01
N SER A 159 -26.46 6.09 -25.53
CA SER A 159 -27.86 6.12 -25.95
C SER A 159 -28.65 5.20 -25.03
N VAL A 160 -29.74 5.71 -24.47
CA VAL A 160 -30.56 4.90 -23.60
C VAL A 160 -31.85 4.53 -24.31
N ASP A 161 -32.09 3.22 -24.45
CA ASP A 161 -33.18 2.72 -25.27
C ASP A 161 -34.09 1.74 -24.53
N PRO A 162 -35.37 1.69 -24.92
CA PRO A 162 -36.36 0.79 -24.28
C PRO A 162 -36.23 -0.66 -24.74
N ASN A 166 -44.26 -1.91 -24.69
CA ASN A 166 -45.66 -2.19 -24.35
C ASN A 166 -45.84 -3.46 -23.53
N SER A 167 -46.46 -3.34 -22.35
CA SER A 167 -46.72 -4.47 -21.45
C SER A 167 -47.60 -4.06 -20.27
N ASP A 168 -48.38 -4.99 -19.74
CA ASP A 168 -49.20 -4.69 -18.58
C ASP A 168 -48.54 -5.25 -17.31
N ASP A 169 -47.31 -5.74 -17.46
CA ASP A 169 -46.45 -6.10 -16.33
C ASP A 169 -47.05 -7.19 -15.44
N SER A 170 -47.87 -8.05 -16.03
CA SER A 170 -48.63 -9.05 -15.27
C SER A 170 -47.74 -10.08 -14.58
N GLU A 171 -46.54 -10.28 -15.12
CA GLU A 171 -45.65 -11.30 -14.58
C GLU A 171 -44.88 -10.79 -13.37
N TYR A 172 -45.01 -9.50 -13.08
CA TYR A 172 -44.16 -8.85 -12.08
C TYR A 172 -44.93 -8.09 -10.99
N PHE A 173 -45.98 -7.37 -11.38
CA PHE A 173 -46.74 -6.56 -10.43
C PHE A 173 -47.46 -7.38 -9.38
N SER A 174 -47.38 -6.94 -8.13
CA SER A 174 -48.00 -7.66 -7.03
C SER A 174 -49.50 -7.71 -7.17
N GLN A 175 -50.07 -8.90 -7.00
CA GLN A 175 -51.50 -9.11 -7.01
C GLN A 175 -52.14 -8.49 -5.77
N TYR A 176 -51.33 -8.21 -4.76
CA TYR A 176 -51.84 -7.72 -3.48
C TYR A 176 -51.84 -6.20 -3.37
N SER A 177 -51.31 -5.53 -4.38
CA SER A 177 -51.31 -4.08 -4.42
C SER A 177 -52.73 -3.52 -4.39
N ARG A 178 -52.88 -2.31 -3.87
CA ARG A 178 -54.15 -1.55 -3.94
C ARG A 178 -54.51 -1.22 -5.38
N PHE A 179 -53.50 -1.25 -6.24
CA PHE A 179 -53.64 -0.77 -7.60
C PHE A 179 -53.47 -1.91 -8.58
N GLU A 180 -53.87 -1.67 -9.83
CA GLU A 180 -53.61 -2.61 -10.90
C GLU A 180 -53.05 -1.83 -12.09
N ILE A 181 -52.16 -2.46 -12.85
CA ILE A 181 -51.58 -1.78 -14.00
C ILE A 181 -52.39 -2.04 -15.26
N LEU A 182 -52.70 -0.98 -15.99
CA LEU A 182 -53.41 -1.11 -17.26
C LEU A 182 -52.41 -1.28 -18.40
N ASP A 183 -51.38 -0.44 -18.42
CA ASP A 183 -50.36 -0.52 -19.47
C ASP A 183 -49.09 0.21 -19.05
N VAL A 184 -47.95 -0.34 -19.46
CA VAL A 184 -46.67 0.32 -19.28
C VAL A 184 -46.02 0.45 -20.65
N THR A 185 -45.85 1.68 -21.12
CA THR A 185 -45.21 1.94 -22.39
C THR A 185 -43.87 2.61 -22.14
N GLN A 186 -42.91 2.37 -23.02
CA GLN A 186 -41.58 2.89 -22.83
C GLN A 186 -41.06 3.31 -24.19
N LYS A 187 -40.84 4.60 -24.36
CA LYS A 187 -40.55 5.18 -25.67
C LYS A 187 -39.25 6.00 -25.71
N LYS A 188 -38.53 5.89 -26.82
CA LYS A 188 -37.34 6.70 -27.05
C LYS A 188 -37.68 8.17 -27.00
N ASN A 189 -36.82 8.96 -26.38
CA ASN A 189 -37.04 10.38 -26.24
C ASN A 189 -35.70 11.11 -26.30
N SER A 190 -35.55 12.03 -27.26
CA SER A 190 -34.31 12.78 -27.40
C SER A 190 -34.55 14.20 -26.94
N VAL A 191 -33.67 14.71 -26.09
CA VAL A 191 -33.84 16.06 -25.58
C VAL A 191 -32.62 16.92 -25.82
N THR A 192 -32.86 18.07 -26.45
CA THR A 192 -31.81 19.04 -26.70
C THR A 192 -32.17 20.31 -25.96
N TYR A 193 -31.24 20.82 -25.16
CA TYR A 193 -31.48 22.07 -24.45
C TYR A 193 -31.10 23.22 -25.38
N SER A 194 -31.87 24.32 -25.31
CA SER A 194 -31.74 25.39 -26.29
C SER A 194 -30.33 25.96 -26.38
N CYS A 195 -29.61 25.97 -25.26
CA CYS A 195 -28.30 26.61 -25.18
C CYS A 195 -27.21 25.92 -26.01
N CYS A 196 -27.31 24.60 -26.11
CA CYS A 196 -26.16 23.80 -26.50
C CYS A 196 -26.50 22.75 -27.55
N PRO A 197 -25.50 22.38 -28.37
CA PRO A 197 -25.70 21.58 -29.58
C PRO A 197 -26.06 20.13 -29.34
N GLU A 198 -25.63 19.55 -28.22
CA GLU A 198 -25.74 18.11 -28.07
C GLU A 198 -27.01 17.67 -27.32
N ALA A 199 -27.54 16.52 -27.73
CA ALA A 199 -28.76 15.98 -27.18
C ALA A 199 -28.52 14.92 -26.11
N TYR A 200 -29.55 14.66 -25.30
CA TYR A 200 -29.57 13.50 -24.43
C TYR A 200 -30.60 12.50 -24.91
N GLU A 201 -30.21 11.23 -24.98
CA GLU A 201 -31.14 10.16 -25.30
C GLU A 201 -31.78 9.64 -24.03
N ASP A 202 -33.10 9.76 -23.94
CA ASP A 202 -33.78 9.30 -22.73
C ASP A 202 -34.84 8.28 -23.07
N VAL A 203 -35.41 7.65 -22.04
CA VAL A 203 -36.57 6.80 -22.23
C VAL A 203 -37.70 7.40 -21.42
N GLU A 204 -38.87 7.52 -22.04
CA GLU A 204 -40.05 7.97 -21.34
C GLU A 204 -40.88 6.75 -20.97
N VAL A 205 -40.98 6.48 -19.67
CA VAL A 205 -41.79 5.37 -19.19
C VAL A 205 -43.16 5.91 -18.78
N SER A 206 -44.22 5.40 -19.39
CA SER A 206 -45.58 5.85 -19.08
C SER A 206 -46.30 4.76 -18.30
N LEU A 207 -46.58 5.04 -17.03
CA LEU A 207 -47.23 4.06 -16.17
C LEU A 207 -48.71 4.39 -16.04
N ASN A 208 -49.54 3.60 -16.72
CA ASN A 208 -50.99 3.76 -16.69
C ASN A 208 -51.60 2.78 -15.69
N PHE A 209 -52.13 3.31 -14.59
CA PHE A 209 -52.59 2.47 -13.49
C PHE A 209 -53.86 3.04 -12.85
N ARG A 210 -54.51 2.23 -12.03
CA ARG A 210 -55.70 2.71 -11.34
C ARG A 210 -55.92 1.96 -10.04
N LYS A 211 -56.62 2.61 -9.13
CA LYS A 211 -57.05 1.97 -7.89
C LYS A 211 -58.04 0.85 -8.18
N LYS A 212 -57.90 -0.27 -7.49
CA LYS A 212 -58.93 -1.31 -7.50
C LYS A 212 -60.13 -0.84 -6.70
N GLY A 213 -61.29 -1.43 -6.95
CA GLY A 213 -62.51 -1.08 -6.23
C GLY A 213 -62.73 0.42 -6.22
N ARG A 214 -62.85 1.01 -7.40
CA ARG A 214 -63.03 2.45 -7.54
C ARG A 214 -64.42 2.89 -7.11
N SER A 215 -65.39 2.01 -7.28
CA SER A 215 -66.77 2.31 -6.87
C SER A 215 -66.98 1.94 -5.42
N GLU A 216 -67.24 2.95 -4.59
CA GLU A 216 -67.35 2.74 -3.16
C GLU A 216 -68.72 3.16 -2.63
N ILE A 217 -69.00 2.71 -1.41
CA ILE A 217 -70.12 3.21 -0.62
C ILE A 217 -69.57 4.30 0.30
N LEU A 218 -70.05 5.53 0.11
CA LEU A 218 -69.61 6.65 0.92
C LEU A 218 -70.63 6.97 2.01
N LYS B 3 -15.73 14.00 -33.25
CA LYS B 3 -15.53 12.76 -33.99
C LYS B 3 -14.72 11.77 -33.18
N ASP B 4 -13.99 12.29 -32.20
CA ASP B 4 -13.11 11.48 -31.36
C ASP B 4 -13.71 11.18 -29.98
N ASP B 5 -14.94 11.61 -29.73
CA ASP B 5 -15.56 11.42 -28.43
C ASP B 5 -15.53 9.97 -27.94
N ASP B 6 -15.77 9.02 -28.85
CA ASP B 6 -15.91 7.62 -28.45
C ASP B 6 -14.63 6.80 -28.51
N ASP B 7 -13.48 7.47 -28.65
CA ASP B 7 -12.20 6.78 -28.57
C ASP B 7 -11.92 6.48 -27.09
N LYS B 8 -12.19 5.24 -26.66
CA LYS B 8 -12.13 4.89 -25.24
C LYS B 8 -10.76 5.09 -24.63
N LEU B 9 -9.72 4.69 -25.35
CA LEU B 9 -8.37 4.82 -24.82
C LEU B 9 -8.05 6.29 -24.55
N ASP B 10 -8.50 7.16 -25.45
CA ASP B 10 -8.36 8.60 -25.26
C ASP B 10 -9.02 9.05 -23.96
N ARG B 11 -10.24 8.58 -23.73
CA ARG B 11 -11.00 8.92 -22.51
C ARG B 11 -10.24 8.45 -21.27
N ALA B 12 -9.82 7.18 -21.27
CA ALA B 12 -9.01 6.64 -20.17
C ALA B 12 -7.77 7.50 -19.89
N ASP B 13 -7.09 7.94 -20.95
CA ASP B 13 -5.88 8.73 -20.77
C ASP B 13 -6.18 10.13 -20.22
N ILE B 14 -7.28 10.72 -20.66
CA ILE B 14 -7.70 12.00 -20.11
C ILE B 14 -7.97 11.86 -18.62
N LEU B 15 -8.70 10.81 -18.24
CA LEU B 15 -9.03 10.59 -16.84
C LEU B 15 -7.76 10.33 -16.00
N TYR B 16 -6.84 9.57 -16.56
CA TYR B 16 -5.52 9.42 -15.95
C TYR B 16 -4.84 10.76 -15.72
N ASN B 17 -4.76 11.56 -16.78
CA ASN B 17 -4.19 12.90 -16.69
C ASN B 17 -4.85 13.78 -15.63
N ILE B 18 -6.19 13.79 -15.65
CA ILE B 18 -6.94 14.59 -14.69
C ILE B 18 -6.59 14.15 -13.26
N ARG B 19 -6.50 12.84 -13.05
CA ARG B 19 -6.24 12.32 -11.71
C ARG B 19 -4.79 12.55 -11.27
N GLN B 20 -3.87 12.59 -12.23
CA GLN B 20 -2.49 12.94 -11.93
C GLN B 20 -2.38 14.40 -11.47
N THR B 21 -3.14 15.27 -12.11
CA THR B 21 -3.00 16.71 -11.91
C THR B 21 -3.89 17.23 -10.79
N SER B 22 -5.06 16.61 -10.64
CA SER B 22 -6.07 17.11 -9.69
C SER B 22 -5.60 17.05 -8.24
N ARG B 23 -5.82 18.15 -7.52
CA ARG B 23 -5.67 18.15 -6.07
C ARG B 23 -7.03 18.37 -5.45
N PRO B 24 -7.74 17.29 -5.11
CA PRO B 24 -9.13 17.41 -4.67
C PRO B 24 -9.31 18.27 -3.42
N ASP B 25 -8.27 18.46 -2.62
CA ASP B 25 -8.45 19.20 -1.37
C ASP B 25 -7.91 20.62 -1.39
N VAL B 26 -7.38 21.05 -2.53
CA VAL B 26 -6.72 22.35 -2.63
C VAL B 26 -7.49 23.25 -3.61
N ILE B 27 -7.77 24.49 -3.22
CA ILE B 27 -8.53 25.36 -4.12
C ILE B 27 -7.69 25.69 -5.36
N PRO B 28 -8.32 25.69 -6.55
CA PRO B 28 -7.56 25.85 -7.80
C PRO B 28 -7.39 27.32 -8.18
N THR B 29 -6.69 28.05 -7.33
CA THR B 29 -6.48 29.47 -7.57
C THR B 29 -5.42 29.64 -8.64
N GLN B 30 -5.84 30.22 -9.76
CA GLN B 30 -4.96 30.48 -10.90
C GLN B 30 -4.43 31.90 -10.81
N ARG B 31 -3.13 32.06 -11.07
CA ARG B 31 -2.42 33.27 -10.68
C ARG B 31 -2.58 33.39 -9.17
N ASP B 32 -2.78 34.62 -8.69
CA ASP B 32 -2.98 34.83 -7.26
C ASP B 32 -4.36 35.46 -7.05
N ARG B 33 -5.36 34.90 -7.72
CA ARG B 33 -6.74 35.42 -7.72
C ARG B 33 -7.71 34.35 -7.18
N PRO B 34 -8.80 34.78 -6.54
CA PRO B 34 -9.73 33.79 -5.99
C PRO B 34 -10.36 32.92 -7.06
N VAL B 35 -10.72 31.69 -6.71
CA VAL B 35 -11.49 30.84 -7.63
C VAL B 35 -12.83 31.50 -7.96
N ALA B 36 -13.10 31.73 -9.24
CA ALA B 36 -14.38 32.27 -9.67
C ALA B 36 -15.38 31.14 -9.87
N VAL B 37 -16.22 30.94 -8.86
CA VAL B 37 -17.24 29.91 -8.90
C VAL B 37 -18.56 30.55 -9.33
N SER B 38 -19.25 29.96 -10.30
CA SER B 38 -20.57 30.46 -10.70
C SER B 38 -21.61 29.44 -10.28
N VAL B 39 -22.73 29.90 -9.72
CA VAL B 39 -23.76 28.97 -9.30
C VAL B 39 -25.13 29.54 -9.63
N SER B 40 -26.04 28.66 -10.01
CA SER B 40 -27.41 29.04 -10.30
C SER B 40 -28.31 27.89 -9.91
N LEU B 41 -29.42 28.20 -9.22
CA LEU B 41 -30.39 27.16 -8.91
C LEU B 41 -31.50 27.16 -9.96
N LYS B 42 -31.69 26.02 -10.61
CA LYS B 42 -32.79 25.86 -11.54
C LYS B 42 -33.87 25.07 -10.82
N PHE B 43 -34.98 25.72 -10.44
CA PHE B 43 -35.95 25.03 -9.61
C PHE B 43 -36.75 23.99 -10.42
N ILE B 44 -36.89 22.82 -9.83
CA ILE B 44 -37.56 21.70 -10.46
C ILE B 44 -38.89 21.41 -9.77
N ASN B 45 -38.91 21.56 -8.45
CA ASN B 45 -40.16 21.37 -7.74
C ASN B 45 -40.22 22.11 -6.40
N ILE B 46 -41.44 22.43 -5.99
CA ILE B 46 -41.71 22.89 -4.63
C ILE B 46 -42.70 21.88 -4.04
N LEU B 47 -42.25 21.10 -3.07
CA LEU B 47 -42.94 19.90 -2.64
C LEU B 47 -43.85 20.13 -1.45
N GLU B 48 -43.33 20.84 -0.46
CA GLU B 48 -44.09 21.15 0.74
C GLU B 48 -43.76 22.57 1.16
N VAL B 49 -44.75 23.27 1.67
CA VAL B 49 -44.58 24.63 2.11
C VAL B 49 -45.39 24.77 3.40
N ASN B 50 -44.88 25.51 4.36
CA ASN B 50 -45.55 25.69 5.65
C ASN B 50 -45.50 27.15 6.03
N GLU B 51 -46.64 27.83 5.98
CA GLU B 51 -46.68 29.26 6.22
C GLU B 51 -46.61 29.58 7.71
N ILE B 52 -47.05 28.63 8.53
CA ILE B 52 -46.95 28.79 9.98
C ILE B 52 -45.49 28.73 10.44
N THR B 53 -44.73 27.76 9.93
CA THR B 53 -43.35 27.55 10.38
C THR B 53 -42.31 28.24 9.50
N ASN B 54 -42.77 28.82 8.39
CA ASN B 54 -41.87 29.46 7.43
C ASN B 54 -40.79 28.47 6.95
N GLU B 55 -41.22 27.30 6.50
CA GLU B 55 -40.30 26.31 5.93
C GLU B 55 -40.74 25.83 4.54
N VAL B 56 -39.78 25.53 3.68
CA VAL B 56 -40.09 25.03 2.34
C VAL B 56 -39.20 23.81 2.03
N ASP B 57 -39.73 22.93 1.20
CA ASP B 57 -39.06 21.70 0.79
C ASP B 57 -39.00 21.79 -0.72
N VAL B 58 -37.81 21.85 -1.31
CA VAL B 58 -37.72 22.09 -2.75
C VAL B 58 -36.70 21.19 -3.43
N VAL B 59 -36.88 21.03 -4.74
CA VAL B 59 -35.93 20.29 -5.56
C VAL B 59 -35.38 21.23 -6.62
N PHE B 60 -34.05 21.29 -6.75
CA PHE B 60 -33.45 22.18 -7.72
C PHE B 60 -32.16 21.59 -8.29
N TRP B 61 -31.86 21.98 -9.52
CA TRP B 61 -30.56 21.70 -10.10
C TRP B 61 -29.57 22.73 -9.57
N GLN B 62 -28.51 22.29 -8.91
CA GLN B 62 -27.54 23.27 -8.43
C GLN B 62 -26.40 23.38 -9.43
N GLN B 63 -26.55 24.28 -10.39
CA GLN B 63 -25.56 24.46 -11.46
C GLN B 63 -24.29 25.11 -10.93
N THR B 64 -23.17 24.39 -11.01
CA THR B 64 -21.95 24.88 -10.42
C THR B 64 -20.83 24.76 -11.43
N THR B 65 -20.12 25.86 -11.68
CA THR B 65 -19.06 25.82 -12.68
C THR B 65 -17.91 26.72 -12.26
N TRP B 66 -16.70 26.31 -12.63
CA TRP B 66 -15.48 27.02 -12.35
C TRP B 66 -14.43 26.49 -13.31
N SER B 67 -13.27 27.12 -13.30
CA SER B 67 -12.18 26.62 -14.14
C SER B 67 -10.99 26.15 -13.32
N ASP B 68 -10.31 25.14 -13.84
CA ASP B 68 -8.99 24.76 -13.37
C ASP B 68 -8.17 24.49 -14.63
N ARG B 69 -7.43 25.50 -15.08
CA ARG B 69 -6.69 25.41 -16.33
C ARG B 69 -5.65 24.29 -16.33
N THR B 70 -5.21 23.88 -15.15
CA THR B 70 -4.21 22.82 -15.06
C THR B 70 -4.78 21.50 -15.55
N LEU B 71 -6.11 21.39 -15.60
CA LEU B 71 -6.76 20.18 -16.10
C LEU B 71 -6.96 20.17 -17.62
N ALA B 72 -6.66 21.29 -18.28
CA ALA B 72 -6.94 21.41 -19.72
C ALA B 72 -6.04 20.49 -20.54
N TRP B 73 -6.55 20.09 -21.70
CA TRP B 73 -5.76 19.27 -22.63
C TRP B 73 -6.07 19.67 -24.06
N ASN B 74 -5.18 19.28 -24.97
CA ASN B 74 -5.37 19.49 -26.40
C ASN B 74 -6.39 18.50 -26.96
N SER B 75 -7.57 18.98 -27.35
CA SER B 75 -8.62 18.09 -27.85
C SER B 75 -8.76 18.14 -29.37
N SER B 76 -7.69 18.52 -30.08
CA SER B 76 -7.70 18.54 -31.54
C SER B 76 -8.11 17.20 -32.13
N HIS B 77 -7.58 16.13 -31.56
CA HIS B 77 -7.91 14.79 -32.02
C HIS B 77 -8.23 13.88 -30.83
N SER B 78 -8.92 14.44 -29.85
CA SER B 78 -9.37 13.66 -28.70
C SER B 78 -10.69 14.24 -28.19
N PRO B 79 -11.35 13.55 -27.26
CA PRO B 79 -12.65 13.98 -26.72
C PRO B 79 -12.62 15.41 -26.15
N ASP B 80 -13.69 16.17 -26.36
CA ASP B 80 -13.77 17.56 -25.89
C ASP B 80 -14.16 17.59 -24.41
N GLN B 81 -14.76 16.49 -23.96
CA GLN B 81 -15.36 16.45 -22.62
C GLN B 81 -15.37 15.04 -22.07
N VAL B 82 -15.16 14.89 -20.76
CA VAL B 82 -15.41 13.61 -20.11
C VAL B 82 -16.12 13.77 -18.78
N SER B 83 -16.77 12.70 -18.32
CA SER B 83 -17.37 12.67 -16.99
C SER B 83 -16.35 12.13 -15.99
N VAL B 84 -16.32 12.74 -14.81
CA VAL B 84 -15.34 12.43 -13.76
C VAL B 84 -16.06 12.37 -12.42
N PRO B 85 -15.83 11.31 -11.63
CA PRO B 85 -16.41 11.27 -10.28
C PRO B 85 -15.94 12.47 -9.46
N ILE B 86 -16.82 13.13 -8.71
CA ILE B 86 -16.37 14.33 -8.02
C ILE B 86 -15.32 14.01 -6.95
N SER B 87 -15.24 12.76 -6.50
CA SER B 87 -14.20 12.40 -5.54
C SER B 87 -12.80 12.54 -6.15
N SER B 88 -12.72 12.57 -7.48
CA SER B 88 -11.41 12.76 -8.10
C SER B 88 -11.07 14.24 -8.31
N LEU B 89 -12.01 15.13 -7.99
CA LEU B 89 -11.85 16.56 -8.27
C LEU B 89 -11.94 17.41 -7.03
N TRP B 90 -11.36 18.61 -7.07
CA TRP B 90 -11.77 19.62 -6.11
C TRP B 90 -13.16 20.10 -6.49
N VAL B 91 -14.07 20.21 -5.52
CA VAL B 91 -15.32 20.90 -5.77
C VAL B 91 -15.48 21.97 -4.69
N PRO B 92 -16.17 23.09 -5.02
CA PRO B 92 -16.39 24.14 -4.03
C PRO B 92 -17.19 23.62 -2.83
N ASP B 93 -16.81 24.09 -1.65
CA ASP B 93 -17.47 23.67 -0.42
C ASP B 93 -18.70 24.54 -0.18
N LEU B 94 -19.64 24.48 -1.11
CA LEU B 94 -20.85 25.31 -0.98
C LEU B 94 -21.81 24.84 0.11
N ALA B 95 -22.45 25.78 0.76
CA ALA B 95 -23.56 25.48 1.64
C ALA B 95 -24.62 26.57 1.52
N ALA B 96 -25.86 26.19 1.77
CA ALA B 96 -26.95 27.16 1.87
C ALA B 96 -27.07 27.62 3.33
N TYR B 97 -26.93 28.92 3.57
CA TYR B 97 -26.92 29.46 4.94
C TYR B 97 -28.20 29.23 5.72
N ASN B 98 -29.33 29.12 5.02
CA ASN B 98 -30.60 28.95 5.71
C ASN B 98 -31.20 27.57 5.46
N ALA B 99 -30.37 26.62 5.05
CA ALA B 99 -30.82 25.22 4.95
C ALA B 99 -31.11 24.69 6.35
N ILE B 100 -32.15 23.88 6.48
CA ILE B 100 -32.44 23.21 7.76
C ILE B 100 -32.45 21.69 7.58
N SER B 101 -31.98 21.23 6.43
CA SER B 101 -31.75 19.80 6.22
C SER B 101 -30.48 19.65 5.40
N LYS B 102 -29.90 18.46 5.42
CA LYS B 102 -28.77 18.15 4.53
C LYS B 102 -29.24 18.15 3.10
N PRO B 103 -28.39 18.62 2.18
CA PRO B 103 -28.77 18.49 0.77
C PRO B 103 -28.82 17.00 0.38
N GLU B 104 -29.97 16.55 -0.08
CA GLU B 104 -30.16 15.19 -0.57
C GLU B 104 -29.81 15.16 -2.06
N VAL B 105 -28.65 14.63 -2.43
CA VAL B 105 -28.29 14.59 -3.85
C VAL B 105 -29.00 13.45 -4.54
N LEU B 106 -29.79 13.78 -5.56
CA LEU B 106 -30.66 12.82 -6.23
C LEU B 106 -30.01 12.16 -7.43
N THR B 107 -28.89 12.72 -7.88
CA THR B 107 -28.30 12.28 -9.14
C THR B 107 -26.87 11.72 -8.95
N PRO B 108 -26.37 11.02 -9.97
CA PRO B 108 -24.99 10.50 -9.91
C PRO B 108 -23.98 11.61 -9.67
N GLN B 109 -23.04 11.38 -8.76
CA GLN B 109 -22.12 12.41 -8.34
C GLN B 109 -20.90 12.45 -9.27
N LEU B 110 -21.19 12.85 -10.49
CA LEU B 110 -20.21 12.97 -11.57
C LEU B 110 -20.20 14.41 -12.08
N ALA B 111 -19.02 14.91 -12.39
CA ALA B 111 -18.86 16.23 -13.00
C ALA B 111 -18.43 16.07 -14.45
N ARG B 112 -18.60 17.14 -15.22
CA ARG B 112 -18.05 17.17 -16.57
C ARG B 112 -16.83 18.06 -16.59
N VAL B 113 -15.73 17.56 -17.17
CA VAL B 113 -14.54 18.37 -17.31
C VAL B 113 -14.33 18.60 -18.80
N VAL B 114 -14.17 19.87 -19.17
CA VAL B 114 -14.04 20.25 -20.56
C VAL B 114 -12.56 20.47 -20.87
N SER B 115 -12.17 20.30 -22.14
CA SER B 115 -10.75 20.29 -22.45
C SER B 115 -10.08 21.63 -22.20
N ASP B 116 -10.87 22.69 -22.03
CA ASP B 116 -10.32 23.99 -21.70
C ASP B 116 -10.18 24.18 -20.19
N GLY B 117 -10.49 23.14 -19.42
CA GLY B 117 -10.34 23.20 -17.98
C GLY B 117 -11.60 23.65 -17.25
N GLU B 118 -12.65 23.95 -18.01
CA GLU B 118 -13.93 24.30 -17.37
C GLU B 118 -14.52 23.04 -16.72
N VAL B 119 -15.05 23.18 -15.50
CA VAL B 119 -15.72 22.07 -14.83
C VAL B 119 -17.18 22.43 -14.56
N LEU B 120 -18.08 21.50 -14.85
CA LEU B 120 -19.50 21.68 -14.59
C LEU B 120 -19.99 20.54 -13.70
N TYR B 121 -20.45 20.88 -12.50
CA TYR B 121 -21.09 19.93 -11.63
C TYR B 121 -22.53 20.41 -11.39
N MET B 122 -23.52 19.59 -11.71
CA MET B 122 -24.91 20.00 -11.53
C MET B 122 -25.72 18.87 -10.91
N PRO B 123 -25.59 18.72 -9.59
CA PRO B 123 -26.42 17.76 -8.87
C PRO B 123 -27.89 18.22 -8.81
N SER B 124 -28.84 17.31 -8.92
CA SER B 124 -30.22 17.62 -8.55
C SER B 124 -30.34 17.37 -7.05
N ILE B 125 -30.83 18.37 -6.32
CA ILE B 125 -30.82 18.37 -4.86
C ILE B 125 -32.22 18.60 -4.31
N ARG B 126 -32.60 17.80 -3.32
CA ARG B 126 -33.78 18.08 -2.51
C ARG B 126 -33.33 18.59 -1.15
N GLN B 127 -33.91 19.70 -0.70
CA GLN B 127 -33.45 20.32 0.54
C GLN B 127 -34.53 21.20 1.13
N ARG B 128 -34.48 21.37 2.45
CA ARG B 128 -35.45 22.19 3.17
C ARG B 128 -34.79 23.45 3.69
N PHE B 129 -35.55 24.53 3.69
CA PHE B 129 -35.01 25.84 4.04
C PHE B 129 -35.93 26.58 4.99
N SER B 130 -35.35 27.49 5.75
CA SER B 130 -36.12 28.45 6.54
C SER B 130 -36.15 29.75 5.76
N CYS B 131 -37.33 30.19 5.35
CA CYS B 131 -37.46 31.45 4.64
C CYS B 131 -38.89 32.01 4.75
N ASP B 132 -39.09 33.21 4.23
CA ASP B 132 -40.38 33.90 4.33
C ASP B 132 -41.41 33.29 3.39
N VAL B 133 -42.35 32.57 3.97
CA VAL B 133 -43.40 31.87 3.22
C VAL B 133 -44.69 32.71 3.27
N SER B 134 -44.63 33.87 3.90
CA SER B 134 -45.82 34.72 4.05
C SER B 134 -46.28 35.22 2.69
N GLY B 135 -47.59 35.13 2.44
CA GLY B 135 -48.15 35.58 1.17
C GLY B 135 -48.27 34.51 0.10
N VAL B 136 -47.85 33.28 0.42
CA VAL B 136 -47.88 32.20 -0.57
C VAL B 136 -49.28 31.91 -1.12
N ASP B 137 -50.33 32.28 -0.38
CA ASP B 137 -51.69 32.04 -0.89
C ASP B 137 -52.31 33.30 -1.49
N THR B 138 -51.51 34.34 -1.68
CA THR B 138 -51.98 35.59 -2.27
C THR B 138 -51.56 35.68 -3.73
N GLU B 139 -52.13 36.64 -4.46
CA GLU B 139 -51.82 36.78 -5.88
C GLU B 139 -50.34 37.12 -6.10
N SER B 140 -49.78 37.96 -5.23
CA SER B 140 -48.38 38.38 -5.40
C SER B 140 -47.39 37.36 -4.84
N GLY B 141 -47.89 36.46 -3.99
CA GLY B 141 -47.12 35.31 -3.53
C GLY B 141 -46.12 35.58 -2.42
N ALA B 142 -45.36 34.54 -2.08
CA ALA B 142 -44.28 34.65 -1.09
C ALA B 142 -42.95 34.83 -1.80
N THR B 143 -41.98 35.42 -1.11
CA THR B 143 -40.61 35.52 -1.60
C THR B 143 -39.67 34.87 -0.60
N CYS B 144 -39.20 33.68 -0.95
CA CYS B 144 -38.28 32.91 -0.14
C CYS B 144 -36.85 33.10 -0.65
N ARG B 145 -35.95 33.60 0.20
CA ARG B 145 -34.57 33.83 -0.23
C ARG B 145 -33.63 32.76 0.28
N ILE B 146 -32.78 32.26 -0.61
CA ILE B 146 -31.74 31.28 -0.25
C ILE B 146 -30.38 31.87 -0.53
N LYS B 147 -29.48 31.81 0.46
CA LYS B 147 -28.11 32.29 0.26
C LYS B 147 -27.18 31.09 0.20
N ILE B 148 -26.39 31.02 -0.85
CA ILE B 148 -25.45 29.93 -1.05
C ILE B 148 -24.05 30.46 -1.24
N GLY B 149 -23.10 29.96 -0.46
CA GLY B 149 -21.73 30.41 -0.58
C GLY B 149 -20.78 29.33 -0.08
N SER B 150 -19.50 29.63 -0.16
CA SER B 150 -18.49 28.73 0.38
C SER B 150 -18.56 28.75 1.90
N TRP B 151 -18.59 27.57 2.51
CA TRP B 151 -18.66 27.49 3.97
C TRP B 151 -17.36 27.91 4.67
N THR B 152 -16.20 27.55 4.11
CA THR B 152 -14.95 27.83 4.83
C THR B 152 -13.98 28.76 4.11
N HIS B 153 -14.28 29.13 2.87
CA HIS B 153 -13.38 29.99 2.14
C HIS B 153 -13.95 31.38 1.99
N HIS B 154 -13.22 32.38 2.46
CA HIS B 154 -13.68 33.77 2.38
C HIS B 154 -13.42 34.35 1.00
N SER B 155 -13.78 35.62 0.82
CA SER B 155 -13.86 36.22 -0.50
C SER B 155 -12.51 36.33 -1.22
N ARG B 156 -11.42 36.38 -0.46
CA ARG B 156 -10.10 36.47 -1.04
C ARG B 156 -9.67 35.15 -1.68
N GLU B 157 -10.33 34.05 -1.32
CA GLU B 157 -9.99 32.71 -1.82
C GLU B 157 -10.98 32.19 -2.85
N ILE B 158 -12.27 32.41 -2.59
CA ILE B 158 -13.34 31.97 -3.48
C ILE B 158 -14.39 33.06 -3.65
N SER B 159 -14.67 33.43 -4.89
CA SER B 159 -15.85 34.27 -5.14
C SER B 159 -16.99 33.40 -5.65
N VAL B 160 -18.18 33.53 -5.06
CA VAL B 160 -19.32 32.77 -5.53
C VAL B 160 -20.33 33.73 -6.12
N ASP B 161 -20.46 33.71 -7.45
CA ASP B 161 -21.27 34.68 -8.20
C ASP B 161 -22.36 34.00 -9.04
N PRO B 162 -23.40 34.76 -9.42
CA PRO B 162 -24.44 34.15 -10.25
C PRO B 162 -23.89 33.77 -11.63
N THR B 163 -24.48 32.77 -12.27
CA THR B 163 -24.18 32.49 -13.66
C THR B 163 -24.70 33.65 -14.52
N THR B 164 -24.32 33.67 -15.78
CA THR B 164 -24.76 34.74 -16.69
C THR B 164 -26.21 34.54 -17.12
N GLU B 165 -26.70 33.31 -17.04
CA GLU B 165 -28.09 33.07 -17.38
C GLU B 165 -28.99 32.86 -16.15
N ASN B 166 -30.05 33.63 -16.07
CA ASN B 166 -30.99 33.27 -15.04
CA ASN B 166 -31.03 33.63 -14.99
C ASN B 166 -32.44 33.39 -15.54
N SER B 167 -32.59 33.63 -16.84
CA SER B 167 -33.89 33.57 -17.50
C SER B 167 -34.49 32.18 -17.51
N ASP B 168 -33.66 31.16 -17.32
CA ASP B 168 -34.17 29.79 -17.34
C ASP B 168 -34.38 29.20 -15.94
N ASP B 169 -34.34 30.03 -14.91
CA ASP B 169 -34.40 29.50 -13.52
C ASP B 169 -35.64 28.67 -13.21
N SER B 170 -36.76 28.91 -13.89
CA SER B 170 -37.91 28.04 -13.69
C SER B 170 -38.36 27.34 -14.97
N GLU B 171 -37.49 27.29 -15.98
CA GLU B 171 -37.84 26.63 -17.24
C GLU B 171 -38.08 25.12 -17.09
N TYR B 172 -37.40 24.49 -16.13
CA TYR B 172 -37.50 23.04 -15.96
C TYR B 172 -38.36 22.65 -14.77
N PHE B 173 -39.16 23.60 -14.31
CA PHE B 173 -40.05 23.39 -13.17
C PHE B 173 -41.21 22.44 -13.51
N SER B 174 -41.52 21.54 -12.57
CA SER B 174 -42.61 20.58 -12.77
C SER B 174 -43.97 21.23 -12.99
N GLN B 175 -44.68 20.78 -14.01
CA GLN B 175 -46.04 21.24 -14.21
C GLN B 175 -47.00 20.65 -13.17
N TYR B 176 -46.54 19.65 -12.43
CA TYR B 176 -47.40 18.95 -11.48
C TYR B 176 -47.22 19.40 -10.04
N SER B 177 -46.48 20.47 -9.84
CA SER B 177 -46.36 21.09 -8.52
C SER B 177 -47.67 21.77 -8.15
N ARG B 178 -47.95 21.85 -6.85
CA ARG B 178 -49.10 22.60 -6.35
C ARG B 178 -48.82 24.08 -6.40
N PHE B 179 -47.57 24.44 -6.68
CA PHE B 179 -47.15 25.83 -6.67
C PHE B 179 -46.65 26.26 -8.04
N GLU B 180 -46.60 27.57 -8.24
CA GLU B 180 -46.12 28.11 -9.49
C GLU B 180 -45.14 29.25 -9.19
N ILE B 181 -44.10 29.35 -9.99
CA ILE B 181 -43.07 30.36 -9.76
C ILE B 181 -43.34 31.63 -10.55
N LEU B 182 -43.27 32.76 -9.85
CA LEU B 182 -43.62 34.06 -10.43
C LEU B 182 -42.38 34.81 -10.89
N ASP B 183 -41.30 34.67 -10.12
CA ASP B 183 -40.06 35.33 -10.44
C ASP B 183 -38.92 34.70 -9.67
N VAL B 184 -37.75 34.65 -10.30
CA VAL B 184 -36.52 34.26 -9.60
C VAL B 184 -35.43 35.24 -9.96
N THR B 185 -34.75 35.78 -8.95
CA THR B 185 -33.56 36.56 -9.19
C THR B 185 -32.40 35.92 -8.45
N GLN B 186 -31.20 36.05 -9.00
CA GLN B 186 -30.02 35.50 -8.36
C GLN B 186 -28.93 36.55 -8.43
N LYS B 187 -28.52 37.05 -7.26
CA LYS B 187 -27.66 38.23 -7.18
C LYS B 187 -26.43 37.99 -6.30
N LYS B 188 -25.35 38.71 -6.57
CA LYS B 188 -24.20 38.74 -5.69
C LYS B 188 -24.60 39.28 -4.33
N ASN B 189 -24.03 38.71 -3.29
CA ASN B 189 -24.23 39.20 -1.93
C ASN B 189 -22.99 38.87 -1.12
N SER B 190 -22.60 39.79 -0.25
CA SER B 190 -21.46 39.60 0.62
C SER B 190 -21.93 39.50 2.05
N VAL B 191 -21.42 38.53 2.79
CA VAL B 191 -21.76 38.39 4.20
C VAL B 191 -20.55 38.69 5.07
N THR B 192 -20.72 39.60 6.03
CA THR B 192 -19.67 39.89 7.00
C THR B 192 -20.26 39.89 8.41
N TYR B 193 -19.40 39.64 9.40
CA TYR B 193 -19.82 39.62 10.79
C TYR B 193 -18.99 40.60 11.59
N SER B 194 -19.63 41.30 12.52
CA SER B 194 -18.98 42.40 13.23
C SER B 194 -17.73 41.97 13.99
N CYS B 195 -17.71 40.69 14.38
CA CYS B 195 -16.59 40.15 15.13
C CYS B 195 -15.31 40.05 14.30
N CYS B 196 -15.44 39.80 13.00
CA CYS B 196 -14.32 39.30 12.23
C CYS B 196 -14.18 39.96 10.85
N PRO B 197 -12.96 39.88 10.28
CA PRO B 197 -12.53 40.56 9.04
C PRO B 197 -13.01 39.88 7.76
N GLU B 198 -13.16 38.56 7.80
CA GLU B 198 -13.55 37.81 6.60
C GLU B 198 -14.92 38.22 6.07
N ALA B 199 -15.01 38.39 4.76
CA ALA B 199 -16.31 38.47 4.11
C ALA B 199 -16.50 37.20 3.31
N TYR B 200 -17.74 36.75 3.20
CA TYR B 200 -18.06 35.57 2.41
C TYR B 200 -18.92 35.95 1.23
N GLU B 201 -18.45 35.63 0.02
CA GLU B 201 -19.21 35.96 -1.18
C GLU B 201 -20.22 34.87 -1.47
N ASP B 202 -21.49 35.22 -1.56
CA ASP B 202 -22.51 34.22 -1.87
C ASP B 202 -23.42 34.70 -2.98
N VAL B 203 -24.25 33.79 -3.47
CA VAL B 203 -25.31 34.17 -4.38
C VAL B 203 -26.60 34.16 -3.57
N GLU B 204 -27.35 35.24 -3.64
CA GLU B 204 -28.67 35.27 -3.00
C GLU B 204 -29.76 35.02 -4.02
N VAL B 205 -30.46 33.92 -3.85
CA VAL B 205 -31.51 33.51 -4.76
C VAL B 205 -32.87 33.88 -4.18
N SER B 206 -33.62 34.73 -4.88
CA SER B 206 -34.95 35.12 -4.40
C SER B 206 -36.02 34.42 -5.21
N LEU B 207 -36.74 33.53 -4.56
CA LEU B 207 -37.75 32.70 -5.18
C LEU B 207 -39.13 33.25 -4.86
N ASN B 208 -39.75 33.92 -5.82
CA ASN B 208 -41.12 34.44 -5.66
C ASN B 208 -42.13 33.44 -6.24
N PHE B 209 -42.96 32.86 -5.38
CA PHE B 209 -43.88 31.79 -5.78
C PHE B 209 -45.22 31.89 -5.06
N ARG B 210 -46.20 31.12 -5.52
CA ARG B 210 -47.54 31.15 -4.94
C ARG B 210 -48.28 29.82 -5.19
N LYS B 211 -49.23 29.49 -4.31
CA LYS B 211 -50.06 28.31 -4.55
C LYS B 211 -50.93 28.57 -5.76
N LYS B 212 -51.07 27.58 -6.64
CA LYS B 212 -51.88 27.75 -7.84
C LYS B 212 -53.35 27.95 -7.45
N ASP C 1 0.91 35.74 4.70
CA ASP C 1 0.56 37.08 4.23
C ASP C 1 -0.53 37.03 3.17
N TYR C 2 -1.40 38.04 3.14
CA TYR C 2 -2.53 38.07 2.22
C TYR C 2 -2.17 37.82 0.76
N LYS C 3 -1.11 38.48 0.29
CA LYS C 3 -0.77 38.41 -1.13
C LYS C 3 -0.53 36.96 -1.56
N ASP C 4 -0.05 36.12 -0.66
CA ASP C 4 0.30 34.75 -1.03
C ASP C 4 -0.80 33.74 -0.75
N ASP C 5 -1.92 34.19 -0.19
CA ASP C 5 -3.00 33.27 0.18
C ASP C 5 -3.47 32.40 -0.99
N ASP C 6 -3.49 32.97 -2.19
CA ASP C 6 -4.02 32.24 -3.33
C ASP C 6 -2.94 31.53 -4.16
N ASP C 7 -1.75 31.38 -3.58
CA ASP C 7 -0.69 30.62 -4.24
C ASP C 7 -0.99 29.13 -4.04
N LYS C 8 -1.48 28.48 -5.10
CA LYS C 8 -1.99 27.11 -4.98
C LYS C 8 -0.91 26.11 -4.51
N LEU C 9 0.29 26.20 -5.06
CA LEU C 9 1.36 25.28 -4.70
C LEU C 9 1.69 25.40 -3.20
N ASP C 10 1.74 26.63 -2.69
CA ASP C 10 1.95 26.86 -1.26
C ASP C 10 0.84 26.19 -0.43
N ARG C 11 -0.41 26.37 -0.85
CA ARG C 11 -1.54 25.76 -0.14
C ARG C 11 -1.40 24.23 -0.13
N ALA C 12 -1.06 23.67 -1.28
CA ALA C 12 -0.84 22.23 -1.40
C ALA C 12 0.29 21.78 -0.46
N ASP C 13 1.33 22.60 -0.35
CA ASP C 13 2.46 22.27 0.51
C ASP C 13 2.09 22.33 1.97
N ILE C 14 1.23 23.29 2.33
CA ILE C 14 0.78 23.42 3.71
C ILE C 14 -0.06 22.19 4.08
N LEU C 15 -0.95 21.77 3.20
CA LEU C 15 -1.78 20.59 3.46
C LEU C 15 -0.90 19.34 3.66
N TYR C 16 0.10 19.21 2.80
CA TYR C 16 1.10 18.17 2.96
C TYR C 16 1.78 18.23 4.33
N ASN C 17 2.23 19.40 4.73
CA ASN C 17 2.89 19.56 6.02
C ASN C 17 1.98 19.23 7.19
N ILE C 18 0.73 19.65 7.08
CA ILE C 18 -0.24 19.38 8.13
C ILE C 18 -0.52 17.87 8.23
N ARG C 19 -0.60 17.21 7.09
CA ARG C 19 -0.84 15.76 7.10
C ARG C 19 0.40 14.99 7.58
N GLN C 20 1.58 15.54 7.36
CA GLN C 20 2.82 14.99 7.91
C GLN C 20 2.86 15.01 9.43
N THR C 21 2.34 16.09 10.02
CA THR C 21 2.55 16.35 11.44
C THR C 21 1.35 15.99 12.28
N SER C 22 0.17 15.99 11.66
CA SER C 22 -1.07 15.83 12.41
C SER C 22 -1.20 14.41 12.98
N ARG C 23 -1.62 14.35 14.24
CA ARG C 23 -1.99 13.11 14.88
C ARG C 23 -3.49 13.16 15.17
N PRO C 24 -4.34 12.68 14.24
CA PRO C 24 -5.78 12.92 14.40
C PRO C 24 -6.37 12.24 15.64
N ASP C 25 -5.68 11.26 16.23
CA ASP C 25 -6.31 10.52 17.32
C ASP C 25 -5.69 10.80 18.71
N VAL C 26 -4.71 11.71 18.76
CA VAL C 26 -4.05 12.08 20.01
C VAL C 26 -4.34 13.51 20.38
N ILE C 27 -4.70 13.76 21.64
CA ILE C 27 -4.97 15.14 22.05
C ILE C 27 -3.71 16.01 21.94
N PRO C 28 -3.87 17.22 21.41
CA PRO C 28 -2.72 18.12 21.21
C PRO C 28 -2.32 18.87 22.48
N THR C 29 -2.01 18.12 23.53
CA THR C 29 -1.59 18.75 24.77
C THR C 29 -0.18 19.32 24.63
N GLN C 30 -0.02 20.57 25.08
CA GLN C 30 1.25 21.28 25.01
C GLN C 30 1.69 21.75 26.39
N ARG C 31 2.92 21.42 26.77
CA ARG C 31 3.49 21.87 28.04
C ARG C 31 2.78 21.26 29.26
N ASP C 32 2.45 19.97 29.17
CA ASP C 32 1.74 19.27 30.24
C ASP C 32 0.52 20.03 30.78
N ARG C 33 -0.26 20.63 29.88
CA ARG C 33 -1.50 21.29 30.25
C ARG C 33 -2.65 20.77 29.40
N PRO C 34 -3.90 20.90 29.89
CA PRO C 34 -5.04 20.46 29.09
C PRO C 34 -5.21 21.25 27.79
N VAL C 35 -5.80 20.60 26.81
CA VAL C 35 -6.17 21.28 25.59
C VAL C 35 -7.32 22.23 25.92
N ALA C 36 -7.11 23.53 25.74
CA ALA C 36 -8.14 24.53 25.98
C ALA C 36 -9.05 24.64 24.76
N VAL C 37 -10.27 24.14 24.89
CA VAL C 37 -11.25 24.21 23.81
C VAL C 37 -12.32 25.27 24.11
N SER C 38 -12.54 26.16 23.15
CA SER C 38 -13.61 27.15 23.28
C SER C 38 -14.75 26.76 22.35
N VAL C 39 -15.97 26.87 22.88
CA VAL C 39 -17.15 26.53 22.14
C VAL C 39 -18.13 27.69 22.27
N SER C 40 -18.64 28.15 21.13
CA SER C 40 -19.65 29.18 21.11
C SER C 40 -20.75 28.74 20.15
N LEU C 41 -21.98 28.60 20.66
CA LEU C 41 -23.09 28.24 19.79
C LEU C 41 -23.74 29.52 19.28
N LYS C 42 -23.77 29.68 17.96
CA LYS C 42 -24.54 30.75 17.36
C LYS C 42 -25.85 30.16 16.88
N PHE C 43 -26.96 30.52 17.54
CA PHE C 43 -28.23 29.94 17.16
C PHE C 43 -28.77 30.58 15.87
N ILE C 44 -29.21 29.72 14.95
CA ILE C 44 -29.70 30.16 13.65
C ILE C 44 -31.21 30.04 13.62
N ASN C 45 -31.71 28.97 14.22
CA ASN C 45 -33.14 28.74 14.20
C ASN C 45 -33.65 27.85 15.31
N ILE C 46 -34.89 28.15 15.72
CA ILE C 46 -35.65 27.30 16.62
C ILE C 46 -36.84 26.84 15.80
N LEU C 47 -36.89 25.55 15.49
CA LEU C 47 -37.81 25.04 14.46
C LEU C 47 -39.10 24.44 15.02
N GLU C 48 -38.94 23.63 16.06
CA GLU C 48 -40.09 23.05 16.76
C GLU C 48 -39.85 23.18 18.25
N VAL C 49 -40.91 23.49 18.98
CA VAL C 49 -40.85 23.52 20.43
C VAL C 49 -42.09 22.80 20.94
N ASN C 50 -41.89 21.74 21.70
CA ASN C 50 -42.98 20.97 22.26
C ASN C 50 -43.07 21.17 23.76
N GLU C 51 -44.14 21.83 24.20
CA GLU C 51 -44.30 22.19 25.60
C GLU C 51 -44.78 20.99 26.41
N ILE C 52 -45.40 20.04 25.74
CA ILE C 52 -45.85 18.82 26.40
C ILE C 52 -44.68 17.87 26.70
N THR C 53 -43.76 17.74 25.74
CA THR C 53 -42.62 16.84 25.91
C THR C 53 -41.33 17.54 26.37
N ASN C 54 -41.34 18.87 26.41
CA ASN C 54 -40.15 19.65 26.77
C ASN C 54 -38.99 19.29 25.85
N GLU C 55 -39.24 19.44 24.55
CA GLU C 55 -38.25 19.13 23.54
C GLU C 55 -38.17 20.29 22.55
N VAL C 56 -36.97 20.54 22.06
CA VAL C 56 -36.78 21.58 21.06
C VAL C 56 -35.93 21.01 19.95
N ASP C 57 -36.21 21.52 18.75
CA ASP C 57 -35.48 21.19 17.55
C ASP C 57 -34.82 22.48 17.10
N VAL C 58 -33.49 22.51 17.08
CA VAL C 58 -32.79 23.77 16.78
C VAL C 58 -31.67 23.62 15.75
N VAL C 59 -31.29 24.74 15.14
CA VAL C 59 -30.10 24.82 14.28
C VAL C 59 -29.11 25.82 14.85
N PHE C 60 -27.86 25.42 15.02
CA PHE C 60 -26.85 26.35 15.52
C PHE C 60 -25.51 26.15 14.79
N TRP C 61 -24.73 27.21 14.74
CA TRP C 61 -23.38 27.11 14.23
C TRP C 61 -22.49 26.89 15.43
N GLN C 62 -21.79 25.77 15.45
CA GLN C 62 -20.98 25.43 16.62
C GLN C 62 -19.55 25.86 16.43
N GLN C 63 -19.24 27.09 16.80
CA GLN C 63 -17.89 27.63 16.64
C GLN C 63 -16.95 27.00 17.65
N THR C 64 -16.05 26.15 17.15
CA THR C 64 -15.15 25.38 18.00
C THR C 64 -13.71 25.73 17.67
N THR C 65 -12.93 26.17 18.66
CA THR C 65 -11.54 26.56 18.44
C THR C 65 -10.60 25.99 19.50
N TRP C 66 -9.38 25.68 19.07
CA TRP C 66 -8.35 25.18 19.94
C TRP C 66 -7.03 25.33 19.19
N SER C 67 -5.91 25.04 19.85
CA SER C 67 -4.65 25.16 19.13
C SER C 67 -3.87 23.87 19.14
N ASP C 68 -3.16 23.63 18.05
CA ASP C 68 -2.15 22.58 17.99
C ASP C 68 -0.91 23.20 17.39
N ARG C 69 -0.01 23.66 18.25
CA ARG C 69 1.12 24.43 17.77
C ARG C 69 2.09 23.58 16.95
N THR C 70 1.94 22.27 16.95
CA THR C 70 2.80 21.44 16.11
C THR C 70 2.45 21.62 14.63
N LEU C 71 1.26 22.14 14.37
CA LEU C 71 0.78 22.36 13.01
C LEU C 71 1.24 23.69 12.43
N ALA C 72 1.86 24.54 13.26
CA ALA C 72 2.20 25.89 12.84
C ALA C 72 3.30 25.92 11.79
N TRP C 73 3.30 26.98 10.97
CA TRP C 73 4.34 27.19 9.98
C TRP C 73 4.62 28.68 9.84
N ASN C 74 5.78 29.01 9.26
CA ASN C 74 6.13 30.40 8.98
C ASN C 74 5.40 30.89 7.73
N SER C 75 4.42 31.77 7.89
CA SER C 75 3.62 32.21 6.75
C SER C 75 4.03 33.59 6.23
N SER C 76 5.27 34.00 6.50
CA SER C 76 5.75 35.30 6.06
C SER C 76 5.68 35.43 4.54
N HIS C 77 5.83 34.32 3.83
CA HIS C 77 5.64 34.33 2.38
C HIS C 77 4.78 33.16 1.90
N SER C 78 3.72 32.87 2.65
CA SER C 78 2.80 31.82 2.23
C SER C 78 1.43 32.11 2.83
N PRO C 79 0.42 31.31 2.46
CA PRO C 79 -0.91 31.52 3.03
C PRO C 79 -0.90 31.43 4.56
N ASP C 80 -1.73 32.25 5.21
CA ASP C 80 -1.82 32.25 6.68
C ASP C 80 -2.82 31.22 7.19
N GLN C 81 -3.72 30.77 6.32
CA GLN C 81 -4.70 29.75 6.66
C GLN C 81 -5.02 28.86 5.47
N VAL C 82 -5.42 27.63 5.74
CA VAL C 82 -6.02 26.78 4.71
C VAL C 82 -7.21 26.02 5.28
N SER C 83 -8.06 25.53 4.38
CA SER C 83 -9.14 24.62 4.76
C SER C 83 -8.65 23.18 4.69
N VAL C 84 -9.04 22.40 5.68
CA VAL C 84 -8.56 21.03 5.86
C VAL C 84 -9.71 20.12 6.22
N PRO C 85 -9.83 18.96 5.54
CA PRO C 85 -10.84 17.98 5.94
C PRO C 85 -10.66 17.57 7.39
N ILE C 86 -11.71 17.57 8.19
CA ILE C 86 -11.51 17.27 9.61
C ILE C 86 -10.98 15.85 9.83
N SER C 87 -11.15 14.96 8.85
CA SER C 87 -10.60 13.61 8.96
C SER C 87 -9.08 13.60 9.04
N SER C 88 -8.44 14.68 8.58
CA SER C 88 -6.98 14.82 8.67
C SER C 88 -6.50 15.41 10.00
N LEU C 89 -7.43 15.82 10.84
CA LEU C 89 -7.12 16.59 12.05
C LEU C 89 -7.65 15.91 13.31
N TRP C 90 -7.00 16.16 14.44
CA TRP C 90 -7.66 15.91 15.73
C TRP C 90 -8.78 16.93 15.93
N VAL C 91 -9.94 16.45 16.35
CA VAL C 91 -11.04 17.35 16.71
C VAL C 91 -11.53 16.97 18.10
N PRO C 92 -11.91 17.95 18.93
CA PRO C 92 -12.39 17.56 20.26
C PRO C 92 -13.64 16.69 20.20
N ASP C 93 -13.72 15.69 21.08
CA ASP C 93 -14.79 14.70 21.03
C ASP C 93 -15.99 15.19 21.82
N LEU C 94 -16.56 16.30 21.36
CA LEU C 94 -17.64 16.96 22.08
C LEU C 94 -18.94 16.21 21.92
N ALA C 95 -19.77 16.26 22.96
CA ALA C 95 -21.11 15.69 22.90
C ALA C 95 -22.04 16.59 23.70
N ALA C 96 -23.30 16.64 23.30
CA ALA C 96 -24.33 17.37 24.04
C ALA C 96 -25.08 16.40 24.94
N TYR C 97 -24.96 16.59 26.25
CA TYR C 97 -25.51 15.64 27.21
C TYR C 97 -27.02 15.45 27.11
N ASN C 98 -27.73 16.51 26.77
CA ASN C 98 -29.18 16.40 26.69
C ASN C 98 -29.70 16.34 25.25
N ALA C 99 -28.83 15.96 24.31
CA ALA C 99 -29.27 15.74 22.94
C ALA C 99 -30.06 14.44 22.84
N ILE C 100 -31.16 14.46 22.10
CA ILE C 100 -31.99 13.26 21.99
C ILE C 100 -32.16 12.82 20.53
N SER C 101 -31.33 13.38 19.66
CA SER C 101 -31.19 12.87 18.31
C SER C 101 -29.72 13.03 17.91
N LYS C 102 -29.28 12.28 16.91
CA LYS C 102 -27.92 12.43 16.41
C LYS C 102 -27.73 13.84 15.86
N PRO C 103 -26.52 14.40 16.00
CA PRO C 103 -26.33 15.72 15.41
C PRO C 103 -26.28 15.65 13.88
N GLU C 104 -27.14 16.41 13.22
CA GLU C 104 -27.14 16.43 11.75
C GLU C 104 -26.25 17.57 11.27
N VAL C 105 -25.09 17.24 10.72
CA VAL C 105 -24.17 18.24 10.22
C VAL C 105 -24.59 18.68 8.82
N LEU C 106 -24.92 19.95 8.67
CA LEU C 106 -25.52 20.46 7.44
C LEU C 106 -24.53 21.07 6.46
N THR C 107 -23.26 21.10 6.85
CA THR C 107 -22.25 21.83 6.10
C THR C 107 -21.04 20.95 5.76
N PRO C 108 -20.23 21.37 4.78
CA PRO C 108 -18.99 20.62 4.46
C PRO C 108 -18.07 20.47 5.67
N GLN C 109 -17.55 19.27 5.86
CA GLN C 109 -16.78 18.98 7.07
C GLN C 109 -15.30 19.35 6.90
N LEU C 110 -15.07 20.65 6.84
CA LEU C 110 -13.75 21.23 6.68
C LEU C 110 -13.48 22.16 7.84
N ALA C 111 -12.24 22.17 8.31
CA ALA C 111 -11.82 23.10 9.35
C ALA C 111 -10.84 24.11 8.75
N ARG C 112 -10.64 25.23 9.44
CA ARG C 112 -9.53 26.12 9.08
C ARG C 112 -8.34 25.86 10.00
N VAL C 113 -7.15 25.81 9.43
CA VAL C 113 -5.93 25.77 10.24
C VAL C 113 -5.16 27.05 9.93
N VAL C 114 -4.81 27.77 10.99
CA VAL C 114 -4.09 29.04 10.90
C VAL C 114 -2.60 28.79 11.11
N SER C 115 -1.72 29.62 10.53
CA SER C 115 -0.29 29.32 10.55
C SER C 115 0.32 29.36 11.97
N ASP C 116 -0.40 29.93 12.94
CA ASP C 116 0.06 29.88 14.33
C ASP C 116 -0.44 28.65 15.08
N GLY C 117 -1.08 27.72 14.37
CA GLY C 117 -1.55 26.50 15.00
C GLY C 117 -2.99 26.53 15.49
N GLU C 118 -3.65 27.67 15.37
CA GLU C 118 -5.07 27.74 15.72
C GLU C 118 -5.91 26.90 14.77
N VAL C 119 -6.87 26.18 15.31
CA VAL C 119 -7.80 25.45 14.47
C VAL C 119 -9.21 25.96 14.73
N LEU C 120 -9.97 26.20 13.65
CA LEU C 120 -11.38 26.58 13.77
C LEU C 120 -12.25 25.56 13.03
N TYR C 121 -13.17 24.94 13.74
CA TYR C 121 -14.16 24.08 13.09
C TYR C 121 -15.55 24.57 13.49
N MET C 122 -16.37 24.88 12.51
CA MET C 122 -17.70 25.42 12.80
C MET C 122 -18.78 24.81 11.92
N PRO C 123 -19.22 23.60 12.28
CA PRO C 123 -20.33 22.95 11.57
C PRO C 123 -21.66 23.64 11.87
N SER C 124 -22.57 23.67 10.90
CA SER C 124 -23.98 23.96 11.18
C SER C 124 -24.63 22.65 11.56
N ILE C 125 -25.25 22.62 12.74
CA ILE C 125 -25.83 21.38 13.23
C ILE C 125 -27.32 21.55 13.47
N ARG C 126 -28.13 20.58 13.02
CA ARG C 126 -29.50 20.50 13.47
C ARG C 126 -29.66 19.34 14.43
N GLN C 127 -30.27 19.58 15.58
CA GLN C 127 -30.32 18.57 16.62
C GLN C 127 -31.48 18.87 17.58
N ARG C 128 -32.01 17.81 18.18
CA ARG C 128 -33.13 17.91 19.12
C ARG C 128 -32.63 17.73 20.55
N PHE C 129 -33.25 18.42 21.50
CA PHE C 129 -32.79 18.40 22.90
C PHE C 129 -33.98 18.30 23.82
N SER C 130 -33.73 17.71 24.99
CA SER C 130 -34.65 17.74 26.12
C SER C 130 -34.23 18.88 27.02
N CYS C 131 -35.11 19.87 27.19
CA CYS C 131 -34.78 20.99 28.06
C CYS C 131 -36.08 21.67 28.48
N ASP C 132 -35.97 22.67 29.36
CA ASP C 132 -37.15 23.31 29.96
C ASP C 132 -37.78 24.31 28.98
N VAL C 133 -38.95 23.94 28.44
CA VAL C 133 -39.64 24.77 27.46
C VAL C 133 -40.74 25.61 28.15
N SER C 134 -40.89 25.41 29.45
CA SER C 134 -41.88 26.16 30.24
C SER C 134 -41.64 27.65 30.16
N GLY C 135 -42.73 28.39 29.89
CA GLY C 135 -42.65 29.84 29.83
C GLY C 135 -42.47 30.39 28.43
N VAL C 136 -42.40 29.51 27.43
CA VAL C 136 -42.09 29.94 26.07
C VAL C 136 -43.19 30.87 25.54
N ASP C 137 -44.42 30.73 26.03
CA ASP C 137 -45.52 31.59 25.59
C ASP C 137 -45.70 32.84 26.46
N THR C 138 -44.71 33.16 27.28
CA THR C 138 -44.81 34.32 28.15
C THR C 138 -43.77 35.36 27.74
N GLU C 139 -43.86 36.55 28.32
CA GLU C 139 -42.95 37.63 27.95
C GLU C 139 -41.50 37.38 28.38
N SER C 140 -41.31 36.76 29.55
CA SER C 140 -39.95 36.49 30.02
C SER C 140 -39.35 35.27 29.31
N GLY C 141 -40.20 34.43 28.75
CA GLY C 141 -39.77 33.35 27.88
C GLY C 141 -39.34 32.09 28.59
N ALA C 142 -38.86 31.11 27.81
CA ALA C 142 -38.35 29.88 28.36
C ALA C 142 -36.84 29.95 28.41
N THR C 143 -36.21 29.18 29.29
CA THR C 143 -34.76 29.06 29.25
C THR C 143 -34.39 27.60 29.07
N CYS C 144 -33.83 27.29 27.91
CA CYS C 144 -33.45 25.93 27.57
C CYS C 144 -31.93 25.84 27.66
N ARG C 145 -31.42 24.94 28.50
CA ARG C 145 -29.98 24.78 28.67
C ARG C 145 -29.47 23.60 27.85
N ILE C 146 -28.34 23.80 27.17
CA ILE C 146 -27.69 22.75 26.41
C ILE C 146 -26.31 22.58 27.03
N LYS C 147 -26.00 21.35 27.40
CA LYS C 147 -24.79 21.05 28.11
C LYS C 147 -23.83 20.28 27.18
N ILE C 148 -22.65 20.86 26.95
CA ILE C 148 -21.67 20.33 25.99
C ILE C 148 -20.28 20.21 26.60
N GLY C 149 -19.63 19.08 26.32
CA GLY C 149 -18.27 18.89 26.79
C GLY C 149 -17.66 17.67 26.13
N SER C 150 -16.40 17.39 26.47
CA SER C 150 -15.72 16.22 25.93
C SER C 150 -16.37 14.95 26.46
N TRP C 151 -16.61 13.99 25.58
CA TRP C 151 -17.26 12.77 26.02
C TRP C 151 -16.28 11.83 26.75
N THR C 152 -15.00 11.82 26.37
CA THR C 152 -14.07 10.85 26.99
C THR C 152 -12.82 11.43 27.64
N HIS C 153 -12.62 12.74 27.53
CA HIS C 153 -11.45 13.39 28.12
C HIS C 153 -11.80 14.19 29.36
N HIS C 154 -11.17 13.86 30.49
CA HIS C 154 -11.48 14.60 31.71
CA HIS C 154 -11.37 14.55 31.76
C HIS C 154 -10.74 15.94 31.74
N SER C 155 -10.98 16.71 32.79
CA SER C 155 -10.49 18.09 32.85
C SER C 155 -8.98 18.27 32.79
N ARG C 156 -8.22 17.25 33.18
CA ARG C 156 -6.76 17.33 33.10
C ARG C 156 -6.28 17.24 31.64
N GLU C 157 -7.15 16.73 30.77
CA GLU C 157 -6.84 16.51 29.35
C GLU C 157 -7.45 17.54 28.41
N ILE C 158 -8.74 17.83 28.61
CA ILE C 158 -9.43 18.88 27.87
C ILE C 158 -10.20 19.81 28.82
N SER C 159 -10.02 21.11 28.65
CA SER C 159 -10.86 22.09 29.36
C SER C 159 -11.69 22.86 28.35
N VAL C 160 -12.97 23.06 28.66
CA VAL C 160 -13.81 23.91 27.81
C VAL C 160 -13.97 25.30 28.42
N ASP C 161 -13.86 26.31 27.57
CA ASP C 161 -14.04 27.69 28.00
C ASP C 161 -15.20 28.33 27.24
N PRO C 162 -15.98 29.16 27.95
CA PRO C 162 -17.04 29.95 27.32
C PRO C 162 -16.51 31.25 26.73
N ASN C 166 -22.79 37.03 26.06
CA ASN C 166 -24.10 37.54 26.41
C ASN C 166 -24.78 38.23 25.23
N SER C 167 -25.10 37.44 24.21
CA SER C 167 -25.64 37.96 22.97
C SER C 167 -27.07 37.50 22.73
N ASP C 168 -27.81 38.23 21.89
CA ASP C 168 -29.12 37.77 21.45
C ASP C 168 -29.01 37.15 20.06
N ASP C 169 -27.78 36.96 19.61
CA ASP C 169 -27.50 36.31 18.33
C ASP C 169 -28.18 37.01 17.16
N SER C 170 -28.28 38.34 17.23
CA SER C 170 -29.02 39.09 16.21
C SER C 170 -28.39 38.96 14.83
N GLU C 171 -27.06 38.79 14.76
CA GLU C 171 -26.40 38.65 13.47
C GLU C 171 -26.63 37.29 12.83
N TYR C 172 -27.18 36.36 13.61
CA TYR C 172 -27.20 34.96 13.19
C TYR C 172 -28.59 34.37 13.12
N PHE C 173 -29.45 34.77 14.05
CA PHE C 173 -30.72 34.10 14.21
C PHE C 173 -31.73 34.51 13.13
N SER C 174 -32.43 33.52 12.59
CA SER C 174 -33.41 33.74 11.53
C SER C 174 -34.57 34.66 11.93
N GLN C 175 -34.83 35.68 11.12
CA GLN C 175 -35.97 36.57 11.36
C GLN C 175 -37.30 35.91 11.05
N TYR C 176 -37.25 34.71 10.46
CA TYR C 176 -38.48 34.02 10.06
C TYR C 176 -38.87 32.90 10.99
N SER C 177 -38.10 32.71 12.05
CA SER C 177 -38.51 31.80 13.11
C SER C 177 -39.80 32.30 13.75
N ARG C 178 -40.64 31.37 14.20
CA ARG C 178 -41.79 31.73 15.03
C ARG C 178 -41.33 32.23 16.38
N PHE C 179 -40.05 32.02 16.71
CA PHE C 179 -39.53 32.37 18.01
C PHE C 179 -38.51 33.50 17.91
N GLU C 180 -38.21 34.11 19.04
CA GLU C 180 -37.20 35.15 19.10
C GLU C 180 -36.33 34.95 20.32
N ILE C 181 -35.05 35.26 20.17
CA ILE C 181 -34.10 35.03 21.22
C ILE C 181 -33.97 36.28 22.08
N LEU C 182 -34.09 36.08 23.39
CA LEU C 182 -33.92 37.17 24.33
C LEU C 182 -32.46 37.23 24.79
N ASP C 183 -31.89 36.08 25.14
CA ASP C 183 -30.52 36.08 25.61
C ASP C 183 -29.87 34.70 25.48
N VAL C 184 -28.58 34.70 25.16
CA VAL C 184 -27.77 33.48 25.13
C VAL C 184 -26.57 33.67 26.04
N THR C 185 -26.42 32.84 27.05
CA THR C 185 -25.27 32.95 27.95
C THR C 185 -24.64 31.58 28.10
N GLN C 186 -23.36 31.57 28.43
CA GLN C 186 -22.63 30.32 28.67
C GLN C 186 -21.92 30.35 30.02
N LYS C 187 -21.93 29.21 30.70
CA LYS C 187 -21.28 29.10 31.97
C LYS C 187 -20.46 27.82 32.02
N LYS C 188 -19.26 27.91 32.59
CA LYS C 188 -18.39 26.76 32.70
C LYS C 188 -18.89 25.86 33.82
N ASN C 189 -18.67 24.56 33.66
CA ASN C 189 -19.19 23.53 34.56
C ASN C 189 -18.12 22.45 34.78
N SER C 190 -17.98 21.98 36.01
CA SER C 190 -17.07 20.88 36.31
C SER C 190 -17.82 19.80 37.05
N VAL C 191 -17.87 18.62 36.47
CA VAL C 191 -18.71 17.56 37.00
C VAL C 191 -17.96 16.26 37.23
N THR C 192 -18.16 15.66 38.40
CA THR C 192 -17.68 14.30 38.63
C THR C 192 -18.86 13.35 38.50
N TYR C 193 -18.72 12.32 37.66
CA TYR C 193 -19.81 11.38 37.40
C TYR C 193 -19.54 10.10 38.18
N SER C 194 -20.54 9.22 38.24
CA SER C 194 -20.45 7.98 39.02
C SER C 194 -19.41 6.99 38.47
N CYS C 195 -19.21 7.01 37.14
CA CYS C 195 -18.37 6.01 36.49
C CYS C 195 -16.89 6.09 36.90
N CYS C 196 -16.38 7.31 37.02
CA CYS C 196 -14.93 7.53 37.13
C CYS C 196 -14.59 8.62 38.16
N PRO C 197 -13.39 8.54 38.77
CA PRO C 197 -13.03 9.45 39.87
C PRO C 197 -12.60 10.86 39.46
N GLU C 198 -12.36 11.09 38.16
CA GLU C 198 -11.92 12.42 37.70
C GLU C 198 -13.05 13.21 37.06
N ALA C 199 -12.95 14.54 37.12
CA ALA C 199 -14.02 15.44 36.67
C ALA C 199 -14.02 15.68 35.16
N TYR C 200 -15.19 16.03 34.61
CA TYR C 200 -15.30 16.50 33.23
C TYR C 200 -15.73 17.95 33.19
N GLU C 201 -15.11 18.74 32.32
CA GLU C 201 -15.55 20.10 32.17
C GLU C 201 -16.65 20.17 31.11
N ASP C 202 -17.62 21.05 31.31
CA ASP C 202 -18.59 21.28 30.28
C ASP C 202 -18.93 22.75 30.23
N VAL C 203 -19.62 23.15 29.16
CA VAL C 203 -20.24 24.45 29.08
C VAL C 203 -21.73 24.25 29.12
N GLU C 204 -22.43 25.02 29.95
CA GLU C 204 -23.89 25.08 29.89
C GLU C 204 -24.26 26.31 29.10
N VAL C 205 -24.92 26.10 27.97
CA VAL C 205 -25.41 27.21 27.16
C VAL C 205 -26.88 27.46 27.50
N SER C 206 -27.22 28.66 27.97
CA SER C 206 -28.61 28.95 28.29
C SER C 206 -29.30 29.76 27.21
N LEU C 207 -30.29 29.16 26.57
CA LEU C 207 -31.00 29.81 25.49
C LEU C 207 -32.33 30.31 26.02
N ASN C 208 -32.42 31.62 26.24
CA ASN C 208 -33.65 32.24 26.74
C ASN C 208 -34.42 32.79 25.55
N PHE C 209 -35.54 32.17 25.24
CA PHE C 209 -36.30 32.50 24.04
C PHE C 209 -37.81 32.49 24.31
N ARG C 210 -38.58 33.00 23.36
CA ARG C 210 -40.03 33.06 23.50
C ARG C 210 -40.72 33.10 22.14
N LYS C 211 -41.97 32.66 22.10
CA LYS C 211 -42.77 32.77 20.90
C LYS C 211 -43.08 34.23 20.60
N LYS C 212 -43.00 34.61 19.33
CA LYS C 212 -43.32 35.98 18.90
C LYS C 212 -44.80 36.26 19.13
N ASP D 1 0.49 7.54 35.82
CA ASP D 1 0.85 8.69 36.64
C ASP D 1 0.06 9.92 36.18
N TYR D 2 -0.81 10.46 37.04
CA TYR D 2 -1.68 11.56 36.63
C TYR D 2 -0.89 12.80 36.23
N LYS D 3 0.32 12.94 36.77
CA LYS D 3 1.17 14.10 36.45
C LYS D 3 1.72 14.01 35.03
N ASP D 4 1.65 12.83 34.43
CA ASP D 4 2.21 12.59 33.11
C ASP D 4 1.13 12.48 32.05
N ASP D 5 -0.12 12.73 32.45
CA ASP D 5 -1.27 12.60 31.55
C ASP D 5 -1.16 13.45 30.29
N ASP D 6 -0.59 14.64 30.40
CA ASP D 6 -0.53 15.56 29.26
C ASP D 6 0.80 15.48 28.49
N ASP D 7 1.53 14.38 28.65
CA ASP D 7 2.73 14.12 27.86
C ASP D 7 2.30 13.55 26.51
N LYS D 8 2.27 14.39 25.47
CA LYS D 8 1.65 13.98 24.21
C LYS D 8 2.36 12.81 23.53
N LEU D 9 3.69 12.83 23.55
CA LEU D 9 4.46 11.76 22.91
C LEU D 9 4.18 10.42 23.61
N ASP D 10 4.06 10.48 24.93
CA ASP D 10 3.66 9.30 25.69
C ASP D 10 2.31 8.79 25.19
N ARG D 11 1.32 9.68 25.04
CA ARG D 11 -0.01 9.26 24.58
C ARG D 11 0.07 8.62 23.20
N ALA D 12 0.81 9.27 22.30
CA ALA D 12 0.94 8.77 20.93
C ALA D 12 1.62 7.40 20.93
N ASP D 13 2.61 7.24 21.80
CA ASP D 13 3.28 5.94 21.91
C ASP D 13 2.36 4.88 22.47
N ILE D 14 1.54 5.24 23.46
CA ILE D 14 0.61 4.27 24.02
C ILE D 14 -0.37 3.81 22.95
N LEU D 15 -0.85 4.76 22.16
CA LEU D 15 -1.80 4.47 21.10
C LEU D 15 -1.18 3.54 20.05
N TYR D 16 0.03 3.88 19.65
CA TYR D 16 0.82 3.00 18.79
C TYR D 16 0.94 1.57 19.35
N ASN D 17 1.30 1.45 20.63
CA ASN D 17 1.40 0.14 21.27
C ASN D 17 0.09 -0.64 21.26
N ILE D 18 -0.99 0.05 21.63
CA ILE D 18 -2.31 -0.58 21.62
C ILE D 18 -2.65 -1.08 20.22
N ARG D 19 -2.40 -0.27 19.20
CA ARG D 19 -2.71 -0.67 17.84
C ARG D 19 -1.82 -1.82 17.33
N GLN D 20 -0.60 -1.93 17.83
CA GLN D 20 0.27 -3.05 17.44
C GLN D 20 -0.19 -4.36 18.05
N THR D 21 -0.78 -4.28 19.23
CA THR D 21 -1.13 -5.45 20.00
C THR D 21 -2.56 -5.86 19.78
N SER D 22 -3.41 -4.87 19.56
CA SER D 22 -4.85 -5.11 19.47
C SER D 22 -5.22 -6.04 18.32
N ARG D 23 -6.10 -6.99 18.60
CA ARG D 23 -6.70 -7.82 17.56
C ARG D 23 -8.18 -7.54 17.56
N PRO D 24 -8.61 -6.59 16.72
CA PRO D 24 -10.00 -6.10 16.80
C PRO D 24 -11.04 -7.17 16.53
N ASP D 25 -10.66 -8.26 15.86
CA ASP D 25 -11.65 -9.25 15.47
C ASP D 25 -11.57 -10.54 16.28
N VAL D 26 -10.69 -10.59 17.28
CA VAL D 26 -10.50 -11.78 18.09
C VAL D 26 -10.87 -11.52 19.56
N ILE D 27 -11.71 -12.37 20.15
CA ILE D 27 -12.07 -12.19 21.57
C ILE D 27 -10.82 -12.28 22.44
N PRO D 28 -10.67 -11.36 23.41
CA PRO D 28 -9.49 -11.33 24.27
C PRO D 28 -9.61 -12.32 25.44
N THR D 29 -9.73 -13.60 25.13
CA THR D 29 -9.83 -14.63 26.15
C THR D 29 -8.48 -14.83 26.80
N GLN D 30 -8.46 -14.68 28.13
CA GLN D 30 -7.24 -14.85 28.89
C GLN D 30 -7.29 -16.17 29.68
N ARG D 31 -6.27 -17.00 29.52
CA ARG D 31 -6.16 -18.23 30.28
C ARG D 31 -7.27 -19.23 29.93
N ASP D 32 -7.64 -19.27 28.65
CA ASP D 32 -8.70 -20.17 28.18
C ASP D 32 -9.97 -20.05 29.03
N ARG D 33 -10.36 -18.82 29.31
CA ARG D 33 -11.57 -18.52 30.10
C ARG D 33 -12.40 -17.49 29.35
N PRO D 34 -13.72 -17.45 29.61
CA PRO D 34 -14.58 -16.49 28.90
C PRO D 34 -14.21 -15.05 29.19
N VAL D 35 -14.40 -14.17 28.20
CA VAL D 35 -14.24 -12.74 28.41
C VAL D 35 -15.38 -12.24 29.29
N ALA D 36 -15.06 -11.68 30.45
CA ALA D 36 -16.09 -11.13 31.34
C ALA D 36 -16.42 -9.70 30.95
N VAL D 37 -17.57 -9.53 30.34
CA VAL D 37 -18.04 -8.22 29.91
C VAL D 37 -19.08 -7.73 30.92
N SER D 38 -18.92 -6.51 31.42
CA SER D 38 -19.91 -5.89 32.30
C SER D 38 -20.71 -4.84 31.54
N VAL D 39 -22.03 -4.86 31.70
CA VAL D 39 -22.88 -3.92 31.02
C VAL D 39 -23.88 -3.34 32.00
N SER D 40 -24.00 -2.03 32.02
CA SER D 40 -25.09 -1.39 32.78
C SER D 40 -25.68 -0.23 32.01
N LEU D 41 -27.02 -0.17 31.95
CA LEU D 41 -27.69 0.90 31.25
C LEU D 41 -28.05 2.01 32.23
N LYS D 42 -27.60 3.22 31.94
CA LYS D 42 -28.00 4.39 32.71
C LYS D 42 -28.99 5.19 31.87
N PHE D 43 -30.25 5.28 32.33
CA PHE D 43 -31.26 5.83 31.44
C PHE D 43 -31.24 7.35 31.45
N ILE D 44 -31.37 7.94 30.25
CA ILE D 44 -31.29 9.39 30.11
C ILE D 44 -32.63 10.00 29.70
N ASN D 45 -33.34 9.28 28.84
CA ASN D 45 -34.66 9.77 28.44
C ASN D 45 -35.54 8.69 27.84
N ILE D 46 -36.84 8.93 27.88
CA ILE D 46 -37.85 8.09 27.26
C ILE D 46 -38.61 9.02 26.33
N LEU D 47 -38.50 8.79 25.03
CA LEU D 47 -38.89 9.78 24.04
C LEU D 47 -40.30 9.55 23.53
N GLU D 48 -40.64 8.29 23.34
CA GLU D 48 -41.95 7.97 22.82
C GLU D 48 -42.40 6.69 23.46
N VAL D 49 -43.68 6.62 23.76
CA VAL D 49 -44.29 5.45 24.33
C VAL D 49 -45.58 5.21 23.56
N ASN D 50 -45.67 4.08 22.89
CA ASN D 50 -46.81 3.81 22.03
C ASN D 50 -47.64 2.67 22.61
N GLU D 51 -48.77 3.02 23.23
CA GLU D 51 -49.62 2.05 23.89
C GLU D 51 -50.32 1.15 22.88
N ILE D 52 -50.51 1.66 21.67
CA ILE D 52 -51.15 0.90 20.60
C ILE D 52 -50.28 -0.30 20.20
N THR D 53 -48.99 -0.06 20.02
CA THR D 53 -48.09 -1.06 19.44
C THR D 53 -47.12 -1.70 20.44
N ASN D 54 -47.22 -1.29 21.70
CA ASN D 54 -46.29 -1.76 22.72
C ASN D 54 -44.84 -1.51 22.33
N GLU D 55 -44.49 -0.24 22.08
CA GLU D 55 -43.12 0.12 21.72
C GLU D 55 -42.66 1.31 22.54
N VAL D 56 -41.37 1.36 22.85
CA VAL D 56 -40.80 2.51 23.52
C VAL D 56 -39.48 2.91 22.87
N ASP D 57 -39.26 4.21 22.75
CA ASP D 57 -38.04 4.78 22.21
C ASP D 57 -37.27 5.35 23.39
N VAL D 58 -36.04 4.90 23.61
CA VAL D 58 -35.32 5.33 24.81
C VAL D 58 -33.89 5.75 24.51
N VAL D 59 -33.36 6.63 25.35
CA VAL D 59 -31.97 7.06 25.29
C VAL D 59 -31.26 6.58 26.55
N PHE D 60 -30.12 5.92 26.41
CA PHE D 60 -29.42 5.44 27.58
C PHE D 60 -27.92 5.43 27.34
N TRP D 61 -27.17 5.60 28.42
CA TRP D 61 -25.73 5.38 28.38
C TRP D 61 -25.44 3.91 28.58
N GLN D 62 -24.82 3.28 27.61
CA GLN D 62 -24.54 1.86 27.71
C GLN D 62 -23.14 1.65 28.26
N GLN D 63 -23.05 1.53 29.57
CA GLN D 63 -21.77 1.40 30.24
C GLN D 63 -21.19 0.01 30.01
N THR D 64 -20.06 -0.08 29.31
CA THR D 64 -19.54 -1.37 28.88
C THR D 64 -18.08 -1.47 29.26
N THR D 65 -17.72 -2.49 30.02
CA THR D 65 -16.30 -2.66 30.39
C THR D 65 -15.85 -4.11 30.34
N TRP D 66 -14.58 -4.29 30.02
CA TRP D 66 -13.96 -5.59 29.99
C TRP D 66 -12.45 -5.39 30.07
N SER D 67 -11.72 -6.48 30.14
CA SER D 67 -10.28 -6.38 30.27
C SER D 67 -9.59 -7.04 29.08
N ASP D 68 -8.50 -6.44 28.62
CA ASP D 68 -7.56 -7.14 27.75
C ASP D 68 -6.17 -6.83 28.27
N ARG D 69 -5.64 -7.73 29.09
CA ARG D 69 -4.37 -7.49 29.77
C ARG D 69 -3.21 -7.33 28.80
N THR D 70 -3.36 -7.82 27.58
CA THR D 70 -2.31 -7.66 26.57
C THR D 70 -2.11 -6.18 26.22
N LEU D 71 -3.10 -5.35 26.52
CA LEU D 71 -3.01 -3.92 26.22
C LEU D 71 -2.35 -3.11 27.34
N ALA D 72 -2.07 -3.78 28.47
CA ALA D 72 -1.60 -3.09 29.67
C ALA D 72 -0.19 -2.52 29.49
N TRP D 73 0.09 -1.43 30.20
CA TRP D 73 1.43 -0.88 30.20
C TRP D 73 1.79 -0.33 31.57
N ASN D 74 3.09 -0.18 31.80
CA ASN D 74 3.60 0.45 33.01
C ASN D 74 3.33 1.95 32.98
N SER D 75 2.49 2.45 33.89
CA SER D 75 2.15 3.87 33.88
C SER D 75 2.81 4.63 35.04
N SER D 76 3.87 4.06 35.61
CA SER D 76 4.56 4.73 36.71
C SER D 76 5.04 6.12 36.27
N HIS D 77 5.45 6.26 35.02
CA HIS D 77 5.84 7.57 34.51
C HIS D 77 5.16 7.95 33.19
N SER D 78 3.90 7.59 33.06
CA SER D 78 3.14 7.91 31.85
C SER D 78 1.65 7.96 32.17
N PRO D 79 0.84 8.42 31.20
CA PRO D 79 -0.61 8.52 31.36
C PRO D 79 -1.25 7.23 31.87
N ASP D 80 -2.25 7.35 32.73
CA ASP D 80 -3.01 6.22 33.25
C ASP D 80 -4.02 5.68 32.25
N GLN D 81 -4.43 6.52 31.32
CA GLN D 81 -5.51 6.21 30.39
C GLN D 81 -5.36 7.01 29.12
N VAL D 82 -5.82 6.45 28.01
CA VAL D 82 -5.97 7.23 26.77
C VAL D 82 -7.27 6.89 26.09
N SER D 83 -7.77 7.81 25.27
CA SER D 83 -8.92 7.54 24.42
C SER D 83 -8.47 6.88 23.11
N VAL D 84 -9.26 5.92 22.64
CA VAL D 84 -8.92 5.13 21.46
C VAL D 84 -10.17 4.94 20.59
N PRO D 85 -10.08 5.19 19.27
CA PRO D 85 -11.22 4.86 18.42
C PRO D 85 -11.58 3.38 18.52
N ILE D 86 -12.86 3.05 18.61
CA ILE D 86 -13.24 1.66 18.82
C ILE D 86 -12.88 0.78 17.63
N SER D 87 -12.65 1.38 16.46
CA SER D 87 -12.21 0.60 15.30
C SER D 87 -10.80 0.01 15.48
N SER D 88 -10.04 0.55 16.44
CA SER D 88 -8.72 0.00 16.74
C SER D 88 -8.76 -1.16 17.74
N LEU D 89 -9.93 -1.37 18.35
CA LEU D 89 -10.08 -2.31 19.46
C LEU D 89 -11.06 -3.43 19.18
N TRP D 90 -10.90 -4.56 19.87
CA TRP D 90 -12.00 -5.50 19.93
C TRP D 90 -13.08 -4.88 20.84
N VAL D 91 -14.31 -4.92 20.39
CA VAL D 91 -15.44 -4.52 21.24
C VAL D 91 -16.46 -5.66 21.26
N PRO D 92 -17.14 -5.88 22.41
CA PRO D 92 -18.10 -6.99 22.45
C PRO D 92 -19.21 -6.80 21.43
N ASP D 93 -19.67 -7.90 20.83
CA ASP D 93 -20.69 -7.81 19.81
C ASP D 93 -22.08 -7.86 20.44
N LEU D 94 -22.36 -6.87 21.28
CA LEU D 94 -23.63 -6.82 22.02
C LEU D 94 -24.83 -6.47 21.15
N ALA D 95 -25.98 -7.05 21.48
CA ALA D 95 -27.24 -6.67 20.85
C ALA D 95 -28.36 -6.80 21.88
N ALA D 96 -29.39 -5.96 21.72
CA ALA D 96 -30.59 -6.09 22.53
C ALA D 96 -31.56 -7.02 21.81
N TYR D 97 -31.90 -8.13 22.45
CA TYR D 97 -32.67 -9.18 21.78
C TYR D 97 -34.12 -8.74 21.44
N ASN D 98 -34.62 -7.69 22.08
CA ASN D 98 -35.96 -7.20 21.74
C ASN D 98 -35.93 -5.81 21.09
N ALA D 99 -34.78 -5.42 20.56
CA ALA D 99 -34.71 -4.14 19.86
C ALA D 99 -35.43 -4.26 18.53
N ILE D 100 -36.09 -3.17 18.12
CA ILE D 100 -36.77 -3.14 16.82
C ILE D 100 -36.30 -1.99 15.95
N SER D 101 -35.17 -1.39 16.33
CA SER D 101 -34.43 -0.46 15.47
C SER D 101 -32.95 -0.65 15.70
N LYS D 102 -32.13 -0.11 14.81
CA LYS D 102 -30.68 -0.16 15.01
C LYS D 102 -30.33 0.71 16.20
N PRO D 103 -29.28 0.33 16.93
CA PRO D 103 -28.86 1.27 17.97
C PRO D 103 -28.26 2.51 17.31
N GLU D 104 -28.80 3.67 17.64
CA GLU D 104 -28.31 4.94 17.11
C GLU D 104 -27.29 5.51 18.09
N VAL D 105 -26.01 5.53 17.72
CA VAL D 105 -25.00 6.01 18.64
C VAL D 105 -24.89 7.53 18.56
N LEU D 106 -25.10 8.20 19.70
CA LEU D 106 -25.21 9.66 19.72
C LEU D 106 -23.92 10.37 20.11
N THR D 107 -22.90 9.61 20.49
CA THR D 107 -21.68 10.18 21.03
C THR D 107 -20.47 9.71 20.21
N PRO D 108 -19.31 10.36 20.40
CA PRO D 108 -18.09 9.94 19.71
C PRO D 108 -17.71 8.48 19.97
N GLN D 109 -17.34 7.77 18.91
CA GLN D 109 -17.12 6.34 19.06
C GLN D 109 -15.68 6.07 19.51
N LEU D 110 -15.41 6.53 20.72
CA LEU D 110 -14.12 6.35 21.38
C LEU D 110 -14.28 5.55 22.67
N ALA D 111 -13.33 4.68 22.95
CA ALA D 111 -13.28 4.00 24.23
C ALA D 111 -12.13 4.54 25.06
N ARG D 112 -12.12 4.23 26.35
CA ARG D 112 -10.96 4.52 27.20
C ARG D 112 -10.22 3.22 27.46
N VAL D 113 -8.90 3.24 27.28
CA VAL D 113 -8.09 2.09 27.68
C VAL D 113 -7.25 2.52 28.88
N VAL D 114 -7.34 1.76 29.95
CA VAL D 114 -6.62 2.03 31.18
C VAL D 114 -5.32 1.19 31.19
N SER D 115 -4.28 1.67 31.86
CA SER D 115 -2.97 1.01 31.80
C SER D 115 -2.94 -0.41 32.38
N ASP D 116 -3.98 -0.78 33.13
CA ASP D 116 -4.05 -2.14 33.65
C ASP D 116 -4.74 -3.07 32.66
N GLY D 117 -5.16 -2.52 31.52
CA GLY D 117 -5.79 -3.31 30.48
C GLY D 117 -7.30 -3.22 30.43
N GLU D 118 -7.92 -2.53 31.39
CA GLU D 118 -9.37 -2.39 31.36
C GLU D 118 -9.76 -1.49 30.20
N VAL D 119 -10.90 -1.80 29.58
CA VAL D 119 -11.43 -0.96 28.52
C VAL D 119 -12.83 -0.49 28.94
N LEU D 120 -13.11 0.80 28.71
CA LEU D 120 -14.39 1.41 29.02
C LEU D 120 -14.98 2.02 27.76
N TYR D 121 -16.12 1.50 27.33
CA TYR D 121 -16.81 2.05 26.16
C TYR D 121 -18.22 2.39 26.61
N MET D 122 -18.59 3.65 26.54
CA MET D 122 -19.89 4.08 27.06
C MET D 122 -20.59 5.01 26.09
N PRO D 123 -21.13 4.43 25.01
CA PRO D 123 -21.91 5.26 24.08
C PRO D 123 -23.27 5.67 24.65
N SER D 124 -23.76 6.84 24.23
CA SER D 124 -25.18 7.17 24.43
C SER D 124 -25.92 6.65 23.22
N ILE D 125 -26.95 5.86 23.49
CA ILE D 125 -27.66 5.12 22.46
C ILE D 125 -29.13 5.48 22.48
N ARG D 126 -29.68 5.79 21.30
CA ARG D 126 -31.13 5.92 21.15
C ARG D 126 -31.64 4.68 20.42
N GLN D 127 -32.55 3.95 21.04
CA GLN D 127 -33.04 2.71 20.44
C GLN D 127 -34.50 2.44 20.78
N ARG D 128 -35.17 1.74 19.88
CA ARG D 128 -36.58 1.42 20.07
C ARG D 128 -36.72 -0.03 20.42
N PHE D 129 -37.63 -0.31 21.36
CA PHE D 129 -37.85 -1.65 21.85
C PHE D 129 -39.32 -2.04 21.85
N SER D 130 -39.57 -3.32 21.63
CA SER D 130 -40.88 -3.87 21.85
C SER D 130 -40.89 -4.39 23.28
N CYS D 131 -41.83 -3.93 24.08
CA CYS D 131 -41.90 -4.40 25.44
C CYS D 131 -43.22 -3.97 26.03
N ASP D 132 -43.46 -4.37 27.28
CA ASP D 132 -44.77 -4.17 27.90
C ASP D 132 -44.99 -2.74 28.38
N VAL D 133 -45.89 -2.02 27.71
CA VAL D 133 -46.14 -0.60 28.00
C VAL D 133 -47.42 -0.39 28.79
N SER D 134 -48.15 -1.48 29.03
CA SER D 134 -49.38 -1.38 29.80
C SER D 134 -49.08 -0.88 31.22
N GLY D 135 -49.89 0.06 31.70
CA GLY D 135 -49.71 0.61 33.02
C GLY D 135 -48.98 1.94 33.10
N VAL D 136 -48.47 2.41 31.96
CA VAL D 136 -47.63 3.61 31.94
C VAL D 136 -48.34 4.85 32.53
N ASP D 137 -49.66 4.93 32.34
CA ASP D 137 -50.41 6.08 32.80
C ASP D 137 -51.14 5.74 34.10
N THR D 138 -50.48 4.97 34.95
CA THR D 138 -51.00 4.61 36.27
C THR D 138 -49.92 4.80 37.34
N GLU D 139 -50.32 4.70 38.61
CA GLU D 139 -49.41 4.95 39.71
C GLU D 139 -48.23 3.99 39.75
N SER D 140 -48.49 2.71 39.47
CA SER D 140 -47.45 1.70 39.55
C SER D 140 -46.64 1.57 38.25
N GLY D 141 -47.09 2.25 37.20
CA GLY D 141 -46.31 2.36 35.97
C GLY D 141 -46.26 1.15 35.07
N ALA D 142 -45.51 1.26 33.97
CA ALA D 142 -45.21 0.13 33.10
C ALA D 142 -43.83 -0.41 33.42
N THR D 143 -43.61 -1.68 33.11
CA THR D 143 -42.28 -2.28 33.23
C THR D 143 -41.86 -2.84 31.88
N CYS D 144 -40.81 -2.25 31.34
CA CYS D 144 -40.24 -2.64 30.07
C CYS D 144 -38.95 -3.38 30.36
N ARG D 145 -38.78 -4.58 29.79
CA ARG D 145 -37.55 -5.34 30.02
C ARG D 145 -36.70 -5.41 28.75
N ILE D 146 -35.42 -5.13 28.90
CA ILE D 146 -34.48 -5.16 27.77
C ILE D 146 -33.44 -6.20 28.07
N LYS D 147 -33.20 -7.10 27.12
CA LYS D 147 -32.18 -8.12 27.27
C LYS D 147 -31.01 -7.85 26.35
N ILE D 148 -29.82 -7.77 26.92
CA ILE D 148 -28.61 -7.47 26.14
C ILE D 148 -27.54 -8.55 26.34
N GLY D 149 -26.97 -9.05 25.25
CA GLY D 149 -25.94 -10.07 25.35
C GLY D 149 -25.15 -10.14 24.06
N SER D 150 -24.14 -11.00 24.01
CA SER D 150 -23.37 -11.14 22.78
C SER D 150 -24.24 -11.78 21.70
N TRP D 151 -24.15 -11.27 20.47
CA TRP D 151 -24.99 -11.84 19.42
C TRP D 151 -24.45 -13.18 18.93
N THR D 152 -23.13 -13.35 18.92
CA THR D 152 -22.57 -14.56 18.30
C THR D 152 -21.69 -15.41 19.22
N HIS D 153 -21.43 -14.94 20.43
CA HIS D 153 -20.55 -15.67 21.34
C HIS D 153 -21.37 -16.25 22.49
N HIS D 154 -21.37 -17.57 22.60
CA HIS D 154 -22.03 -18.25 23.71
C HIS D 154 -21.23 -18.12 25.02
N SER D 155 -21.79 -18.65 26.10
CA SER D 155 -21.28 -18.40 27.44
C SER D 155 -19.86 -18.91 27.69
N ARG D 156 -19.41 -19.89 26.90
CA ARG D 156 -18.04 -20.39 27.01
C ARG D 156 -17.02 -19.35 26.54
N GLU D 157 -17.48 -18.44 25.68
CA GLU D 157 -16.62 -17.43 25.05
C GLU D 157 -16.77 -16.06 25.69
N ILE D 158 -18.01 -15.68 25.98
CA ILE D 158 -18.27 -14.39 26.60
C ILE D 158 -19.36 -14.51 27.67
N SER D 159 -19.06 -13.98 28.85
CA SER D 159 -20.07 -13.82 29.90
C SER D 159 -20.45 -12.36 29.96
N VAL D 160 -21.74 -12.07 29.95
CA VAL D 160 -22.20 -10.70 30.01
C VAL D 160 -22.89 -10.54 31.35
N ASP D 161 -22.32 -9.71 32.21
CA ASP D 161 -22.75 -9.64 33.61
C ASP D 161 -23.16 -8.23 33.98
N PRO D 162 -24.07 -8.10 34.94
CA PRO D 162 -24.42 -6.74 35.35
C PRO D 162 -23.36 -6.18 36.29
N THR D 163 -23.34 -4.86 36.49
CA THR D 163 -22.57 -4.30 37.59
C THR D 163 -23.45 -4.38 38.83
N THR D 164 -22.88 -4.11 40.00
CA THR D 164 -23.69 -4.07 41.22
C THR D 164 -23.99 -2.63 41.62
N GLU D 165 -23.54 -1.66 40.82
CA GLU D 165 -23.94 -0.28 41.05
C GLU D 165 -25.14 0.10 40.20
N ASN D 166 -26.27 0.34 40.86
CA ASN D 166 -27.51 0.76 40.21
C ASN D 166 -28.02 2.11 40.66
N SER D 167 -27.43 2.67 41.70
CA SER D 167 -27.92 3.93 42.26
C SER D 167 -27.93 5.06 41.23
N ASP D 168 -27.15 4.92 40.16
CA ASP D 168 -27.09 5.97 39.15
C ASP D 168 -27.90 5.65 37.89
N ASP D 169 -28.73 4.62 37.97
CA ASP D 169 -29.47 4.15 36.80
C ASP D 169 -30.45 5.20 36.25
N SER D 170 -30.98 6.06 37.12
CA SER D 170 -31.85 7.14 36.68
C SER D 170 -31.29 8.50 37.11
N GLU D 171 -30.05 8.51 37.59
CA GLU D 171 -29.47 9.73 38.13
C GLU D 171 -29.27 10.80 37.08
N TYR D 172 -29.11 10.37 35.82
CA TYR D 172 -28.88 11.31 34.73
C TYR D 172 -30.09 11.36 33.81
N PHE D 173 -31.21 10.84 34.31
CA PHE D 173 -32.45 10.94 33.57
C PHE D 173 -32.95 12.38 33.50
N SER D 174 -33.40 12.81 32.32
CA SER D 174 -33.85 14.18 32.12
C SER D 174 -34.97 14.59 33.10
N GLN D 175 -34.77 15.68 33.79
CA GLN D 175 -35.77 16.15 34.74
C GLN D 175 -36.96 16.75 34.01
N TYR D 176 -36.79 16.98 32.71
CA TYR D 176 -37.82 17.66 31.92
C TYR D 176 -38.70 16.70 31.14
N SER D 177 -38.37 15.42 31.18
CA SER D 177 -39.16 14.42 30.49
C SER D 177 -40.56 14.32 31.08
N ARG D 178 -41.50 13.95 30.21
CA ARG D 178 -42.89 13.70 30.55
C ARG D 178 -43.02 12.48 31.46
N PHE D 179 -41.97 11.66 31.46
CA PHE D 179 -41.96 10.41 32.19
C PHE D 179 -41.03 10.47 33.38
N GLU D 180 -41.22 9.56 34.31
CA GLU D 180 -40.31 9.43 35.43
C GLU D 180 -40.01 7.96 35.68
N ILE D 181 -38.77 7.68 36.04
CA ILE D 181 -38.37 6.31 36.28
C ILE D 181 -38.65 5.97 37.75
N LEU D 182 -39.35 4.86 37.96
CA LEU D 182 -39.71 4.45 39.32
C LEU D 182 -38.70 3.48 39.90
N ASP D 183 -38.25 2.53 39.09
CA ASP D 183 -37.24 1.56 39.51
C ASP D 183 -36.54 0.95 38.31
N VAL D 184 -35.29 0.56 38.52
CA VAL D 184 -34.52 -0.15 37.52
C VAL D 184 -33.84 -1.33 38.18
N THR D 185 -34.00 -2.54 37.62
CA THR D 185 -33.14 -3.66 38.02
C THR D 185 -32.35 -4.19 36.83
N GLN D 186 -31.14 -4.67 37.10
CA GLN D 186 -30.27 -5.21 36.07
C GLN D 186 -29.69 -6.52 36.60
N LYS D 187 -30.11 -7.63 36.01
CA LYS D 187 -29.85 -8.96 36.57
C LYS D 187 -29.20 -9.91 35.58
N LYS D 188 -28.45 -10.89 36.08
CA LYS D 188 -27.89 -11.92 35.22
C LYS D 188 -29.02 -12.75 34.62
N ASN D 189 -28.84 -13.17 33.37
CA ASN D 189 -29.83 -14.00 32.71
C ASN D 189 -29.18 -14.85 31.63
N SER D 190 -29.77 -16.01 31.35
CA SER D 190 -29.22 -16.93 30.38
C SER D 190 -30.32 -17.42 29.45
N VAL D 191 -30.09 -17.36 28.16
CA VAL D 191 -31.05 -17.90 27.20
C VAL D 191 -30.48 -19.12 26.47
N THR D 192 -31.29 -20.17 26.40
CA THR D 192 -30.95 -21.35 25.62
C THR D 192 -32.14 -21.71 24.73
N TYR D 193 -31.86 -22.29 23.57
CA TYR D 193 -32.90 -22.69 22.64
C TYR D 193 -32.92 -24.21 22.52
N SER D 194 -34.11 -24.78 22.32
CA SER D 194 -34.29 -26.22 22.38
C SER D 194 -33.49 -26.94 21.31
N CYS D 195 -33.26 -26.26 20.21
CA CYS D 195 -32.56 -26.84 19.07
C CYS D 195 -31.10 -27.16 19.37
N CYS D 196 -30.46 -26.34 20.22
CA CYS D 196 -29.00 -26.30 20.29
C CYS D 196 -28.49 -26.19 21.73
N PRO D 197 -27.23 -26.62 21.97
CA PRO D 197 -26.70 -26.64 23.32
C PRO D 197 -26.10 -25.33 23.81
N GLU D 198 -25.93 -24.34 22.94
CA GLU D 198 -25.34 -23.07 23.36
C GLU D 198 -26.24 -22.35 24.36
N ALA D 199 -25.65 -21.77 25.39
CA ALA D 199 -26.35 -20.78 26.21
C ALA D 199 -25.74 -19.41 25.94
N TYR D 200 -26.57 -18.38 26.02
CA TYR D 200 -26.10 -17.01 25.86
C TYR D 200 -26.33 -16.24 27.15
N GLU D 201 -25.24 -15.77 27.75
CA GLU D 201 -25.34 -15.01 28.99
C GLU D 201 -25.70 -13.57 28.66
N ASP D 202 -26.72 -13.04 29.33
CA ASP D 202 -27.12 -11.67 29.08
C ASP D 202 -27.45 -10.93 30.36
N VAL D 203 -27.59 -9.62 30.26
CA VAL D 203 -28.14 -8.81 31.35
C VAL D 203 -29.59 -8.46 30.99
N GLU D 204 -30.48 -8.68 31.94
CA GLU D 204 -31.88 -8.33 31.74
C GLU D 204 -32.17 -7.08 32.52
N VAL D 205 -32.54 -6.02 31.81
CA VAL D 205 -32.76 -4.74 32.42
C VAL D 205 -34.26 -4.50 32.50
N SER D 206 -34.76 -4.30 33.72
CA SER D 206 -36.18 -4.02 33.92
C SER D 206 -36.37 -2.57 34.29
N LEU D 207 -37.10 -1.86 33.43
CA LEU D 207 -37.30 -0.44 33.56
C LEU D 207 -38.76 -0.20 33.91
N ASN D 208 -39.00 0.23 35.14
CA ASN D 208 -40.33 0.53 35.65
C ASN D 208 -40.50 2.05 35.63
N PHE D 209 -41.46 2.53 34.85
CA PHE D 209 -41.65 3.97 34.65
C PHE D 209 -43.13 4.33 34.46
N ARG D 210 -43.45 5.62 34.56
CA ARG D 210 -44.81 6.07 34.35
C ARG D 210 -44.82 7.48 33.82
N LYS D 211 -45.95 7.88 33.24
CA LYS D 211 -46.18 9.27 32.88
C LYS D 211 -46.39 10.06 34.17
N LYS D 212 -45.74 11.22 34.29
CA LYS D 212 -45.93 12.07 35.46
C LYS D 212 -47.36 12.60 35.51
N GLY D 213 -47.93 12.68 36.71
CA GLY D 213 -49.28 13.21 36.88
C GLY D 213 -49.28 14.72 37.08
N ARG D 214 -50.38 15.36 36.70
CA ARG D 214 -50.48 16.83 36.71
C ARG D 214 -50.13 17.44 38.07
N ASP E 4 -10.37 -26.08 24.24
CA ASP E 4 -9.42 -25.24 23.49
C ASP E 4 -10.10 -24.06 22.82
N ASP E 5 -11.41 -23.92 23.02
CA ASP E 5 -12.18 -22.83 22.42
C ASP E 5 -11.60 -21.45 22.73
N ASP E 6 -11.17 -21.25 23.98
CA ASP E 6 -10.71 -19.92 24.42
C ASP E 6 -9.20 -19.70 24.31
N ASP E 7 -8.51 -20.50 23.52
CA ASP E 7 -7.11 -20.24 23.23
C ASP E 7 -7.04 -19.13 22.18
N LYS E 8 -6.66 -17.93 22.61
CA LYS E 8 -6.75 -16.74 21.76
C LYS E 8 -5.85 -16.80 20.52
N LEU E 9 -4.61 -17.24 20.70
CA LEU E 9 -3.70 -17.37 19.58
C LEU E 9 -4.28 -18.32 18.55
N ASP E 10 -4.88 -19.40 19.03
CA ASP E 10 -5.53 -20.35 18.12
C ASP E 10 -6.64 -19.66 17.31
N ARG E 11 -7.46 -18.85 17.98
CA ARG E 11 -8.55 -18.18 17.27
C ARG E 11 -8.01 -17.20 16.23
N ALA E 12 -6.99 -16.46 16.62
CA ALA E 12 -6.37 -15.50 15.70
C ALA E 12 -5.79 -16.22 14.48
N ASP E 13 -5.16 -17.38 14.70
CA ASP E 13 -4.61 -18.16 13.61
C ASP E 13 -5.71 -18.70 12.71
N ILE E 14 -6.83 -19.09 13.31
CA ILE E 14 -7.97 -19.57 12.53
C ILE E 14 -8.52 -18.45 11.63
N LEU E 15 -8.64 -17.24 12.19
CA LEU E 15 -9.15 -16.10 11.42
C LEU E 15 -8.20 -15.76 10.28
N TYR E 16 -6.90 -15.83 10.55
CA TYR E 16 -5.91 -15.60 9.49
C TYR E 16 -6.08 -16.64 8.39
N ASN E 17 -6.25 -17.90 8.76
CA ASN E 17 -6.39 -18.97 7.76
C ASN E 17 -7.64 -18.78 6.92
N ILE E 18 -8.73 -18.44 7.58
CA ILE E 18 -10.00 -18.21 6.89
C ILE E 18 -9.85 -17.06 5.91
N ARG E 19 -9.18 -16.00 6.31
CA ARG E 19 -8.99 -14.85 5.44
C ARG E 19 -8.02 -15.12 4.28
N GLN E 20 -7.07 -16.01 4.48
CA GLN E 20 -6.19 -16.39 3.38
C GLN E 20 -6.96 -17.15 2.30
N THR E 21 -7.89 -18.02 2.71
CA THR E 21 -8.52 -18.93 1.77
C THR E 21 -9.86 -18.42 1.25
N SER E 22 -10.51 -17.56 2.03
CA SER E 22 -11.82 -17.08 1.66
C SER E 22 -11.80 -16.21 0.39
N ARG E 23 -12.71 -16.52 -0.53
CA ARG E 23 -12.96 -15.66 -1.68
C ARG E 23 -14.37 -15.08 -1.52
N PRO E 24 -14.49 -13.89 -0.91
CA PRO E 24 -15.82 -13.36 -0.56
C PRO E 24 -16.70 -13.07 -1.77
N ASP E 25 -16.13 -13.00 -2.96
CA ASP E 25 -16.92 -12.61 -4.13
C ASP E 25 -17.25 -13.77 -5.06
N VAL E 26 -16.79 -14.96 -4.68
CA VAL E 26 -16.95 -16.16 -5.49
C VAL E 26 -17.79 -17.22 -4.78
N ILE E 27 -18.80 -17.75 -5.46
CA ILE E 27 -19.65 -18.76 -4.84
C ILE E 27 -18.84 -20.01 -4.54
N PRO E 28 -19.02 -20.57 -3.33
CA PRO E 28 -18.20 -21.71 -2.87
C PRO E 28 -18.72 -23.05 -3.38
N THR E 29 -18.77 -23.22 -4.70
CA THR E 29 -19.27 -24.45 -5.30
C THR E 29 -18.29 -25.60 -5.10
N GLN E 30 -18.81 -26.72 -4.63
CA GLN E 30 -18.01 -27.92 -4.41
C GLN E 30 -18.45 -29.01 -5.38
N ARG E 31 -17.48 -29.58 -6.11
CA ARG E 31 -17.75 -30.70 -7.00
C ARG E 31 -18.65 -30.30 -8.16
N ASP E 32 -18.50 -29.07 -8.65
CA ASP E 32 -19.35 -28.55 -9.72
C ASP E 32 -20.83 -28.77 -9.43
N ARG E 33 -21.21 -28.67 -8.17
CA ARG E 33 -22.61 -28.75 -7.77
C ARG E 33 -23.00 -27.40 -7.15
N PRO E 34 -24.31 -27.10 -7.12
CA PRO E 34 -24.77 -25.79 -6.61
C PRO E 34 -24.46 -25.63 -5.13
N VAL E 35 -24.25 -24.40 -4.69
CA VAL E 35 -24.13 -24.14 -3.25
C VAL E 35 -25.51 -24.31 -2.62
N ALA E 36 -25.60 -25.19 -1.63
CA ALA E 36 -26.87 -25.43 -0.95
C ALA E 36 -27.02 -24.48 0.23
N VAL E 37 -27.99 -23.58 0.15
CA VAL E 37 -28.23 -22.61 1.20
C VAL E 37 -29.53 -22.91 1.93
N SER E 38 -29.45 -23.05 3.25
CA SER E 38 -30.64 -23.22 4.08
C SER E 38 -31.02 -21.90 4.71
N VAL E 39 -32.33 -21.59 4.68
CA VAL E 39 -32.83 -20.36 5.24
C VAL E 39 -34.06 -20.67 6.07
N SER E 40 -34.05 -20.19 7.31
CA SER E 40 -35.17 -20.36 8.21
C SER E 40 -35.43 -19.04 8.93
N LEU E 41 -36.61 -18.46 8.74
CA LEU E 41 -36.96 -17.21 9.41
C LEU E 41 -37.57 -17.49 10.76
N LYS E 42 -36.97 -16.96 11.82
CA LYS E 42 -37.56 -17.04 13.15
C LYS E 42 -38.24 -15.71 13.42
N PHE E 43 -39.57 -15.67 13.35
CA PHE E 43 -40.27 -14.41 13.51
C PHE E 43 -40.24 -13.95 14.97
N ILE E 44 -39.89 -12.68 15.14
CA ILE E 44 -39.72 -12.11 16.47
C ILE E 44 -40.86 -11.18 16.81
N ASN E 45 -41.29 -10.42 15.80
CA ASN E 45 -42.37 -9.49 16.01
C ASN E 45 -43.08 -9.12 14.72
N ILE E 46 -44.36 -8.79 14.85
CA ILE E 46 -45.12 -8.19 13.78
C ILE E 46 -45.55 -6.82 14.28
N LEU E 47 -45.00 -5.77 13.67
CA LEU E 47 -45.06 -4.43 14.24
C LEU E 47 -46.22 -3.61 13.71
N GLU E 48 -46.50 -3.76 12.43
CA GLU E 48 -47.54 -3.00 11.78
C GLU E 48 -48.12 -3.87 10.68
N VAL E 49 -49.42 -3.76 10.50
CA VAL E 49 -50.10 -4.52 9.48
C VAL E 49 -51.17 -3.61 8.93
N ASN E 50 -51.35 -3.64 7.61
CA ASN E 50 -52.34 -2.78 6.98
C ASN E 50 -53.16 -3.57 5.98
N GLU E 51 -54.44 -3.79 6.31
CA GLU E 51 -55.28 -4.67 5.50
C GLU E 51 -55.79 -3.95 4.26
N ILE E 52 -55.71 -2.61 4.26
CA ILE E 52 -56.07 -1.83 3.08
C ILE E 52 -55.00 -1.92 1.98
N THR E 53 -53.73 -1.80 2.38
CA THR E 53 -52.65 -1.76 1.40
C THR E 53 -51.95 -3.11 1.25
N ASN E 54 -52.29 -4.06 2.13
CA ASN E 54 -51.68 -5.38 2.12
C ASN E 54 -50.17 -5.27 2.35
N GLU E 55 -49.79 -4.55 3.41
CA GLU E 55 -48.38 -4.41 3.79
C GLU E 55 -48.17 -4.83 5.25
N VAL E 56 -47.02 -5.42 5.52
CA VAL E 56 -46.66 -5.80 6.88
C VAL E 56 -45.24 -5.32 7.20
N ASP E 57 -45.01 -5.05 8.47
CA ASP E 57 -43.72 -4.61 8.97
C ASP E 57 -43.29 -5.61 10.05
N VAL E 58 -42.20 -6.34 9.83
CA VAL E 58 -41.89 -7.43 10.75
C VAL E 58 -40.42 -7.46 11.15
N VAL E 59 -40.13 -8.19 12.23
CA VAL E 59 -38.77 -8.46 12.64
C VAL E 59 -38.55 -9.97 12.70
N PHE E 60 -37.46 -10.43 12.11
CA PHE E 60 -37.20 -11.85 12.15
C PHE E 60 -35.72 -12.10 12.20
N TRP E 61 -35.36 -13.25 12.77
CA TRP E 61 -33.98 -13.71 12.77
C TRP E 61 -33.78 -14.60 11.54
N GLN E 62 -32.88 -14.21 10.65
CA GLN E 62 -32.73 -14.94 9.39
C GLN E 62 -31.62 -15.97 9.52
N GLN E 63 -31.97 -17.19 9.94
CA GLN E 63 -31.00 -18.25 10.15
C GLN E 63 -30.53 -18.78 8.79
N THR E 64 -29.31 -18.43 8.42
CA THR E 64 -28.79 -18.74 7.10
C THR E 64 -27.56 -19.63 7.21
N THR E 65 -27.57 -20.78 6.57
CA THR E 65 -26.42 -21.69 6.69
C THR E 65 -26.04 -22.30 5.35
N TRP E 66 -24.76 -22.57 5.21
CA TRP E 66 -24.20 -23.18 4.01
C TRP E 66 -22.82 -23.69 4.39
N SER E 67 -22.20 -24.46 3.50
CA SER E 67 -20.85 -24.95 3.74
C SER E 67 -19.83 -24.40 2.75
N ASP E 68 -18.62 -24.16 3.24
CA ASP E 68 -17.45 -23.99 2.37
C ASP E 68 -16.33 -24.81 2.99
N ARG E 69 -16.14 -26.02 2.49
CA ARG E 69 -15.17 -26.95 3.06
C ARG E 69 -13.74 -26.47 2.95
N THR E 70 -13.45 -25.51 2.08
CA THR E 70 -12.09 -25.00 1.96
C THR E 70 -11.70 -24.24 3.22
N LEU E 71 -12.70 -23.85 4.00
CA LEU E 71 -12.50 -23.11 5.24
C LEU E 71 -12.23 -24.02 6.44
N ALA E 72 -12.47 -25.32 6.27
CA ALA E 72 -12.40 -26.27 7.38
C ALA E 72 -10.99 -26.39 7.94
N TRP E 73 -10.89 -26.76 9.21
CA TRP E 73 -9.58 -27.03 9.81
C TRP E 73 -9.69 -28.15 10.83
N ASN E 74 -8.55 -28.71 11.18
CA ASN E 74 -8.44 -29.75 12.19
C ASN E 74 -8.55 -29.12 13.57
N SER E 75 -9.65 -29.40 14.26
CA SER E 75 -9.88 -28.84 15.60
C SER E 75 -9.68 -29.87 16.71
N SER E 76 -8.81 -30.84 16.47
CA SER E 76 -8.45 -31.82 17.50
C SER E 76 -7.96 -31.14 18.75
N HIS E 77 -7.15 -30.09 18.58
CA HIS E 77 -6.62 -29.38 19.72
C HIS E 77 -6.70 -27.87 19.51
N SER E 78 -7.80 -27.44 18.89
CA SER E 78 -8.05 -26.03 18.64
C SER E 78 -9.54 -25.72 18.72
N PRO E 79 -9.91 -24.43 18.67
CA PRO E 79 -11.33 -24.06 18.75
C PRO E 79 -12.19 -24.72 17.67
N ASP E 80 -13.43 -25.04 18.03
CA ASP E 80 -14.39 -25.67 17.12
C ASP E 80 -15.06 -24.64 16.21
N GLN E 81 -15.11 -23.41 16.68
CA GLN E 81 -15.84 -22.35 16.00
C GLN E 81 -15.22 -21.00 16.32
N VAL E 82 -15.37 -20.04 15.40
CA VAL E 82 -14.97 -18.67 15.65
C VAL E 82 -15.99 -17.73 15.00
N SER E 83 -16.09 -16.50 15.50
CA SER E 83 -16.92 -15.48 14.87
C SER E 83 -16.06 -14.73 13.86
N VAL E 84 -16.64 -14.40 12.70
CA VAL E 84 -15.92 -13.78 11.60
C VAL E 84 -16.79 -12.68 11.00
N PRO E 85 -16.22 -11.48 10.79
CA PRO E 85 -17.01 -10.43 10.12
C PRO E 85 -17.45 -10.90 8.74
N ILE E 86 -18.69 -10.64 8.36
CA ILE E 86 -19.15 -11.18 7.08
C ILE E 86 -18.40 -10.55 5.92
N SER E 87 -17.76 -9.41 6.13
CA SER E 87 -16.99 -8.82 5.06
C SER E 87 -15.78 -9.68 4.65
N SER E 88 -15.38 -10.62 5.51
CA SER E 88 -14.29 -11.54 5.21
C SER E 88 -14.74 -12.81 4.49
N LEU E 89 -16.04 -12.95 4.29
CA LEU E 89 -16.64 -14.19 3.81
C LEU E 89 -17.53 -14.00 2.61
N TRP E 90 -17.65 -15.04 1.78
CA TRP E 90 -18.78 -15.09 0.86
C TRP E 90 -20.05 -15.30 1.65
N VAL E 91 -21.08 -14.52 1.33
CA VAL E 91 -22.41 -14.74 1.89
C VAL E 91 -23.39 -14.79 0.74
N PRO E 92 -24.43 -15.63 0.83
CA PRO E 92 -25.40 -15.69 -0.27
C PRO E 92 -26.10 -14.36 -0.52
N ASP E 93 -26.27 -14.00 -1.79
CA ASP E 93 -26.91 -12.74 -2.17
C ASP E 93 -28.44 -12.86 -2.14
N LEU E 94 -28.97 -13.18 -0.96
CA LEU E 94 -30.41 -13.37 -0.80
C LEU E 94 -31.18 -12.05 -0.84
N ALA E 95 -32.42 -12.13 -1.33
CA ALA E 95 -33.33 -11.00 -1.37
C ALA E 95 -34.74 -11.52 -1.27
N ALA E 96 -35.63 -10.74 -0.65
CA ALA E 96 -37.05 -11.08 -0.66
C ALA E 96 -37.71 -10.44 -1.88
N TYR E 97 -38.36 -11.26 -2.69
CA TYR E 97 -39.01 -10.79 -3.92
C TYR E 97 -40.11 -9.75 -3.68
N ASN E 98 -40.80 -9.85 -2.55
CA ASN E 98 -41.91 -8.94 -2.27
C ASN E 98 -41.58 -7.95 -1.15
N ALA E 99 -40.28 -7.74 -0.89
CA ALA E 99 -39.89 -6.69 0.04
C ALA E 99 -40.16 -5.31 -0.55
N ILE E 100 -40.62 -4.39 0.30
CA ILE E 100 -40.89 -3.03 -0.16
C ILE E 100 -40.12 -2.00 0.66
N SER E 101 -39.16 -2.48 1.45
CA SER E 101 -38.21 -1.59 2.11
C SER E 101 -36.88 -2.34 2.18
N LYS E 102 -35.79 -1.65 2.46
CA LYS E 102 -34.52 -2.36 2.52
C LYS E 102 -34.43 -3.13 3.83
N PRO E 103 -33.73 -4.27 3.80
CA PRO E 103 -33.58 -5.07 5.01
C PRO E 103 -32.70 -4.35 6.01
N GLU E 104 -33.28 -3.90 7.12
CA GLU E 104 -32.51 -3.25 8.17
C GLU E 104 -31.92 -4.27 9.15
N VAL E 105 -30.59 -4.43 9.10
CA VAL E 105 -29.93 -5.40 9.96
C VAL E 105 -29.71 -4.78 11.32
N LEU E 106 -30.27 -5.41 12.35
CA LEU E 106 -30.28 -4.81 13.67
C LEU E 106 -29.11 -5.26 14.54
N THR E 107 -28.36 -6.25 14.08
CA THR E 107 -27.37 -6.93 14.91
C THR E 107 -25.96 -6.83 14.31
N PRO E 108 -24.93 -7.12 15.12
CA PRO E 108 -23.54 -7.16 14.65
C PRO E 108 -23.40 -8.07 13.44
N GLN E 109 -22.69 -7.62 12.41
CA GLN E 109 -22.65 -8.37 11.17
C GLN E 109 -21.51 -9.39 11.19
N LEU E 110 -21.67 -10.36 12.07
CA LEU E 110 -20.69 -11.41 12.28
C LEU E 110 -21.35 -12.76 11.98
N ALA E 111 -20.61 -13.65 11.33
CA ALA E 111 -21.07 -15.03 11.15
C ALA E 111 -20.26 -15.96 12.04
N ARG E 112 -20.75 -17.19 12.24
CA ARG E 112 -19.95 -18.26 12.83
C ARG E 112 -19.40 -19.16 11.75
N VAL E 113 -18.13 -19.53 11.88
CA VAL E 113 -17.55 -20.52 11.00
C VAL E 113 -17.15 -21.72 11.85
N VAL E 114 -17.62 -22.90 11.47
CA VAL E 114 -17.37 -24.14 12.21
C VAL E 114 -16.19 -24.85 11.55
N SER E 115 -15.42 -25.60 12.34
CA SER E 115 -14.19 -26.21 11.82
C SER E 115 -14.42 -27.24 10.71
N ASP E 116 -15.67 -27.61 10.48
CA ASP E 116 -15.99 -28.50 9.37
C ASP E 116 -16.39 -27.76 8.10
N GLY E 117 -16.23 -26.42 8.11
CA GLY E 117 -16.57 -25.62 6.96
C GLY E 117 -17.99 -25.06 6.93
N GLU E 118 -18.81 -25.46 7.90
CA GLU E 118 -20.17 -24.92 7.99
C GLU E 118 -20.16 -23.45 8.39
N VAL E 119 -20.95 -22.63 7.71
CA VAL E 119 -21.07 -21.21 8.07
C VAL E 119 -22.50 -20.88 8.49
N LEU E 120 -22.64 -20.15 9.61
CA LEU E 120 -23.95 -19.68 10.06
C LEU E 120 -23.98 -18.17 10.19
N TYR E 121 -24.86 -17.54 9.45
CA TYR E 121 -25.07 -16.10 9.55
C TYR E 121 -26.54 -15.88 9.90
N MET E 122 -26.78 -15.17 10.98
CA MET E 122 -28.15 -14.99 11.45
C MET E 122 -28.41 -13.58 11.91
N PRO E 123 -28.59 -12.67 10.95
CA PRO E 123 -28.94 -11.30 11.30
C PRO E 123 -30.38 -11.20 11.82
N SER E 124 -30.60 -10.28 12.76
CA SER E 124 -31.96 -9.84 13.06
C SER E 124 -32.30 -8.75 12.07
N ILE E 125 -33.42 -8.93 11.36
CA ILE E 125 -33.79 -8.03 10.27
C ILE E 125 -35.17 -7.44 10.51
N ARG E 126 -35.28 -6.13 10.37
CA ARG E 126 -36.59 -5.49 10.26
C ARG E 126 -36.85 -5.11 8.81
N GLN E 127 -37.99 -5.51 8.26
CA GLN E 127 -38.28 -5.24 6.86
C GLN E 127 -39.78 -5.22 6.59
N ARG E 128 -40.17 -4.53 5.52
CA ARG E 128 -41.58 -4.40 5.15
C ARG E 128 -41.87 -5.18 3.86
N PHE E 129 -43.05 -5.79 3.80
CA PHE E 129 -43.42 -6.64 2.67
C PHE E 129 -44.82 -6.34 2.14
N SER E 130 -45.00 -6.57 0.85
CA SER E 130 -46.31 -6.61 0.22
C SER E 130 -46.80 -8.04 0.22
N CYS E 131 -47.90 -8.33 0.92
CA CYS E 131 -48.42 -9.69 0.98
C CYS E 131 -49.88 -9.70 1.38
N ASP E 132 -50.49 -10.88 1.40
CA ASP E 132 -51.91 -11.01 1.69
C ASP E 132 -52.19 -10.86 3.20
N VAL E 133 -52.74 -9.71 3.57
CA VAL E 133 -53.05 -9.41 4.96
C VAL E 133 -54.55 -9.65 5.24
N SER E 134 -55.30 -10.05 4.22
CA SER E 134 -56.73 -10.29 4.41
C SER E 134 -56.96 -11.44 5.41
N GLY E 135 -57.97 -11.27 6.27
CA GLY E 135 -58.29 -12.29 7.26
C GLY E 135 -57.57 -12.13 8.57
N VAL E 136 -56.78 -11.07 8.71
CA VAL E 136 -55.97 -10.87 9.91
C VAL E 136 -56.85 -10.67 11.14
N ASP E 137 -58.04 -10.12 10.95
CA ASP E 137 -58.95 -9.92 12.08
C ASP E 137 -60.02 -11.01 12.12
N THR E 138 -59.59 -12.24 11.88
CA THR E 138 -60.48 -13.40 11.93
C THR E 138 -59.77 -14.50 12.71
N GLU E 139 -60.50 -15.57 13.04
CA GLU E 139 -59.89 -16.67 13.78
C GLU E 139 -58.81 -17.42 12.99
N SER E 140 -59.06 -17.67 11.71
CA SER E 140 -58.12 -18.48 10.94
C SER E 140 -56.92 -17.64 10.49
N GLY E 141 -57.10 -16.32 10.54
CA GLY E 141 -56.00 -15.39 10.35
C GLY E 141 -55.64 -15.11 8.91
N ALA E 142 -54.62 -14.28 8.72
CA ALA E 142 -54.08 -14.01 7.40
C ALA E 142 -52.90 -14.93 7.15
N THR E 143 -52.58 -15.14 5.88
CA THR E 143 -51.38 -15.89 5.53
C THR E 143 -50.53 -15.03 4.60
N CYS E 144 -49.41 -14.55 5.14
CA CYS E 144 -48.53 -13.64 4.43
C CYS E 144 -47.31 -14.43 3.93
N ARG E 145 -47.13 -14.49 2.61
CA ARG E 145 -46.04 -15.26 2.05
C ARG E 145 -44.87 -14.36 1.64
N ILE E 146 -43.69 -14.76 2.09
CA ILE E 146 -42.46 -14.06 1.78
C ILE E 146 -41.57 -15.01 0.97
N LYS E 147 -41.20 -14.58 -0.23
CA LYS E 147 -40.38 -15.39 -1.12
C LYS E 147 -38.95 -14.90 -1.08
N ILE E 148 -38.04 -15.78 -0.67
CA ILE E 148 -36.64 -15.41 -0.53
C ILE E 148 -35.75 -16.29 -1.42
N GLY E 149 -34.89 -15.66 -2.21
CA GLY E 149 -33.97 -16.41 -3.05
C GLY E 149 -32.72 -15.62 -3.39
N SER E 150 -31.75 -16.30 -3.99
CA SER E 150 -30.60 -15.62 -4.54
C SER E 150 -31.04 -14.61 -5.59
N TRP E 151 -30.52 -13.39 -5.52
CA TRP E 151 -30.91 -12.37 -6.47
C TRP E 151 -30.27 -12.55 -7.85
N THR E 152 -29.02 -13.03 -7.89
CA THR E 152 -28.34 -13.09 -9.18
C THR E 152 -27.86 -14.48 -9.60
N HIS E 153 -28.03 -15.48 -8.73
CA HIS E 153 -27.58 -16.83 -9.06
C HIS E 153 -28.77 -17.76 -9.32
N HIS E 154 -28.81 -18.37 -10.50
CA HIS E 154 -29.88 -19.30 -10.84
C HIS E 154 -29.62 -20.66 -10.19
N SER E 155 -30.56 -21.59 -10.37
CA SER E 155 -30.56 -22.84 -9.59
C SER E 155 -29.31 -23.71 -9.77
N ARG E 156 -28.65 -23.59 -10.91
CA ARG E 156 -27.45 -24.40 -11.16
C ARG E 156 -26.29 -23.94 -10.26
N GLU E 157 -26.37 -22.70 -9.77
CA GLU E 157 -25.31 -22.08 -8.99
C GLU E 157 -25.60 -22.06 -7.49
N ILE E 158 -26.83 -21.72 -7.13
CA ILE E 158 -27.28 -21.75 -5.75
C ILE E 158 -28.62 -22.43 -5.62
N SER E 159 -28.73 -23.30 -4.62
CA SER E 159 -30.01 -23.89 -4.23
C SER E 159 -30.42 -23.32 -2.89
N VAL E 160 -31.62 -22.76 -2.80
CA VAL E 160 -32.13 -22.28 -1.52
C VAL E 160 -33.22 -23.23 -1.01
N ASP E 161 -32.98 -23.82 0.16
CA ASP E 161 -33.87 -24.85 0.71
C ASP E 161 -34.24 -24.54 2.16
N PRO E 162 -35.43 -24.99 2.60
CA PRO E 162 -35.86 -24.75 3.98
C PRO E 162 -35.04 -25.54 5.01
N ASN E 166 -42.17 -26.37 9.89
CA ASN E 166 -43.48 -26.14 10.50
C ASN E 166 -43.38 -25.85 12.00
N SER E 167 -43.76 -24.64 12.38
CA SER E 167 -43.62 -24.20 13.77
C SER E 167 -44.52 -22.99 14.05
N ASP E 168 -44.72 -22.66 15.32
CA ASP E 168 -45.41 -21.41 15.64
C ASP E 168 -44.45 -20.42 16.28
N ASP E 169 -43.16 -20.74 16.25
CA ASP E 169 -42.10 -19.84 16.72
C ASP E 169 -42.32 -19.37 18.15
N SER E 170 -42.88 -20.23 18.98
CA SER E 170 -43.19 -19.84 20.37
C SER E 170 -41.92 -19.56 21.17
N GLU E 171 -40.77 -20.05 20.73
CA GLU E 171 -39.53 -19.75 21.43
C GLU E 171 -39.02 -18.35 21.11
N TYR E 172 -39.48 -17.78 20.00
CA TYR E 172 -38.90 -16.54 19.49
C TYR E 172 -39.86 -15.36 19.47
N PHE E 173 -41.14 -15.65 19.24
CA PHE E 173 -42.08 -14.57 18.96
C PHE E 173 -42.45 -13.78 20.21
N SER E 174 -42.47 -12.46 20.08
CA SER E 174 -42.68 -11.57 21.22
C SER E 174 -44.04 -11.71 21.86
N GLN E 175 -44.04 -11.94 23.16
CA GLN E 175 -45.23 -11.88 24.01
C GLN E 175 -46.02 -10.59 23.88
N TYR E 176 -45.38 -9.52 23.42
CA TYR E 176 -45.96 -8.19 23.51
C TYR E 176 -46.44 -7.67 22.17
N SER E 177 -46.43 -8.53 21.16
CA SER E 177 -47.00 -8.17 19.87
C SER E 177 -48.52 -8.05 19.98
N ARG E 178 -49.11 -7.19 19.16
CA ARG E 178 -50.57 -7.13 19.08
C ARG E 178 -51.07 -8.32 18.27
N PHE E 179 -50.12 -9.09 17.71
CA PHE E 179 -50.46 -10.24 16.88
C PHE E 179 -49.98 -11.54 17.49
N GLU E 180 -50.49 -12.66 16.98
CA GLU E 180 -49.99 -13.96 17.41
C GLU E 180 -49.82 -14.88 16.20
N ILE E 181 -48.83 -15.75 16.27
CA ILE E 181 -48.56 -16.63 15.15
C ILE E 181 -49.30 -17.94 15.29
N LEU E 182 -50.04 -18.30 14.24
CA LEU E 182 -50.73 -19.58 14.21
C LEU E 182 -49.82 -20.68 13.62
N ASP E 183 -49.05 -20.33 12.60
CA ASP E 183 -48.14 -21.30 11.99
C ASP E 183 -47.17 -20.65 11.01
N VAL E 184 -45.94 -21.15 10.98
CA VAL E 184 -44.96 -20.75 9.99
C VAL E 184 -44.49 -21.98 9.23
N THR E 185 -44.74 -22.01 7.92
CA THR E 185 -44.22 -23.12 7.11
C THR E 185 -43.30 -22.59 6.03
N GLN E 186 -42.36 -23.41 5.62
CA GLN E 186 -41.40 -22.99 4.60
C GLN E 186 -41.33 -24.08 3.55
N LYS E 187 -41.66 -23.72 2.32
CA LYS E 187 -41.73 -24.67 1.23
C LYS E 187 -40.79 -24.29 0.09
N LYS E 188 -40.03 -25.27 -0.38
CA LYS E 188 -39.16 -25.08 -1.53
C LYS E 188 -40.00 -24.60 -2.70
N ASN E 189 -39.52 -23.56 -3.37
CA ASN E 189 -40.22 -23.02 -4.53
C ASN E 189 -39.21 -22.71 -5.62
N SER E 190 -39.70 -22.51 -6.83
CA SER E 190 -38.83 -22.26 -7.97
C SER E 190 -39.52 -21.31 -8.92
N VAL E 191 -38.83 -20.23 -9.27
CA VAL E 191 -39.42 -19.20 -10.12
C VAL E 191 -38.77 -19.18 -11.51
N THR E 192 -39.61 -19.11 -12.53
CA THR E 192 -39.15 -18.96 -13.90
C THR E 192 -39.95 -17.85 -14.57
N TYR E 193 -39.29 -17.13 -15.47
CA TYR E 193 -39.95 -16.08 -16.24
C TYR E 193 -39.94 -16.46 -17.71
N SER E 194 -41.00 -16.08 -18.41
CA SER E 194 -41.22 -16.47 -19.80
C SER E 194 -40.11 -16.06 -20.76
N CYS E 195 -39.47 -14.93 -20.48
CA CYS E 195 -38.48 -14.36 -21.38
C CYS E 195 -37.18 -15.15 -21.42
N CYS E 196 -36.92 -15.92 -20.37
CA CYS E 196 -35.57 -16.41 -20.13
C CYS E 196 -35.56 -17.86 -19.62
N PRO E 197 -34.46 -18.59 -19.87
CA PRO E 197 -34.40 -20.03 -19.63
C PRO E 197 -34.26 -20.44 -18.16
N GLU E 198 -33.38 -19.78 -17.42
CA GLU E 198 -32.98 -20.27 -16.10
C GLU E 198 -34.09 -20.08 -15.06
N ALA E 199 -34.04 -20.92 -14.03
CA ALA E 199 -34.97 -20.82 -12.91
C ALA E 199 -34.23 -20.35 -11.67
N TYR E 200 -34.94 -19.68 -10.79
CA TYR E 200 -34.40 -19.28 -9.50
C TYR E 200 -35.04 -20.08 -8.39
N GLU E 201 -34.23 -20.74 -7.58
CA GLU E 201 -34.76 -21.44 -6.43
C GLU E 201 -35.02 -20.41 -5.34
N ASP E 202 -36.12 -20.59 -4.63
CA ASP E 202 -36.39 -19.71 -3.51
C ASP E 202 -37.14 -20.48 -2.45
N VAL E 203 -37.11 -19.97 -1.23
CA VAL E 203 -37.94 -20.53 -0.18
C VAL E 203 -39.18 -19.66 -0.08
N GLU E 204 -40.34 -20.31 0.03
CA GLU E 204 -41.57 -19.57 0.28
C GLU E 204 -41.94 -19.72 1.74
N VAL E 205 -41.91 -18.60 2.47
CA VAL E 205 -42.20 -18.63 3.90
C VAL E 205 -43.63 -18.20 4.11
N SER E 206 -44.47 -19.10 4.62
CA SER E 206 -45.88 -18.78 4.81
C SER E 206 -46.15 -18.45 6.26
N LEU E 207 -46.33 -17.17 6.54
CA LEU E 207 -46.62 -16.69 7.87
C LEU E 207 -48.13 -16.61 8.10
N ASN E 208 -48.68 -17.57 8.83
CA ASN E 208 -50.09 -17.57 9.20
C ASN E 208 -50.24 -16.93 10.58
N PHE E 209 -50.97 -15.81 10.65
CA PHE E 209 -51.04 -15.03 11.86
C PHE E 209 -52.37 -14.30 11.98
N ARG E 210 -52.65 -13.77 13.16
CA ARG E 210 -53.89 -13.04 13.39
C ARG E 210 -53.76 -12.06 14.54
N LYS E 211 -54.69 -11.10 14.62
CA LYS E 211 -54.75 -10.16 15.72
C LYS E 211 -54.99 -10.93 17.00
N LYS E 212 -54.25 -10.56 18.05
CA LYS E 212 -54.32 -11.28 19.32
C LYS E 212 -55.47 -10.76 20.20
N GLY E 213 -56.14 -11.67 20.89
CA GLY E 213 -57.19 -11.32 21.83
C GLY E 213 -58.29 -10.46 21.25
N ARG E 214 -58.73 -10.81 20.05
CA ARG E 214 -59.71 -9.97 19.39
C ARG E 214 -61.10 -10.22 19.96
N SER E 215 -61.88 -9.15 20.06
CA SER E 215 -63.25 -9.31 20.50
C SER E 215 -64.10 -9.73 19.31
N GLU E 216 -64.98 -10.71 19.54
CA GLU E 216 -65.80 -11.28 18.48
C GLU E 216 -67.30 -11.02 18.65
N ILE E 217 -68.01 -11.12 17.53
CA ILE E 217 -69.46 -11.27 17.56
C ILE E 217 -69.75 -12.77 17.51
N LEU E 218 -70.44 -13.29 18.51
CA LEU E 218 -70.76 -14.71 18.58
C LEU E 218 -72.24 -14.96 18.28
N LYS F 3 19.52 2.71 33.36
CA LYS F 3 18.74 1.65 33.99
C LYS F 3 17.50 1.29 33.19
N ASP F 4 17.08 2.18 32.30
CA ASP F 4 15.93 1.92 31.41
C ASP F 4 16.36 1.43 30.03
N ASP F 5 17.66 1.33 29.81
CA ASP F 5 18.20 0.94 28.50
C ASP F 5 17.57 -0.33 27.92
N ASP F 6 17.37 -1.34 28.74
CA ASP F 6 16.90 -2.62 28.23
C ASP F 6 15.39 -2.82 28.34
N ASP F 7 14.65 -1.72 28.43
CA ASP F 7 13.20 -1.78 28.34
C ASP F 7 12.83 -1.88 26.86
N LYS F 8 12.46 -3.07 26.40
CA LYS F 8 12.28 -3.32 24.98
C LYS F 8 11.17 -2.49 24.35
N LEU F 9 10.06 -2.36 25.08
CA LEU F 9 8.92 -1.61 24.54
C LEU F 9 9.30 -0.15 24.37
N ASP F 10 10.04 0.38 25.35
CA ASP F 10 10.56 1.74 25.27
C ASP F 10 11.43 1.91 24.02
N ARG F 11 12.33 0.96 23.77
CA ARG F 11 13.19 1.05 22.59
C ARG F 11 12.37 1.04 21.30
N ALA F 12 11.39 0.14 21.21
CA ALA F 12 10.53 0.06 20.05
C ALA F 12 9.77 1.37 19.84
N ASP F 13 9.35 2.01 20.93
CA ASP F 13 8.64 3.28 20.83
C ASP F 13 9.57 4.39 20.38
N ILE F 14 10.81 4.40 20.87
CA ILE F 14 11.76 5.40 20.41
C ILE F 14 12.00 5.26 18.89
N LEU F 15 12.13 4.03 18.43
CA LEU F 15 12.38 3.78 17.01
C LEU F 15 11.17 4.24 16.18
N TYR F 16 9.98 3.93 16.67
CA TYR F 16 8.76 4.46 16.06
C TYR F 16 8.78 5.99 15.99
N ASN F 17 9.11 6.63 17.11
CA ASN F 17 9.19 8.10 17.14
C ASN F 17 10.21 8.67 16.14
N ILE F 18 11.37 8.05 16.07
CA ILE F 18 12.41 8.51 15.16
C ILE F 18 11.95 8.38 13.72
N ARG F 19 11.25 7.29 13.41
CA ARG F 19 10.82 7.06 12.04
C ARG F 19 9.69 7.99 11.64
N GLN F 20 8.88 8.38 12.61
CA GLN F 20 7.83 9.34 12.34
C GLN F 20 8.40 10.71 12.02
N THR F 21 9.47 11.10 12.72
CA THR F 21 9.97 12.47 12.60
C THR F 21 11.10 12.62 11.58
N SER F 22 11.86 11.55 11.38
CA SER F 22 13.01 11.61 10.50
C SER F 22 12.62 11.88 9.05
N ARG F 23 13.38 12.77 8.41
CA ARG F 23 13.30 13.01 6.98
C ARG F 23 14.61 12.60 6.32
N PRO F 24 14.70 11.35 5.85
CA PRO F 24 15.98 10.79 5.40
C PRO F 24 16.61 11.55 4.23
N ASP F 25 15.81 12.29 3.46
CA ASP F 25 16.35 12.92 2.26
C ASP F 25 16.52 14.44 2.39
N VAL F 26 16.23 14.99 3.55
CA VAL F 26 16.34 16.44 3.75
C VAL F 26 17.43 16.78 4.77
N ILE F 27 18.28 17.76 4.45
CA ILE F 27 19.35 18.07 5.41
C ILE F 27 18.74 18.66 6.68
N PRO F 28 19.22 18.21 7.85
CA PRO F 28 18.64 18.63 9.13
C PRO F 28 19.18 19.99 9.58
N THR F 29 18.91 21.00 8.78
CA THR F 29 19.40 22.33 9.09
C THR F 29 18.51 22.94 10.16
N GLN F 30 19.15 23.42 11.22
CA GLN F 30 18.44 23.99 12.37
C GLN F 30 18.91 25.43 12.60
N ARG F 31 17.98 26.29 13.01
CA ARG F 31 18.30 27.69 13.31
C ARG F 31 18.97 28.41 12.15
N ASP F 32 18.50 28.13 10.93
CA ASP F 32 19.06 28.73 9.71
C ASP F 32 20.59 28.65 9.61
N ARG F 33 21.15 27.57 10.14
CA ARG F 33 22.58 27.35 10.07
C ARG F 33 22.87 26.05 9.33
N PRO F 34 24.07 25.96 8.73
CA PRO F 34 24.53 24.74 8.05
C PRO F 34 24.54 23.56 9.01
N VAL F 35 24.36 22.35 8.48
CA VAL F 35 24.54 21.17 9.31
C VAL F 35 26.03 21.01 9.59
N ALA F 36 26.42 21.06 10.86
CA ALA F 36 27.81 20.85 11.22
C ALA F 36 28.08 19.37 11.38
N VAL F 37 28.86 18.83 10.46
CA VAL F 37 29.23 17.42 10.50
C VAL F 37 30.66 17.28 10.98
N SER F 38 30.87 16.41 11.97
CA SER F 38 32.22 16.09 12.47
C SER F 38 32.68 14.78 11.89
N VAL F 39 33.90 14.74 11.36
CA VAL F 39 34.44 13.54 10.79
C VAL F 39 35.81 13.29 11.41
N SER F 40 36.04 12.06 11.86
CA SER F 40 37.38 11.66 12.30
C SER F 40 37.68 10.26 11.82
N LEU F 41 38.73 10.10 11.04
CA LEU F 41 39.10 8.77 10.56
C LEU F 41 40.05 8.11 11.55
N LYS F 42 39.67 6.96 12.09
CA LYS F 42 40.61 6.15 12.87
C LYS F 42 41.19 5.07 11.98
N PHE F 43 42.47 5.18 11.63
CA PHE F 43 43.05 4.22 10.71
C PHE F 43 43.30 2.91 11.41
N ILE F 44 42.92 1.82 10.75
CA ILE F 44 43.01 0.48 11.29
C ILE F 44 44.10 -0.31 10.60
N ASN F 45 44.20 -0.11 9.28
CA ASN F 45 45.24 -0.79 8.53
C ASN F 45 45.58 -0.10 7.23
N ILE F 46 46.83 -0.31 6.81
CA ILE F 46 47.30 0.09 5.51
C ILE F 46 47.71 -1.21 4.82
N LEU F 47 46.98 -1.60 3.78
CA LEU F 47 47.05 -2.96 3.27
C LEU F 47 47.99 -3.10 2.07
N GLU F 48 48.01 -2.07 1.24
CA GLU F 48 48.90 -2.05 0.09
C GLU F 48 49.25 -0.62 -0.22
N VAL F 49 50.47 -0.40 -0.66
CA VAL F 49 50.83 0.91 -1.17
C VAL F 49 51.68 0.69 -2.41
N ASN F 50 51.53 1.58 -3.37
CA ASN F 50 52.25 1.46 -4.61
C ASN F 50 52.97 2.77 -4.86
N GLU F 51 54.29 2.73 -4.78
CA GLU F 51 55.08 3.96 -4.83
C GLU F 51 55.20 4.43 -6.26
N ILE F 52 55.02 3.50 -7.20
CA ILE F 52 55.09 3.83 -8.61
C ILE F 52 53.81 4.54 -9.06
N THR F 53 52.67 4.00 -8.66
CA THR F 53 51.38 4.55 -9.10
C THR F 53 50.79 5.60 -8.14
N ASN F 54 51.42 5.76 -6.97
CA ASN F 54 50.91 6.68 -5.95
C ASN F 54 49.49 6.31 -5.52
N GLU F 55 49.32 5.05 -5.09
CA GLU F 55 48.01 4.57 -4.63
C GLU F 55 48.15 3.82 -3.31
N VAL F 56 47.14 3.97 -2.47
CA VAL F 56 47.11 3.26 -1.20
C VAL F 56 45.77 2.56 -1.03
N ASP F 57 45.79 1.47 -0.26
CA ASP F 57 44.61 0.70 0.07
C ASP F 57 44.52 0.66 1.60
N VAL F 58 43.50 1.31 2.16
CA VAL F 58 43.43 1.43 3.61
C VAL F 58 42.08 1.00 4.20
N VAL F 59 42.10 0.69 5.49
CA VAL F 59 40.88 0.44 6.25
C VAL F 59 40.81 1.43 7.39
N PHE F 60 39.69 2.14 7.51
CA PHE F 60 39.55 3.10 8.58
C PHE F 60 38.12 3.14 9.12
N TRP F 61 37.99 3.48 10.40
CA TRP F 61 36.68 3.71 11.01
C TRP F 61 36.32 5.17 10.82
N GLN F 62 35.23 5.42 10.12
CA GLN F 62 34.90 6.80 9.80
C GLN F 62 33.91 7.34 10.83
N GLN F 63 34.43 7.91 11.91
CA GLN F 63 33.58 8.40 12.99
C GLN F 63 32.86 9.68 12.56
N THR F 64 31.55 9.61 12.42
CA THR F 64 30.78 10.66 11.78
C THR F 64 29.66 11.07 12.73
N THR F 65 29.61 12.34 13.11
CA THR F 65 28.60 12.80 14.06
C THR F 65 28.00 14.12 13.62
N TRP F 66 26.73 14.28 13.96
CA TRP F 66 25.98 15.50 13.69
C TRP F 66 24.76 15.48 14.58
N SER F 67 24.04 16.60 14.59
CA SER F 67 22.87 16.69 15.42
C SER F 67 21.61 16.83 14.57
N ASP F 68 20.52 16.24 15.03
CA ASP F 68 19.19 16.60 14.55
C ASP F 68 18.27 16.61 15.76
N ARG F 69 18.04 17.80 16.31
CA ARG F 69 17.30 17.92 17.56
C ARG F 69 15.82 17.53 17.40
N THR F 70 15.33 17.43 16.17
CA THR F 70 13.94 17.00 15.99
C THR F 70 13.77 15.53 16.38
N LEU F 71 14.87 14.82 16.55
CA LEU F 71 14.83 13.40 16.93
C LEU F 71 14.93 13.18 18.43
N ALA F 72 15.25 14.24 19.17
CA ALA F 72 15.43 14.15 20.62
C ALA F 72 14.15 13.73 21.35
N TRP F 73 14.34 13.11 22.51
CA TRP F 73 13.22 12.72 23.36
C TRP F 73 13.65 12.84 24.81
N ASN F 74 12.67 12.97 25.71
CA ASN F 74 12.91 12.96 27.15
C ASN F 74 13.27 11.56 27.63
N SER F 75 14.50 11.34 28.07
CA SER F 75 14.95 10.01 28.47
C SER F 75 15.07 9.88 29.99
N SER F 76 14.28 10.66 30.73
CA SER F 76 14.25 10.59 32.19
C SER F 76 13.94 9.17 32.64
N HIS F 77 13.01 8.53 31.94
CA HIS F 77 12.66 7.16 32.26
C HIS F 77 12.58 6.26 31.02
N SER F 78 13.47 6.52 30.07
CA SER F 78 13.60 5.64 28.91
C SER F 78 15.06 5.54 28.50
N PRO F 79 15.36 4.63 27.55
CA PRO F 79 16.73 4.50 27.04
C PRO F 79 17.31 5.84 26.57
N ASP F 80 18.61 6.05 26.79
CA ASP F 80 19.31 7.26 26.40
C ASP F 80 19.77 7.23 24.94
N GLN F 81 19.88 6.01 24.40
CA GLN F 81 20.39 5.76 23.05
C GLN F 81 19.76 4.52 22.44
N VAL F 82 19.61 4.51 21.13
CA VAL F 82 19.20 3.29 20.42
C VAL F 82 19.98 3.18 19.12
N SER F 83 20.04 1.97 18.58
CA SER F 83 20.59 1.78 17.24
C SER F 83 19.49 1.84 16.21
N VAL F 84 19.79 2.48 15.08
CA VAL F 84 18.80 2.70 14.02
C VAL F 84 19.43 2.40 12.67
N PRO F 85 18.72 1.64 11.81
CA PRO F 85 19.25 1.44 10.45
C PRO F 85 19.42 2.79 9.73
N ILE F 86 20.54 3.01 9.05
CA ILE F 86 20.78 4.33 8.48
C ILE F 86 19.77 4.62 7.36
N SER F 87 19.08 3.59 6.88
CA SER F 87 18.06 3.81 5.86
C SER F 87 16.89 4.62 6.41
N SER F 88 16.77 4.66 7.74
CA SER F 88 15.70 5.41 8.40
C SER F 88 16.11 6.84 8.73
N LEU F 89 17.35 7.20 8.42
CA LEU F 89 17.91 8.47 8.84
C LEU F 89 18.47 9.27 7.68
N TRP F 90 18.54 10.59 7.83
CA TRP F 90 19.41 11.36 6.95
C TRP F 90 20.86 11.09 7.41
N VAL F 91 21.74 10.84 6.44
CA VAL F 91 23.17 10.75 6.69
C VAL F 91 23.87 11.65 5.70
N PRO F 92 24.98 12.29 6.11
CA PRO F 92 25.70 13.22 5.24
C PRO F 92 26.21 12.53 3.98
N ASP F 93 26.08 13.18 2.83
CA ASP F 93 26.51 12.60 1.55
C ASP F 93 28.02 12.77 1.35
N LEU F 94 28.81 12.18 2.23
CA LEU F 94 30.26 12.34 2.21
C LEU F 94 30.92 11.53 1.07
N ALA F 95 31.95 12.12 0.48
CA ALA F 95 32.81 11.41 -0.48
C ALA F 95 34.26 11.86 -0.29
N ALA F 96 35.20 10.97 -0.60
CA ALA F 96 36.59 11.33 -0.64
C ALA F 96 36.95 11.77 -2.07
N TYR F 97 37.45 12.99 -2.20
CA TYR F 97 37.74 13.56 -3.51
C TYR F 97 38.78 12.78 -4.30
N ASN F 98 39.69 12.12 -3.60
CA ASN F 98 40.76 11.38 -4.26
C ASN F 98 40.62 9.86 -4.13
N ALA F 99 39.40 9.39 -3.84
CA ALA F 99 39.14 7.95 -3.87
C ALA F 99 39.16 7.42 -5.30
N ILE F 100 39.72 6.23 -5.50
CA ILE F 100 39.75 5.59 -6.80
C ILE F 100 39.09 4.23 -6.77
N SER F 101 38.40 3.95 -5.67
CA SER F 101 37.54 2.77 -5.59
C SER F 101 36.30 3.12 -4.78
N LYS F 102 35.26 2.30 -4.88
CA LYS F 102 34.06 2.50 -4.09
C LYS F 102 34.37 2.29 -2.61
N PRO F 103 33.70 3.05 -1.74
CA PRO F 103 33.90 2.74 -0.32
C PRO F 103 33.24 1.40 0.00
N GLU F 104 34.01 0.46 0.53
CA GLU F 104 33.49 -0.85 0.90
C GLU F 104 33.17 -0.85 2.39
N VAL F 105 31.89 -0.81 2.74
CA VAL F 105 31.54 -0.75 4.15
C VAL F 105 31.57 -2.15 4.73
N LEU F 106 32.38 -2.35 5.76
CA LEU F 106 32.63 -3.69 6.29
C LEU F 106 31.76 -4.06 7.47
N THR F 107 30.97 -3.10 7.95
CA THR F 107 30.21 -3.27 9.19
C THR F 107 28.70 -3.07 8.97
N PRO F 108 27.88 -3.52 9.94
CA PRO F 108 26.42 -3.33 9.84
C PRO F 108 26.06 -1.85 9.71
N GLN F 109 25.13 -1.53 8.80
CA GLN F 109 24.83 -0.13 8.52
C GLN F 109 23.80 0.43 9.49
N LEU F 110 24.26 0.60 10.72
CA LEU F 110 23.47 1.07 11.84
C LEU F 110 24.12 2.30 12.45
N ALA F 111 23.32 3.25 12.88
CA ALA F 111 23.82 4.44 13.57
C ALA F 111 23.27 4.44 14.99
N ARG F 112 23.90 5.22 15.86
CA ARG F 112 23.32 5.44 17.18
C ARG F 112 22.64 6.79 17.17
N VAL F 113 21.44 6.84 17.74
CA VAL F 113 20.78 8.10 17.98
C VAL F 113 20.65 8.29 19.49
N VAL F 114 21.12 9.43 19.96
CA VAL F 114 21.10 9.78 21.38
C VAL F 114 19.88 10.65 21.67
N SER F 115 19.36 10.58 22.90
CA SER F 115 18.11 11.26 23.24
C SER F 115 18.19 12.77 23.11
N ASP F 116 19.40 13.32 23.03
CA ASP F 116 19.52 14.77 22.78
C ASP F 116 19.58 15.09 21.30
N GLY F 117 19.43 14.06 20.46
CA GLY F 117 19.40 14.29 19.02
C GLY F 117 20.73 14.14 18.31
N GLU F 118 21.80 13.83 19.06
CA GLU F 118 23.07 13.54 18.38
C GLU F 118 22.98 12.21 17.65
N VAL F 119 23.60 12.15 16.46
CA VAL F 119 23.65 10.92 15.70
C VAL F 119 25.13 10.53 15.51
N LEU F 120 25.44 9.27 15.74
CA LEU F 120 26.79 8.76 15.47
C LEU F 120 26.72 7.59 14.50
N TYR F 121 27.39 7.75 13.37
CA TYR F 121 27.50 6.68 12.39
C TYR F 121 28.99 6.41 12.22
N MET F 122 29.41 5.17 12.41
CA MET F 122 30.84 4.88 12.27
C MET F 122 31.09 3.57 11.55
N PRO F 123 30.98 3.60 10.22
CA PRO F 123 31.28 2.41 9.41
C PRO F 123 32.78 2.14 9.36
N SER F 124 33.15 0.87 9.37
CA SER F 124 34.50 0.50 8.96
C SER F 124 34.52 0.42 7.44
N ILE F 125 35.45 1.17 6.84
CA ILE F 125 35.51 1.32 5.40
C ILE F 125 36.88 0.89 4.84
N ARG F 126 36.86 0.05 3.81
CA ARG F 126 38.06 -0.20 3.01
C ARG F 126 37.94 0.55 1.69
N GLN F 127 38.98 1.31 1.34
CA GLN F 127 38.93 2.10 0.12
C GLN F 127 40.33 2.41 -0.40
N ARG F 128 40.43 2.61 -1.71
CA ARG F 128 41.71 2.94 -2.32
C ARG F 128 41.74 4.42 -2.70
N PHE F 129 42.92 5.02 -2.57
CA PHE F 129 43.12 6.43 -2.83
C PHE F 129 44.33 6.71 -3.72
N SER F 130 44.27 7.84 -4.41
CA SER F 130 45.40 8.42 -5.14
C SER F 130 46.02 9.50 -4.25
N CYS F 131 47.26 9.32 -3.85
CA CYS F 131 47.91 10.27 -2.94
C CYS F 131 49.44 10.07 -2.92
N ASP F 132 50.15 10.97 -2.25
CA ASP F 132 51.61 10.96 -2.26
C ASP F 132 52.17 9.83 -1.41
N VAL F 133 52.75 8.83 -2.07
CA VAL F 133 53.30 7.67 -1.39
C VAL F 133 54.84 7.77 -1.29
N SER F 134 55.40 8.82 -1.88
CA SER F 134 56.85 9.00 -1.91
C SER F 134 57.41 9.15 -0.48
N GLY F 135 58.50 8.44 -0.22
CA GLY F 135 59.16 8.51 1.07
C GLY F 135 58.68 7.46 2.05
N VAL F 136 57.83 6.54 1.59
CA VAL F 136 57.26 5.54 2.48
C VAL F 136 58.35 4.64 3.09
N ASP F 137 59.47 4.51 2.41
CA ASP F 137 60.56 3.65 2.89
C ASP F 137 61.61 4.41 3.69
N THR F 138 61.37 5.69 3.92
CA THR F 138 62.32 6.54 4.64
C THR F 138 61.92 6.70 6.10
N GLU F 139 62.81 7.33 6.86
CA GLU F 139 62.56 7.63 8.27
C GLU F 139 61.37 8.56 8.48
N SER F 140 61.27 9.59 7.66
CA SER F 140 60.22 10.59 7.84
C SER F 140 58.91 10.09 7.24
N GLY F 141 59.00 9.15 6.31
CA GLY F 141 57.85 8.46 5.78
C GLY F 141 57.08 9.21 4.71
N ALA F 142 55.95 8.64 4.29
CA ALA F 142 55.11 9.32 3.31
C ALA F 142 53.97 10.04 4.01
N THR F 143 53.43 11.05 3.36
CA THR F 143 52.26 11.74 3.88
C THR F 143 51.19 11.72 2.80
N CYS F 144 50.17 10.92 3.06
CA CYS F 144 49.08 10.70 2.14
C CYS F 144 47.91 11.55 2.62
N ARG F 145 47.42 12.45 1.76
CA ARG F 145 46.34 13.34 2.15
C ARG F 145 45.02 12.90 1.52
N ILE F 146 44.00 12.75 2.36
CA ILE F 146 42.67 12.37 1.90
C ILE F 146 41.68 13.48 2.20
N LYS F 147 40.99 13.95 1.17
CA LYS F 147 40.03 15.05 1.31
C LYS F 147 38.61 14.51 1.32
N ILE F 148 37.87 14.80 2.38
CA ILE F 148 36.51 14.32 2.52
C ILE F 148 35.53 15.48 2.76
N GLY F 149 34.41 15.48 2.04
CA GLY F 149 33.40 16.49 2.27
C GLY F 149 32.08 16.07 1.67
N SER F 150 31.06 16.93 1.81
CA SER F 150 29.79 16.66 1.16
C SER F 150 29.92 16.68 -0.35
N TRP F 151 29.34 15.70 -1.03
CA TRP F 151 29.45 15.67 -2.48
C TRP F 151 28.57 16.73 -3.16
N THR F 152 27.37 16.98 -2.61
CA THR F 152 26.44 17.87 -3.29
C THR F 152 25.99 19.08 -2.47
N HIS F 153 26.37 19.15 -1.19
CA HIS F 153 25.99 20.30 -0.37
C HIS F 153 27.15 21.27 -0.14
N HIS F 154 26.99 22.51 -0.56
CA HIS F 154 28.06 23.50 -0.39
C HIS F 154 28.07 24.04 1.05
N SER F 155 28.99 24.96 1.32
CA SER F 155 29.31 25.35 2.70
C SER F 155 28.16 26.01 3.47
N ARG F 156 27.21 26.60 2.76
CA ARG F 156 26.06 27.22 3.41
C ARG F 156 25.07 26.17 3.92
N GLU F 157 25.18 24.96 3.39
CA GLU F 157 24.28 23.85 3.70
C GLU F 157 24.92 22.86 4.66
N ILE F 158 26.16 22.46 4.39
CA ILE F 158 26.89 21.56 5.29
C ILE F 158 28.30 22.06 5.55
N SER F 159 28.70 22.07 6.81
CA SER F 159 30.11 22.26 7.13
C SER F 159 30.71 20.96 7.65
N VAL F 160 31.86 20.57 7.11
CA VAL F 160 32.50 19.32 7.50
C VAL F 160 33.78 19.61 8.28
N ASP F 161 33.75 19.36 9.58
CA ASP F 161 34.82 19.79 10.49
C ASP F 161 35.56 18.63 11.17
N PRO F 162 36.86 18.79 11.41
CA PRO F 162 37.63 17.77 12.15
C PRO F 162 37.35 17.81 13.65
N THR F 163 37.65 16.73 14.35
CA THR F 163 37.39 16.69 15.80
C THR F 163 38.63 17.08 16.59
N ASN F 166 45.13 15.52 15.92
CA ASN F 166 46.51 15.09 15.99
C ASN F 166 46.64 13.81 16.82
N SER F 167 47.03 12.71 16.16
CA SER F 167 47.14 11.40 16.81
C SER F 167 47.95 10.41 15.96
N ASP F 168 48.48 9.37 16.59
CA ASP F 168 49.09 8.27 15.85
C ASP F 168 48.17 7.07 15.88
N ASP F 169 46.88 7.35 16.19
CA ASP F 169 45.90 6.38 16.72
C ASP F 169 46.48 4.99 17.03
N SER F 170 47.27 4.94 18.07
CA SER F 170 47.81 3.67 18.53
C SER F 170 46.71 2.78 19.09
N GLU F 171 45.56 3.34 19.40
CA GLU F 171 44.47 2.56 19.98
C GLU F 171 43.74 1.75 18.93
N TYR F 172 43.96 2.09 17.66
CA TYR F 172 43.16 1.52 16.58
C TYR F 172 43.98 0.77 15.55
N PHE F 173 45.19 1.26 15.27
CA PHE F 173 45.96 0.71 14.15
C PHE F 173 46.48 -0.69 14.46
N SER F 174 46.37 -1.56 13.46
CA SER F 174 46.78 -2.94 13.58
C SER F 174 48.29 -3.04 13.85
N GLN F 175 48.63 -3.80 14.87
CA GLN F 175 50.05 -4.09 15.12
C GLN F 175 50.60 -5.07 14.09
N TYR F 176 49.75 -5.62 13.22
CA TYR F 176 50.21 -6.63 12.29
C TYR F 176 50.33 -6.12 10.85
N SER F 177 50.09 -4.81 10.69
CA SER F 177 50.36 -4.13 9.43
C SER F 177 51.85 -4.11 9.10
N ARG F 178 52.18 -4.06 7.81
CA ARG F 178 53.57 -3.91 7.38
C ARG F 178 54.00 -2.47 7.52
N PHE F 179 53.05 -1.61 7.86
CA PHE F 179 53.34 -0.18 8.00
C PHE F 179 53.07 0.28 9.44
N GLU F 180 53.56 1.46 9.76
CA GLU F 180 53.29 2.07 11.06
C GLU F 180 52.90 3.53 10.87
N ILE F 181 52.06 4.02 11.76
CA ILE F 181 51.61 5.40 11.63
C ILE F 181 52.44 6.34 12.47
N LEU F 182 52.96 7.39 11.85
CA LEU F 182 53.74 8.40 12.56
C LEU F 182 52.81 9.48 13.11
N ASP F 183 51.89 9.96 12.28
CA ASP F 183 50.98 11.00 12.72
C ASP F 183 49.77 11.09 11.80
N VAL F 184 48.60 11.38 12.38
CA VAL F 184 47.42 11.66 11.57
C VAL F 184 46.84 13.00 11.97
N THR F 185 46.91 13.96 11.08
CA THR F 185 46.35 15.28 11.34
C THR F 185 45.08 15.48 10.51
N GLN F 186 44.11 16.17 11.06
CA GLN F 186 42.88 16.37 10.35
C GLN F 186 42.53 17.85 10.50
N LYS F 187 42.50 18.57 9.38
CA LYS F 187 42.26 20.00 9.38
C LYS F 187 41.04 20.38 8.55
N LYS F 188 40.38 21.47 8.93
CA LYS F 188 39.34 22.05 8.10
C LYS F 188 39.98 22.54 6.82
N ASN F 189 39.23 22.52 5.73
CA ASN F 189 39.73 22.98 4.45
C ASN F 189 38.53 23.36 3.56
N SER F 190 38.74 24.32 2.66
CA SER F 190 37.68 24.79 1.81
C SER F 190 38.06 24.64 0.34
N VAL F 191 37.14 24.14 -0.48
CA VAL F 191 37.42 23.91 -1.88
C VAL F 191 36.49 24.72 -2.78
N THR F 192 37.07 25.50 -3.68
CA THR F 192 36.27 26.22 -4.65
C THR F 192 36.86 26.00 -6.04
N TYR F 193 36.00 26.10 -7.06
CA TYR F 193 36.45 25.91 -8.42
C TYR F 193 36.24 27.21 -9.19
N SER F 194 37.16 27.49 -10.11
CA SER F 194 37.18 28.76 -10.83
C SER F 194 35.86 29.07 -11.53
N CYS F 195 35.13 28.03 -11.90
CA CYS F 195 33.89 28.21 -12.66
C CYS F 195 32.74 28.78 -11.85
N CYS F 196 32.68 28.43 -10.57
CA CYS F 196 31.46 28.63 -9.80
C CYS F 196 31.68 29.27 -8.43
N PRO F 197 30.61 29.83 -7.85
CA PRO F 197 30.64 30.58 -6.59
C PRO F 197 30.74 29.69 -5.35
N GLU F 198 30.06 28.55 -5.39
CA GLU F 198 29.96 27.66 -4.24
C GLU F 198 31.31 27.20 -3.72
N ALA F 199 31.47 27.21 -2.40
CA ALA F 199 32.61 26.57 -1.79
C ALA F 199 32.14 25.32 -1.06
N TYR F 200 32.99 24.31 -1.03
CA TYR F 200 32.72 23.08 -0.31
C TYR F 200 33.67 22.98 0.85
N GLU F 201 33.13 22.71 2.03
CA GLU F 201 33.97 22.45 3.18
C GLU F 201 34.36 20.99 3.23
N ASP F 202 35.60 20.73 3.58
CA ASP F 202 36.04 19.37 3.71
C ASP F 202 36.97 19.26 4.90
N VAL F 203 37.25 18.02 5.29
CA VAL F 203 38.35 17.75 6.19
C VAL F 203 39.47 17.17 5.35
N GLU F 204 40.67 17.69 5.53
CA GLU F 204 41.83 17.12 4.86
C GLU F 204 42.55 16.27 5.88
N VAL F 205 42.59 14.97 5.63
CA VAL F 205 43.23 14.06 6.55
C VAL F 205 44.62 13.74 6.04
N SER F 206 45.64 14.03 6.85
CA SER F 206 47.03 13.81 6.46
C SER F 206 47.59 12.62 7.19
N LEU F 207 47.79 11.52 6.45
CA LEU F 207 48.24 10.29 7.06
C LEU F 207 49.74 10.16 6.82
N ASN F 208 50.54 10.39 7.85
CA ASN F 208 51.99 10.26 7.78
C ASN F 208 52.39 8.89 8.31
N PHE F 209 52.90 8.05 7.41
CA PHE F 209 53.17 6.65 7.71
C PHE F 209 54.43 6.17 7.02
N ARG F 210 54.96 5.05 7.48
CA ARG F 210 56.14 4.48 6.85
C ARG F 210 56.15 2.96 6.97
N LYS F 211 56.94 2.32 6.12
CA LYS F 211 57.14 0.87 6.18
C LYS F 211 57.83 0.51 7.48
N LYS F 212 57.35 -0.54 8.14
CA LYS F 212 57.94 -1.00 9.39
C LYS F 212 59.24 -1.74 9.14
N GLY F 213 60.18 -1.59 10.07
CA GLY F 213 61.45 -2.29 10.00
C GLY F 213 62.12 -2.14 8.65
N ARG F 214 62.43 -0.90 8.29
CA ARG F 214 63.01 -0.61 6.98
C ARG F 214 64.50 -0.96 6.98
N SER F 215 65.02 -1.40 5.84
CA SER F 215 66.45 -1.62 5.66
C SER F 215 67.10 -0.38 5.05
N GLU F 216 68.03 0.22 5.80
CA GLU F 216 68.66 1.48 5.40
C GLU F 216 70.10 1.27 4.93
N ILE F 217 70.62 2.24 4.17
CA ILE F 217 72.07 2.39 4.01
C ILE F 217 72.51 3.55 4.88
N LEU F 218 73.43 3.29 5.82
CA LEU F 218 73.88 4.30 6.76
C LEU F 218 75.31 4.77 6.47
N TYR G 2 19.31 33.13 -1.26
CA TYR G 2 20.41 32.37 -0.65
C TYR G 2 20.30 32.43 0.87
N LYS G 3 19.63 33.46 1.36
CA LYS G 3 19.43 33.62 2.79
C LYS G 3 18.48 32.54 3.31
N ASP G 4 17.73 31.91 2.40
CA ASP G 4 16.73 30.93 2.76
C ASP G 4 17.15 29.49 2.51
N ASP G 5 18.40 29.28 2.10
CA ASP G 5 18.92 27.94 1.83
C ASP G 5 18.68 26.95 2.97
N ASP G 6 18.90 27.39 4.21
CA ASP G 6 18.78 26.51 5.36
C ASP G 6 17.39 26.42 6.00
N ASP G 7 16.35 26.86 5.29
CA ASP G 7 14.99 26.71 5.79
C ASP G 7 14.54 25.27 5.59
N LYS G 8 14.60 24.45 6.64
CA LYS G 8 14.40 23.01 6.43
C LYS G 8 13.01 22.65 5.88
N LEU G 9 11.94 23.27 6.40
CA LEU G 9 10.62 22.93 5.90
C LEU G 9 10.46 23.32 4.42
N ASP G 10 11.06 24.44 4.01
CA ASP G 10 11.06 24.82 2.59
C ASP G 10 11.71 23.73 1.72
N ARG G 11 12.83 23.20 2.19
CA ARG G 11 13.54 22.13 1.46
C ARG G 11 12.67 20.88 1.32
N ALA G 12 12.01 20.51 2.41
CA ALA G 12 11.17 19.30 2.38
C ALA G 12 10.01 19.49 1.41
N ASP G 13 9.44 20.70 1.37
CA ASP G 13 8.33 20.98 0.49
C ASP G 13 8.76 21.02 -0.98
N ILE G 14 9.95 21.57 -1.24
CA ILE G 14 10.48 21.58 -2.60
C ILE G 14 10.68 20.14 -3.07
N LEU G 15 11.25 19.31 -2.20
CA LEU G 15 11.48 17.91 -2.52
C LEU G 15 10.17 17.17 -2.79
N TYR G 16 9.16 17.44 -1.95
CA TYR G 16 7.81 16.93 -2.18
C TYR G 16 7.25 17.37 -3.53
N ASN G 17 7.40 18.66 -3.85
CA ASN G 17 6.92 19.19 -5.13
C ASN G 17 7.61 18.51 -6.31
N ILE G 18 8.92 18.36 -6.22
CA ILE G 18 9.70 17.72 -7.28
C ILE G 18 9.20 16.30 -7.49
N ARG G 19 8.96 15.59 -6.39
CA ARG G 19 8.50 14.21 -6.47
C ARG G 19 7.06 14.07 -6.97
N GLN G 20 6.22 15.06 -6.71
CA GLN G 20 4.88 15.06 -7.28
C GLN G 20 4.89 15.29 -8.78
N THR G 21 5.82 16.10 -9.25
CA THR G 21 5.83 16.56 -10.64
C THR G 21 6.69 15.67 -11.53
N SER G 22 7.75 15.14 -10.95
CA SER G 22 8.72 14.39 -11.73
C SER G 22 8.11 13.14 -12.37
N ARG G 23 8.46 12.90 -13.62
CA ARG G 23 8.16 11.67 -14.32
C ARG G 23 9.49 11.00 -14.63
N PRO G 24 9.98 10.12 -13.74
CA PRO G 24 11.32 9.57 -13.89
C PRO G 24 11.57 8.81 -15.18
N ASP G 25 10.53 8.32 -15.84
CA ASP G 25 10.73 7.47 -17.01
C ASP G 25 10.36 8.13 -18.33
N VAL G 26 9.98 9.41 -18.29
CA VAL G 26 9.59 10.15 -19.50
C VAL G 26 10.58 11.27 -19.81
N ILE G 27 11.01 11.40 -21.06
CA ILE G 27 11.96 12.47 -21.37
C ILE G 27 11.27 13.83 -21.20
N PRO G 28 11.98 14.80 -20.61
CA PRO G 28 11.39 16.11 -20.34
C PRO G 28 11.43 17.02 -21.56
N THR G 29 10.78 16.62 -22.63
CA THR G 29 10.77 17.43 -23.83
C THR G 29 9.85 18.62 -23.61
N GLN G 30 10.35 19.80 -23.93
CA GLN G 30 9.59 21.03 -23.80
C GLN G 30 9.40 21.66 -25.18
N ARG G 31 8.17 22.02 -25.50
CA ARG G 31 7.85 22.69 -26.75
C ARG G 31 8.16 21.83 -27.99
N ASP G 32 8.00 20.51 -27.84
CA ASP G 32 8.23 19.59 -28.95
C ASP G 32 9.65 19.71 -29.51
N ARG G 33 10.60 19.99 -28.63
CA ARG G 33 12.02 20.03 -28.98
C ARG G 33 12.79 18.95 -28.22
N PRO G 34 13.91 18.48 -28.78
CA PRO G 34 14.69 17.46 -28.08
C PRO G 34 15.24 17.99 -26.76
N VAL G 35 15.50 17.08 -25.83
CA VAL G 35 16.13 17.45 -24.57
C VAL G 35 17.60 17.73 -24.80
N ALA G 36 18.05 18.94 -24.48
CA ALA G 36 19.47 19.27 -24.68
C ALA G 36 20.26 18.86 -23.45
N VAL G 37 21.08 17.83 -23.61
CA VAL G 37 21.85 17.32 -22.49
C VAL G 37 23.30 17.72 -22.66
N SER G 38 23.84 18.40 -21.65
CA SER G 38 25.22 18.84 -21.67
CA SER G 38 25.22 18.84 -21.68
C SER G 38 26.09 17.90 -20.87
N VAL G 39 27.20 17.45 -21.44
CA VAL G 39 28.08 16.55 -20.72
C VAL G 39 29.52 17.05 -20.81
N SER G 40 30.21 17.00 -19.69
CA SER G 40 31.62 17.37 -19.66
C SER G 40 32.36 16.45 -18.68
N LEU G 41 33.34 15.73 -19.19
CA LEU G 41 34.12 14.86 -18.32
C LEU G 41 35.30 15.64 -17.77
N LYS G 42 35.45 15.63 -16.45
CA LYS G 42 36.62 16.20 -15.81
C LYS G 42 37.47 15.06 -15.32
N PHE G 43 38.60 14.80 -15.96
CA PHE G 43 39.39 13.64 -15.57
C PHE G 43 40.13 13.89 -14.26
N ILE G 44 40.13 12.89 -13.38
CA ILE G 44 40.77 12.97 -12.06
C ILE G 44 41.99 12.07 -11.95
N ASN G 45 41.86 10.85 -12.44
CA ASN G 45 42.91 9.85 -12.32
C ASN G 45 42.94 8.96 -13.57
N ILE G 46 44.14 8.52 -13.96
CA ILE G 46 44.27 7.50 -14.99
C ILE G 46 44.99 6.37 -14.30
N LEU G 47 44.27 5.28 -14.04
CA LEU G 47 44.75 4.25 -13.11
C LEU G 47 45.60 3.21 -13.78
N GLU G 48 45.22 2.85 -15.00
CA GLU G 48 45.95 1.83 -15.72
C GLU G 48 45.84 2.08 -17.21
N VAL G 49 46.97 1.93 -17.89
CA VAL G 49 47.01 2.02 -19.34
C VAL G 49 47.71 0.75 -19.82
N ASN G 50 47.03 -0.03 -20.64
CA ASN G 50 47.59 -1.29 -21.14
C ASN G 50 47.90 -1.16 -22.61
N GLU G 51 49.20 -1.03 -22.91
CA GLU G 51 49.66 -0.87 -24.29
C GLU G 51 49.51 -2.19 -25.07
N ILE G 52 49.46 -3.31 -24.37
CA ILE G 52 49.20 -4.58 -25.03
C ILE G 52 47.80 -4.59 -25.65
N THR G 53 46.82 -4.17 -24.87
CA THR G 53 45.42 -4.42 -25.20
C THR G 53 44.66 -3.19 -25.67
N ASN G 54 45.31 -2.03 -25.64
CA ASN G 54 44.65 -0.77 -25.95
C ASN G 54 43.45 -0.55 -25.02
N GLU G 55 43.72 -0.62 -23.72
CA GLU G 55 42.70 -0.35 -22.72
C GLU G 55 43.17 0.66 -21.69
N VAL G 56 42.23 1.43 -21.14
CA VAL G 56 42.54 2.40 -20.10
C VAL G 56 41.48 2.27 -19.01
N ASP G 57 41.89 2.51 -17.78
CA ASP G 57 40.99 2.51 -16.63
C ASP G 57 41.10 3.89 -16.00
N VAL G 58 40.01 4.66 -16.01
CA VAL G 58 40.12 6.06 -15.63
C VAL G 58 39.04 6.42 -14.62
N VAL G 59 39.27 7.51 -13.90
CA VAL G 59 38.25 8.08 -12.99
C VAL G 59 37.97 9.48 -13.45
N PHE G 60 36.71 9.81 -13.65
CA PHE G 60 36.36 11.15 -14.09
C PHE G 60 35.06 11.61 -13.43
N TRP G 61 34.92 12.91 -13.28
CA TRP G 61 33.66 13.50 -12.83
C TRP G 61 32.84 13.82 -14.06
N GLN G 62 31.66 13.20 -14.17
CA GLN G 62 30.83 13.34 -15.36
C GLN G 62 29.80 14.44 -15.12
N GLN G 63 30.16 15.67 -15.47
CA GLN G 63 29.25 16.80 -15.25
C GLN G 63 28.11 16.77 -16.28
N THR G 64 26.89 16.52 -15.79
CA THR G 64 25.76 16.28 -16.67
C THR G 64 24.64 17.24 -16.32
N THR G 65 24.19 18.04 -17.28
CA THR G 65 23.16 19.04 -17.00
C THR G 65 22.08 19.02 -18.09
N TRP G 66 20.85 19.34 -17.67
CA TRP G 66 19.73 19.44 -18.58
C TRP G 66 18.68 20.21 -17.82
N SER G 67 17.56 20.49 -18.46
CA SER G 67 16.51 21.22 -17.76
C SER G 67 15.21 20.48 -17.84
N ASP G 68 14.44 20.59 -16.76
CA ASP G 68 13.05 20.18 -16.77
C ASP G 68 12.30 21.34 -16.12
N ARG G 69 11.76 22.22 -16.97
CA ARG G 69 11.12 23.44 -16.49
C ARG G 69 9.90 23.17 -15.59
N THR G 70 9.32 21.99 -15.69
CA THR G 70 8.17 21.66 -14.84
C THR G 70 8.57 21.50 -13.38
N LEU G 71 9.87 21.36 -13.13
CA LEU G 71 10.38 21.26 -11.77
C LEU G 71 10.67 22.61 -11.12
N ALA G 72 10.56 23.68 -11.89
CA ALA G 72 11.00 24.99 -11.43
C ALA G 72 10.07 25.50 -10.34
N TRP G 73 10.60 26.34 -9.46
CA TRP G 73 9.77 27.00 -8.46
C TRP G 73 10.27 28.43 -8.25
N ASN G 74 9.44 29.26 -7.63
CA ASN G 74 9.83 30.61 -7.31
C ASN G 74 10.69 30.60 -6.06
N SER G 75 11.96 31.00 -6.18
CA SER G 75 12.86 30.96 -5.03
C SER G 75 13.19 32.37 -4.51
N SER G 76 12.28 33.32 -4.73
CA SER G 76 12.40 34.65 -4.15
C SER G 76 12.65 34.59 -2.65
N HIS G 77 11.93 33.71 -1.98
CA HIS G 77 12.07 33.57 -0.54
C HIS G 77 12.17 32.11 -0.12
N SER G 78 12.88 31.32 -0.93
CA SER G 78 13.08 29.92 -0.58
C SER G 78 14.42 29.46 -1.13
N PRO G 79 14.83 28.24 -0.77
CA PRO G 79 16.11 27.69 -1.25
C PRO G 79 16.23 27.74 -2.78
N ASP G 80 17.41 28.09 -3.29
CA ASP G 80 17.66 28.17 -4.74
C ASP G 80 17.88 26.80 -5.37
N GLN G 81 18.34 25.87 -4.55
CA GLN G 81 18.66 24.51 -4.98
C GLN G 81 18.44 23.51 -3.85
N VAL G 82 18.12 22.27 -4.22
CA VAL G 82 18.16 21.18 -3.25
C VAL G 82 18.81 19.96 -3.88
N SER G 83 19.26 19.03 -3.05
CA SER G 83 19.78 17.75 -3.51
C SER G 83 18.65 16.73 -3.55
N VAL G 84 18.66 15.87 -4.57
CA VAL G 84 17.55 14.96 -4.81
C VAL G 84 18.13 13.61 -5.22
N PRO G 85 17.64 12.51 -4.63
CA PRO G 85 18.06 11.18 -5.11
C PRO G 85 17.74 11.00 -6.59
N ILE G 86 18.69 10.47 -7.38
CA ILE G 86 18.44 10.40 -8.81
C ILE G 86 17.28 9.46 -9.14
N SER G 87 16.98 8.54 -8.23
CA SER G 87 15.83 7.65 -8.43
C SER G 87 14.51 8.43 -8.46
N SER G 88 14.51 9.67 -7.97
CA SER G 88 13.31 10.50 -8.00
C SER G 88 13.14 11.29 -9.31
N LEU G 89 14.17 11.23 -10.15
CA LEU G 89 14.30 12.10 -11.32
C LEU G 89 14.45 11.32 -12.62
N TRP G 90 14.02 11.93 -13.72
CA TRP G 90 14.49 11.45 -15.02
C TRP G 90 15.98 11.79 -15.15
N VAL G 91 16.78 10.83 -15.57
CA VAL G 91 18.17 11.15 -15.93
C VAL G 91 18.43 10.58 -17.31
N PRO G 92 19.26 11.26 -18.10
CA PRO G 92 19.51 10.77 -19.47
C PRO G 92 20.16 9.39 -19.48
N ASP G 93 19.73 8.53 -20.41
CA ASP G 93 20.22 7.16 -20.48
C ASP G 93 21.53 7.11 -21.24
N LEU G 94 22.55 7.78 -20.69
CA LEU G 94 23.85 7.88 -21.38
C LEU G 94 24.64 6.57 -21.29
N ALA G 95 25.39 6.30 -22.35
CA ALA G 95 26.35 5.19 -22.33
C ALA G 95 27.55 5.59 -23.14
N ALA G 96 28.70 5.03 -22.80
CA ALA G 96 29.91 5.19 -23.61
C ALA G 96 30.02 4.02 -24.57
N TYR G 97 30.07 4.34 -25.86
CA TYR G 97 30.11 3.32 -26.90
C TYR G 97 31.29 2.36 -26.80
N ASN G 98 32.41 2.85 -26.27
CA ASN G 98 33.62 2.03 -26.22
C ASN G 98 34.02 1.65 -24.79
N ALA G 99 33.07 1.74 -23.86
CA ALA G 99 33.31 1.23 -22.53
C ALA G 99 33.35 -0.28 -22.57
N ILE G 100 34.23 -0.88 -21.78
CA ILE G 100 34.30 -2.34 -21.66
C ILE G 100 34.14 -2.80 -20.20
N SER G 101 33.68 -1.88 -19.35
CA SER G 101 33.24 -2.23 -18.00
C SER G 101 32.04 -1.34 -17.65
N LYS G 102 31.28 -1.75 -16.65
CA LYS G 102 30.17 -0.92 -16.14
C LYS G 102 30.71 0.37 -15.57
N PRO G 103 29.93 1.46 -15.67
CA PRO G 103 30.40 2.64 -14.97
C PRO G 103 30.24 2.44 -13.46
N GLU G 104 31.36 2.48 -12.74
CA GLU G 104 31.35 2.33 -11.28
C GLU G 104 31.19 3.70 -10.64
N VAL G 105 30.06 3.94 -9.97
CA VAL G 105 29.81 5.25 -9.37
C VAL G 105 30.40 5.30 -7.97
N LEU G 106 31.31 6.24 -7.75
CA LEU G 106 32.08 6.28 -6.52
C LEU G 106 31.47 7.21 -5.46
N THR G 107 30.46 7.97 -5.87
CA THR G 107 29.94 9.05 -5.05
C THR G 107 28.44 8.86 -4.78
N PRO G 108 27.89 9.61 -3.80
CA PRO G 108 26.46 9.53 -3.49
C PRO G 108 25.61 9.89 -4.72
N GLN G 109 24.55 9.11 -4.98
CA GLN G 109 23.78 9.26 -6.20
C GLN G 109 22.68 10.30 -6.00
N LEU G 110 23.12 11.54 -5.84
CA LEU G 110 22.25 12.69 -5.64
C LEU G 110 22.51 13.68 -6.75
N ALA G 111 21.44 14.28 -7.25
CA ALA G 111 21.54 15.39 -8.19
C ALA G 111 21.16 16.70 -7.48
N ARG G 112 21.52 17.82 -8.09
CA ARG G 112 21.03 19.12 -7.68
C ARG G 112 19.92 19.55 -8.62
N VAL G 113 18.79 19.98 -8.05
CA VAL G 113 17.74 20.60 -8.84
C VAL G 113 17.73 22.08 -8.47
N VAL G 114 17.80 22.93 -9.49
CA VAL G 114 17.88 24.37 -9.35
C VAL G 114 16.48 24.95 -9.57
N SER G 115 16.18 26.08 -8.96
CA SER G 115 14.79 26.58 -8.96
C SER G 115 14.33 26.96 -10.37
N ASP G 116 15.26 27.13 -11.31
CA ASP G 116 14.84 27.46 -12.68
C ASP G 116 14.60 26.20 -13.50
N GLY G 117 14.75 25.05 -12.86
CA GLY G 117 14.49 23.78 -13.52
C GLY G 117 15.73 23.08 -14.05
N GLU G 118 16.89 23.72 -13.93
CA GLU G 118 18.14 23.07 -14.28
C GLU G 118 18.44 21.91 -13.32
N VAL G 119 18.92 20.80 -13.88
CA VAL G 119 19.31 19.64 -13.11
C VAL G 119 20.78 19.37 -13.33
N LEU G 120 21.53 19.13 -12.24
CA LEU G 120 22.93 18.81 -12.33
C LEU G 120 23.21 17.49 -11.64
N TYR G 121 23.71 16.52 -12.40
CA TYR G 121 24.12 15.25 -11.85
C TYR G 121 25.59 15.06 -12.21
N MET G 122 26.45 14.96 -11.20
CA MET G 122 27.87 14.82 -11.47
C MET G 122 28.53 13.70 -10.67
N PRO G 123 28.30 12.46 -11.09
CA PRO G 123 28.92 11.33 -10.39
C PRO G 123 30.42 11.24 -10.69
N SER G 124 31.21 10.79 -9.73
CA SER G 124 32.58 10.37 -10.02
C SER G 124 32.48 8.92 -10.48
N ILE G 125 33.05 8.65 -11.63
CA ILE G 125 32.89 7.35 -12.26
C ILE G 125 34.26 6.74 -12.53
N ARG G 126 34.39 5.47 -12.18
CA ARG G 126 35.54 4.68 -12.61
C ARG G 126 35.09 3.74 -13.71
N GLN G 127 35.80 3.76 -14.83
CA GLN G 127 35.37 2.95 -15.95
C GLN G 127 36.55 2.61 -16.85
N ARG G 128 36.42 1.50 -17.55
CA ARG G 128 37.46 1.06 -18.49
C ARG G 128 36.97 1.15 -19.93
N PHE G 129 37.88 1.54 -20.82
CA PHE G 129 37.54 1.80 -22.21
C PHE G 129 38.51 1.10 -23.14
N SER G 130 38.02 0.78 -24.33
CA SER G 130 38.88 0.36 -25.44
C SER G 130 39.18 1.61 -26.27
N CYS G 131 40.45 2.01 -26.33
CA CYS G 131 40.81 3.19 -27.12
C CYS G 131 42.28 3.15 -27.54
N ASP G 132 42.69 4.12 -28.33
CA ASP G 132 44.06 4.12 -28.87
C ASP G 132 45.05 4.60 -27.82
N VAL G 133 45.85 3.67 -27.30
CA VAL G 133 46.83 3.97 -26.26
C VAL G 133 48.23 4.22 -26.84
N SER G 134 48.36 4.06 -28.16
CA SER G 134 49.67 4.23 -28.79
C SER G 134 50.18 5.67 -28.63
N GLY G 135 51.48 5.79 -28.33
CA GLY G 135 52.09 7.08 -28.13
C GLY G 135 52.09 7.56 -26.68
N VAL G 136 51.57 6.75 -25.76
CA VAL G 136 51.47 7.18 -24.36
C VAL G 136 52.85 7.52 -23.75
N ASP G 137 53.89 6.78 -24.12
CA ASP G 137 55.21 7.03 -23.55
C ASP G 137 56.00 8.02 -24.41
N THR G 138 55.26 8.81 -25.18
CA THR G 138 55.79 9.69 -26.22
C THR G 138 55.56 11.15 -25.83
N GLU G 139 56.35 12.06 -26.38
CA GLU G 139 56.20 13.49 -26.09
C GLU G 139 54.82 14.03 -26.46
N SER G 140 54.26 13.54 -27.57
CA SER G 140 52.97 14.04 -28.03
C SER G 140 51.83 13.28 -27.38
N GLY G 141 52.16 12.15 -26.77
CA GLY G 141 51.23 11.39 -25.95
C GLY G 141 50.25 10.55 -26.75
N ALA G 142 49.36 9.87 -26.04
CA ALA G 142 48.28 9.13 -26.67
C ALA G 142 47.03 10.01 -26.71
N THR G 143 46.12 9.70 -27.62
CA THR G 143 44.81 10.32 -27.63
C THR G 143 43.73 9.24 -27.58
N CYS G 144 43.13 9.10 -26.41
CA CYS G 144 42.09 8.11 -26.18
C CYS G 144 40.75 8.80 -26.34
N ARG G 145 39.94 8.33 -27.29
CA ARG G 145 38.64 8.94 -27.54
C ARG G 145 37.51 8.14 -26.91
N ILE G 146 36.61 8.86 -26.26
CA ILE G 146 35.49 8.25 -25.58
C ILE G 146 34.22 8.86 -26.16
N LYS G 147 33.34 8.01 -26.67
CA LYS G 147 32.11 8.43 -27.33
C LYS G 147 30.93 8.18 -26.42
N ILE G 148 30.20 9.24 -26.07
CA ILE G 148 29.09 9.15 -25.12
C ILE G 148 27.82 9.75 -25.72
N GLY G 149 26.72 9.00 -25.65
CA GLY G 149 25.43 9.50 -26.10
C GLY G 149 24.28 8.75 -25.46
N SER G 150 23.05 9.17 -25.75
CA SER G 150 21.89 8.43 -25.28
C SER G 150 21.84 7.07 -25.95
N TRP G 151 21.59 6.03 -25.16
CA TRP G 151 21.53 4.68 -25.69
C TRP G 151 20.27 4.42 -26.49
N THR G 152 19.14 4.98 -26.07
CA THR G 152 17.90 4.63 -26.75
C THR G 152 17.15 5.82 -27.39
N HIS G 153 17.62 7.03 -27.19
CA HIS G 153 16.90 8.19 -27.74
C HIS G 153 17.67 8.80 -28.88
N HIS G 154 17.05 8.85 -30.06
CA HIS G 154 17.72 9.43 -31.22
C HIS G 154 17.68 10.96 -31.15
N SER G 155 18.33 11.61 -32.11
CA SER G 155 18.57 13.06 -32.09
C SER G 155 17.31 13.92 -32.05
N ARG G 156 16.18 13.38 -32.50
CA ARG G 156 14.93 14.14 -32.42
C ARG G 156 14.44 14.22 -30.96
N GLU G 157 14.89 13.30 -30.13
CA GLU G 157 14.44 13.20 -28.74
C GLU G 157 15.45 13.73 -27.73
N ILE G 158 16.72 13.39 -27.93
CA ILE G 158 17.79 13.88 -27.07
C ILE G 158 18.99 14.34 -27.90
N SER G 159 19.52 15.52 -27.57
CA SER G 159 20.80 15.95 -28.12
C SER G 159 21.82 16.01 -27.00
N VAL G 160 22.99 15.42 -27.24
CA VAL G 160 24.06 15.40 -26.25
C VAL G 160 25.18 16.29 -26.73
N ASP G 161 25.26 17.48 -26.14
CA ASP G 161 26.20 18.52 -26.57
C ASP G 161 27.33 18.71 -25.57
N PRO G 162 28.49 19.19 -26.05
CA PRO G 162 29.67 19.48 -25.22
C PRO G 162 29.49 20.69 -24.30
N ASN G 166 37.89 22.85 -24.63
CA ASN G 166 39.34 22.69 -24.48
C ASN G 166 39.83 22.97 -23.07
N SER G 167 40.61 22.05 -22.51
CA SER G 167 41.10 22.16 -21.14
C SER G 167 42.13 21.08 -20.82
N ASP G 168 43.11 21.40 -19.99
CA ASP G 168 44.05 20.39 -19.52
C ASP G 168 43.65 19.88 -18.13
N ASP G 169 42.46 20.27 -17.68
CA ASP G 169 41.88 19.79 -16.42
C ASP G 169 42.81 19.96 -15.23
N SER G 170 43.55 21.06 -15.21
CA SER G 170 44.53 21.29 -14.15
C SER G 170 43.83 21.46 -12.79
N GLU G 171 42.56 21.83 -12.81
CA GLU G 171 41.83 21.99 -11.57
C GLU G 171 41.37 20.66 -10.99
N TYR G 172 41.45 19.61 -11.80
CA TYR G 172 40.81 18.35 -11.41
C TYR G 172 41.78 17.16 -11.38
N PHE G 173 42.72 17.12 -12.32
CA PHE G 173 43.55 15.94 -12.47
C PHE G 173 44.56 15.82 -11.33
N SER G 174 44.68 14.62 -10.78
CA SER G 174 45.61 14.35 -9.69
C SER G 174 47.07 14.63 -10.05
N GLN G 175 47.71 15.49 -9.27
CA GLN G 175 49.14 15.74 -9.46
C GLN G 175 49.98 14.49 -9.17
N TYR G 176 49.36 13.47 -8.58
CA TYR G 176 50.09 12.28 -8.15
C TYR G 176 49.96 11.10 -9.12
N SER G 177 49.19 11.28 -10.20
CA SER G 177 49.09 10.25 -11.23
C SER G 177 50.46 9.99 -11.86
N ARG G 178 50.64 8.78 -12.39
CA ARG G 178 51.80 8.48 -13.25
C ARG G 178 51.77 9.29 -14.52
N PHE G 179 50.56 9.76 -14.88
CA PHE G 179 50.33 10.38 -16.17
C PHE G 179 50.04 11.86 -16.03
N GLU G 180 50.10 12.56 -17.15
CA GLU G 180 49.76 13.96 -17.16
C GLU G 180 48.92 14.26 -18.38
N ILE G 181 47.97 15.18 -18.20
CA ILE G 181 47.02 15.48 -19.26
C ILE G 181 47.54 16.62 -20.13
N LEU G 182 47.51 16.43 -21.44
CA LEU G 182 47.96 17.46 -22.36
C LEU G 182 46.78 18.31 -22.79
N ASP G 183 45.67 17.65 -23.12
CA ASP G 183 44.50 18.36 -23.60
C ASP G 183 43.28 17.44 -23.62
N VAL G 184 42.14 18.00 -23.22
CA VAL G 184 40.86 17.32 -23.29
C VAL G 184 39.95 18.13 -24.20
N THR G 185 39.59 17.57 -25.34
CA THR G 185 38.66 18.25 -26.23
C THR G 185 37.37 17.45 -26.32
N GLN G 186 36.26 18.15 -26.51
CA GLN G 186 34.97 17.48 -26.49
C GLN G 186 34.18 18.09 -27.61
N LYS G 187 33.80 17.27 -28.58
CA LYS G 187 33.15 17.74 -29.79
C LYS G 187 31.83 17.03 -30.02
N LYS G 188 30.87 17.73 -30.61
CA LYS G 188 29.62 17.12 -30.99
C LYS G 188 29.91 16.12 -32.10
N ASN G 189 29.10 15.07 -32.16
CA ASN G 189 29.29 14.03 -33.16
C ASN G 189 28.00 13.28 -33.43
N SER G 190 27.64 13.16 -34.70
CA SER G 190 26.40 12.51 -35.09
C SER G 190 26.67 11.13 -35.69
N VAL G 191 25.91 10.13 -35.25
CA VAL G 191 26.15 8.75 -35.68
C VAL G 191 24.88 8.11 -36.26
N THR G 192 24.99 7.60 -37.48
CA THR G 192 23.86 6.88 -38.09
C THR G 192 24.36 5.51 -38.54
N TYR G 193 23.47 4.52 -38.53
CA TYR G 193 23.82 3.17 -38.96
C TYR G 193 23.10 2.91 -40.27
N SER G 194 23.87 2.48 -41.28
CA SER G 194 23.35 2.32 -42.65
C SER G 194 22.07 1.50 -42.69
N CYS G 195 21.84 0.69 -41.67
CA CYS G 195 20.65 -0.16 -41.60
C CYS G 195 19.38 0.66 -41.36
N CYS G 196 19.50 1.75 -40.59
CA CYS G 196 18.37 2.49 -40.03
C CYS G 196 18.51 4.01 -40.14
N PRO G 197 17.38 4.73 -40.11
CA PRO G 197 17.28 6.13 -40.54
C PRO G 197 17.61 7.18 -39.48
N GLU G 198 17.09 7.01 -38.27
CA GLU G 198 17.29 8.00 -37.21
C GLU G 198 18.76 8.03 -36.76
N ALA G 199 19.24 9.21 -36.38
CA ALA G 199 20.62 9.39 -35.95
C ALA G 199 20.71 9.53 -34.45
N TYR G 200 21.83 9.10 -33.89
CA TYR G 200 22.13 9.33 -32.49
C TYR G 200 23.20 10.40 -32.40
N GLU G 201 23.00 11.37 -31.51
CA GLU G 201 24.08 12.29 -31.25
C GLU G 201 25.01 11.66 -30.23
N ASP G 202 26.20 12.23 -30.12
CA ASP G 202 27.10 11.86 -29.07
C ASP G 202 28.08 12.99 -28.90
N VAL G 203 28.78 12.96 -27.78
CA VAL G 203 29.92 13.83 -27.58
C VAL G 203 31.12 12.92 -27.71
N GLU G 204 32.07 13.32 -28.56
CA GLU G 204 33.35 12.65 -28.63
C GLU G 204 34.33 13.34 -27.71
N VAL G 205 34.79 12.65 -26.68
CA VAL G 205 35.75 13.21 -25.73
C VAL G 205 37.15 12.70 -26.09
N SER G 206 38.06 13.61 -26.42
CA SER G 206 39.41 13.20 -26.81
C SER G 206 40.41 13.51 -25.70
N LEU G 207 40.92 12.46 -25.06
CA LEU G 207 41.82 12.62 -23.93
C LEU G 207 43.27 12.43 -24.41
N ASN G 208 44.01 13.53 -24.48
CA ASN G 208 45.41 13.50 -24.91
C ASN G 208 46.29 13.57 -23.67
N PHE G 209 47.01 12.48 -23.40
CA PHE G 209 47.77 12.36 -22.16
C PHE G 209 49.07 11.60 -22.40
N ARG G 210 49.96 11.64 -21.42
CA ARG G 210 51.22 10.92 -21.58
C ARG G 210 51.81 10.51 -20.25
N LYS G 211 52.72 9.55 -20.30
CA LYS G 211 53.43 9.12 -19.11
C LYS G 211 54.39 10.23 -18.66
N LYS G 212 54.52 10.42 -17.34
CA LYS G 212 55.57 11.27 -16.82
C LYS G 212 56.88 10.49 -16.83
N GLY G 213 58.01 11.18 -16.84
CA GLY G 213 59.31 10.53 -16.81
C GLY G 213 59.49 9.52 -17.93
N ARG G 214 59.33 9.99 -19.16
CA ARG G 214 59.30 9.11 -20.33
C ARG G 214 60.70 8.60 -20.69
N SER G 215 61.71 9.42 -20.45
CA SER G 215 63.10 9.02 -20.67
C SER G 215 63.63 8.37 -19.41
N GLU G 216 63.99 7.11 -19.50
CA GLU G 216 64.54 6.42 -18.34
C GLU G 216 65.86 5.72 -18.62
N ILE G 217 66.43 5.16 -17.58
CA ILE G 217 67.62 4.34 -17.71
C ILE G 217 67.22 2.88 -17.73
N LEU G 218 67.46 2.24 -18.87
CA LEU G 218 67.20 0.82 -19.05
C LEU G 218 68.45 -0.02 -18.78
N LYS H 3 7.40 14.14 -35.32
CA LYS H 3 6.53 15.31 -35.44
C LYS H 3 5.81 15.59 -34.11
N ASP H 4 5.05 14.59 -33.66
CA ASP H 4 4.41 14.61 -32.35
C ASP H 4 5.26 13.86 -31.34
N ASP H 5 6.43 13.42 -31.78
CA ASP H 5 7.31 12.59 -30.95
C ASP H 5 7.64 13.22 -29.60
N ASP H 6 7.86 14.53 -29.62
CA ASP H 6 8.28 15.24 -28.42
C ASP H 6 7.13 15.89 -27.65
N ASP H 7 5.92 15.40 -27.86
CA ASP H 7 4.78 15.78 -27.01
C ASP H 7 4.85 14.96 -25.72
N LYS H 8 5.29 15.60 -24.64
CA LYS H 8 5.60 14.88 -23.41
C LYS H 8 4.40 14.17 -22.79
N LEU H 9 3.25 14.87 -22.75
CA LEU H 9 2.07 14.27 -22.16
C LEU H 9 1.65 13.04 -22.95
N ASP H 10 1.82 13.11 -24.27
CA ASP H 10 1.55 11.96 -25.13
C ASP H 10 2.46 10.80 -24.71
N ARG H 11 3.74 11.09 -24.53
CA ARG H 11 4.69 10.05 -24.18
C ARG H 11 4.33 9.44 -22.82
N ALA H 12 4.02 10.29 -21.85
CA ALA H 12 3.64 9.81 -20.53
C ALA H 12 2.38 8.93 -20.62
N ASP H 13 1.44 9.31 -21.49
CA ASP H 13 0.20 8.54 -21.62
C ASP H 13 0.47 7.19 -22.27
N ILE H 14 1.36 7.17 -23.27
CA ILE H 14 1.76 5.92 -23.90
C ILE H 14 2.40 4.99 -22.86
N LEU H 15 3.26 5.55 -22.00
CA LEU H 15 3.91 4.72 -20.97
C LEU H 15 2.86 4.15 -20.03
N TYR H 16 1.91 4.98 -19.63
CA TYR H 16 0.81 4.53 -18.79
C TYR H 16 0.04 3.39 -19.45
N ASN H 17 -0.32 3.58 -20.73
CA ASN H 17 -1.02 2.54 -21.50
C ASN H 17 -0.23 1.22 -21.54
N ILE H 18 1.05 1.33 -21.83
CA ILE H 18 1.90 0.14 -21.91
C ILE H 18 1.92 -0.57 -20.56
N ARG H 19 1.98 0.20 -19.48
CA ARG H 19 2.04 -0.42 -18.15
C ARG H 19 0.71 -1.04 -17.75
N GLN H 20 -0.40 -0.45 -18.20
CA GLN H 20 -1.73 -1.02 -17.94
C GLN H 20 -1.93 -2.37 -18.64
N THR H 21 -1.37 -2.53 -19.83
CA THR H 21 -1.62 -3.71 -20.64
C THR H 21 -0.50 -4.74 -20.55
N SER H 22 0.72 -4.28 -20.25
CA SER H 22 1.87 -5.17 -20.18
C SER H 22 1.70 -6.17 -19.03
N ARG H 23 1.93 -7.43 -19.32
CA ARG H 23 2.07 -8.46 -18.31
C ARG H 23 3.51 -8.94 -18.35
N PRO H 24 4.40 -8.34 -17.55
CA PRO H 24 5.84 -8.61 -17.65
C PRO H 24 6.22 -10.07 -17.43
N ASP H 25 5.38 -10.84 -16.74
CA ASP H 25 5.72 -12.20 -16.40
C ASP H 25 5.04 -13.26 -17.28
N VAL H 26 4.23 -12.82 -18.26
CA VAL H 26 3.51 -13.75 -19.12
C VAL H 26 4.01 -13.60 -20.57
N ILE H 27 4.30 -14.70 -21.26
CA ILE H 27 4.77 -14.60 -22.64
C ILE H 27 3.64 -14.06 -23.55
N PRO H 28 4.00 -13.15 -24.47
CA PRO H 28 2.98 -12.48 -25.30
C PRO H 28 2.62 -13.32 -26.52
N THR H 29 2.11 -14.52 -26.27
CA THR H 29 1.77 -15.45 -27.34
C THR H 29 0.49 -14.98 -28.01
N GLN H 30 0.55 -14.84 -29.33
CA GLN H 30 -0.58 -14.37 -30.12
C GLN H 30 -1.09 -15.50 -31.00
N ARG H 31 -2.40 -15.56 -31.18
CA ARG H 31 -3.01 -16.58 -32.03
C ARG H 31 -2.65 -18.00 -31.57
N ASP H 32 -2.35 -18.14 -30.29
CA ASP H 32 -1.97 -19.45 -29.75
C ASP H 32 -0.75 -20.01 -30.50
N ARG H 33 0.17 -19.11 -30.86
CA ARG H 33 1.42 -19.47 -31.51
C ARG H 33 2.62 -18.99 -30.69
N PRO H 34 3.80 -19.59 -30.91
CA PRO H 34 4.98 -19.22 -30.13
C PRO H 34 5.40 -17.77 -30.39
N VAL H 35 5.91 -17.10 -29.37
CA VAL H 35 6.50 -15.78 -29.53
C VAL H 35 7.72 -15.86 -30.46
N ALA H 36 7.69 -15.13 -31.57
CA ALA H 36 8.83 -15.12 -32.48
C ALA H 36 9.80 -14.04 -32.05
N VAL H 37 10.94 -14.48 -31.55
CA VAL H 37 11.99 -13.58 -31.08
C VAL H 37 13.15 -13.58 -32.08
N SER H 38 13.56 -12.41 -32.52
CA SER H 38 14.71 -12.31 -33.43
C SER H 38 15.92 -11.78 -32.67
N VAL H 39 17.08 -12.40 -32.89
CA VAL H 39 18.29 -12.00 -32.20
C VAL H 39 19.45 -11.90 -33.17
N SER H 40 20.21 -10.81 -33.07
CA SER H 40 21.44 -10.69 -33.85
C SER H 40 22.51 -10.05 -32.96
N LEU H 41 23.66 -10.70 -32.86
CA LEU H 41 24.76 -10.14 -32.09
C LEU H 41 25.62 -9.26 -32.99
N LYS H 42 25.93 -8.06 -32.53
CA LYS H 42 26.93 -7.23 -33.20
C LYS H 42 28.19 -7.24 -32.34
N PHE H 43 29.27 -7.85 -32.83
CA PHE H 43 30.45 -7.93 -31.99
C PHE H 43 31.18 -6.60 -31.97
N ILE H 44 31.54 -6.17 -30.76
CA ILE H 44 32.20 -4.89 -30.55
C ILE H 44 33.68 -5.09 -30.19
N ASN H 45 33.96 -6.12 -29.41
CA ASN H 45 35.34 -6.38 -29.05
C ASN H 45 35.58 -7.81 -28.62
N ILE H 46 36.85 -8.21 -28.69
CA ILE H 46 37.33 -9.50 -28.21
C ILE H 46 38.47 -9.17 -27.25
N LEU H 47 38.35 -9.64 -26.02
CA LEU H 47 39.18 -9.19 -24.91
C LEU H 47 39.65 -10.35 -24.05
N GLU H 48 40.72 -10.10 -23.29
CA GLU H 48 41.18 -11.04 -22.27
C GLU H 48 41.20 -12.48 -22.77
N VAL H 49 41.85 -12.66 -23.91
CA VAL H 49 41.98 -13.97 -24.53
C VAL H 49 43.12 -14.73 -23.84
N ASN H 50 42.78 -15.88 -23.27
CA ASN H 50 43.74 -16.65 -22.49
C ASN H 50 43.97 -17.98 -23.18
N GLU H 51 45.14 -18.13 -23.77
CA GLU H 51 45.44 -19.32 -24.56
C GLU H 51 45.77 -20.52 -23.67
N ILE H 52 46.19 -20.26 -22.44
CA ILE H 52 46.42 -21.32 -21.48
C ILE H 52 45.11 -21.99 -21.01
N THR H 53 44.10 -21.18 -20.71
CA THR H 53 42.84 -21.72 -20.16
C THR H 53 41.73 -21.89 -21.21
N ASN H 54 41.99 -21.48 -22.45
CA ASN H 54 41.00 -21.55 -23.52
C ASN H 54 39.74 -20.77 -23.15
N GLU H 55 39.92 -19.50 -22.77
CA GLU H 55 38.79 -18.63 -22.43
C GLU H 55 38.93 -17.28 -23.15
N VAL H 56 37.80 -16.64 -23.40
CA VAL H 56 37.78 -15.39 -24.17
C VAL H 56 36.65 -14.51 -23.63
N ASP H 57 36.89 -13.21 -23.52
CA ASP H 57 35.83 -12.23 -23.25
C ASP H 57 35.34 -11.64 -24.56
N VAL H 58 34.02 -11.52 -24.73
CA VAL H 58 33.51 -10.80 -25.88
C VAL H 58 32.63 -9.66 -25.37
N VAL H 59 32.58 -8.57 -26.13
CA VAL H 59 31.60 -7.52 -25.91
C VAL H 59 30.74 -7.50 -27.14
N PHE H 60 29.42 -7.59 -26.97
CA PHE H 60 28.55 -7.56 -28.13
C PHE H 60 27.28 -6.80 -27.81
N TRP H 61 26.70 -6.23 -28.86
CA TRP H 61 25.37 -5.66 -28.77
C TRP H 61 24.37 -6.74 -29.13
N GLN H 62 23.41 -7.01 -28.25
CA GLN H 62 22.50 -8.11 -28.49
C GLN H 62 21.18 -7.57 -29.01
N GLN H 63 21.07 -7.45 -30.33
CA GLN H 63 19.87 -6.87 -30.93
C GLN H 63 18.71 -7.86 -30.82
N THR H 64 17.71 -7.52 -30.01
CA THR H 64 16.60 -8.42 -29.70
C THR H 64 15.27 -7.74 -30.03
N THR H 65 14.46 -8.37 -30.90
CA THR H 65 13.17 -7.82 -31.29
C THR H 65 12.08 -8.87 -31.23
N TRP H 66 10.87 -8.43 -30.93
CA TRP H 66 9.71 -9.30 -30.91
C TRP H 66 8.51 -8.35 -30.96
N SER H 67 7.31 -8.89 -31.11
CA SER H 67 6.16 -8.02 -31.03
C SER H 67 5.20 -8.46 -29.93
N ASP H 68 4.48 -7.47 -29.40
CA ASP H 68 3.33 -7.71 -28.54
C ASP H 68 2.28 -6.74 -29.02
N ARG H 69 1.39 -7.21 -29.88
CA ARG H 69 0.45 -6.32 -30.53
C ARG H 69 -0.55 -5.71 -29.55
N THR H 70 -0.65 -6.27 -28.35
CA THR H 70 -1.53 -5.67 -27.35
C THR H 70 -0.97 -4.32 -26.87
N LEU H 71 0.31 -4.07 -27.15
CA LEU H 71 0.93 -2.80 -26.75
C LEU H 71 0.74 -1.70 -27.80
N ALA H 72 0.24 -2.06 -28.98
CA ALA H 72 0.17 -1.11 -30.09
C ALA H 72 -0.81 0.05 -29.81
N TRP H 73 -0.55 1.20 -30.43
CA TRP H 73 -1.46 2.32 -30.31
C TRP H 73 -1.54 3.09 -31.62
N ASN H 74 -2.59 3.88 -31.77
CA ASN H 74 -2.75 4.74 -32.93
C ASN H 74 -1.83 5.96 -32.81
N SER H 75 -0.81 6.03 -33.65
CA SER H 75 0.15 7.14 -33.59
C SER H 75 -0.06 8.16 -34.70
N SER H 76 -1.29 8.27 -35.20
CA SER H 76 -1.55 9.22 -36.26
C SER H 76 -1.29 10.64 -35.77
N HIS H 77 -1.55 10.88 -34.49
CA HIS H 77 -1.27 12.19 -33.90
C HIS H 77 -0.55 12.06 -32.56
N SER H 78 0.42 11.15 -32.50
CA SER H 78 1.20 10.97 -31.29
C SER H 78 2.54 10.31 -31.62
N PRO H 79 3.43 10.18 -30.63
CA PRO H 79 4.76 9.58 -30.81
C PRO H 79 4.71 8.21 -31.47
N ASP H 80 5.66 7.93 -32.37
CA ASP H 80 5.78 6.63 -33.04
C ASP H 80 6.43 5.56 -32.14
N GLN H 81 7.23 6.02 -31.17
CA GLN H 81 8.04 5.16 -30.31
C GLN H 81 8.29 5.81 -28.98
N VAL H 82 8.51 5.01 -27.94
CA VAL H 82 8.97 5.53 -26.65
C VAL H 82 9.96 4.55 -26.05
N SER H 83 10.81 5.04 -25.15
CA SER H 83 11.68 4.16 -24.37
C SER H 83 10.98 3.76 -23.08
N VAL H 84 11.16 2.50 -22.71
CA VAL H 84 10.47 1.91 -21.58
C VAL H 84 11.49 1.11 -20.77
N PRO H 85 11.49 1.27 -19.43
CA PRO H 85 12.38 0.42 -18.64
C PRO H 85 11.95 -1.03 -18.81
N ILE H 86 12.90 -1.97 -18.88
CA ILE H 86 12.50 -3.34 -19.20
C ILE H 86 11.66 -3.98 -18.11
N SER H 87 11.74 -3.45 -16.90
CA SER H 87 10.94 -3.99 -15.79
C SER H 87 9.44 -3.76 -16.02
N SER H 88 9.08 -2.86 -16.93
CA SER H 88 7.66 -2.61 -17.20
C SER H 88 7.12 -3.52 -18.31
N LEU H 89 8.02 -4.27 -18.94
CA LEU H 89 7.72 -5.11 -20.09
C LEU H 89 8.01 -6.59 -19.87
N TRP H 90 7.34 -7.44 -20.62
CA TRP H 90 7.86 -8.79 -20.79
C TRP H 90 9.05 -8.69 -21.75
N VAL H 91 10.15 -9.36 -21.38
CA VAL H 91 11.31 -9.44 -22.24
C VAL H 91 11.67 -10.91 -22.26
N PRO H 92 12.12 -11.42 -23.42
CA PRO H 92 12.45 -12.85 -23.48
C PRO H 92 13.56 -13.18 -22.49
N ASP H 93 13.45 -14.34 -21.84
CA ASP H 93 14.45 -14.76 -20.85
C ASP H 93 15.66 -15.41 -21.50
N LEU H 94 16.34 -14.66 -22.38
CA LEU H 94 17.47 -15.21 -23.12
C LEU H 94 18.67 -15.44 -22.22
N ALA H 95 19.42 -16.50 -22.53
CA ALA H 95 20.68 -16.76 -21.87
C ALA H 95 21.64 -17.30 -22.92
N ALA H 96 22.92 -17.04 -22.72
CA ALA H 96 23.96 -17.76 -23.46
C ALA H 96 24.19 -19.07 -22.70
N TYR H 97 23.68 -20.18 -23.20
CA TYR H 97 23.62 -21.43 -22.45
C TYR H 97 24.98 -21.86 -21.91
N ASN H 98 26.02 -21.60 -22.70
CA ASN H 98 27.34 -22.13 -22.45
C ASN H 98 28.34 -21.13 -21.85
N ALA H 99 27.86 -19.97 -21.41
CA ALA H 99 28.73 -18.94 -20.87
C ALA H 99 29.38 -19.40 -19.57
N ILE H 100 30.55 -18.84 -19.24
CA ILE H 100 31.21 -19.23 -17.99
C ILE H 100 31.42 -18.02 -17.05
N SER H 101 30.71 -16.93 -17.32
CA SER H 101 30.70 -15.80 -16.40
C SER H 101 29.34 -15.15 -16.46
N LYS H 102 29.00 -14.33 -15.47
CA LYS H 102 27.78 -13.53 -15.49
C LYS H 102 27.80 -12.54 -16.63
N PRO H 103 26.68 -12.39 -17.35
CA PRO H 103 26.63 -11.31 -18.34
C PRO H 103 26.69 -9.96 -17.65
N GLU H 104 27.64 -9.13 -18.07
CA GLU H 104 27.73 -7.77 -17.57
C GLU H 104 27.03 -6.83 -18.54
N VAL H 105 25.89 -6.29 -18.13
CA VAL H 105 25.18 -5.36 -18.99
C VAL H 105 25.78 -3.98 -18.83
N LEU H 106 26.27 -3.42 -19.94
CA LEU H 106 27.05 -2.18 -19.92
C LEU H 106 26.19 -0.96 -20.22
N THR H 107 24.93 -1.17 -20.57
CA THR H 107 24.08 -0.09 -21.05
C THR H 107 22.79 0.04 -20.21
N PRO H 108 22.12 1.20 -20.32
CA PRO H 108 20.83 1.41 -19.66
C PRO H 108 19.80 0.35 -20.05
N GLN H 109 19.08 -0.20 -19.08
CA GLN H 109 18.19 -1.32 -19.37
C GLN H 109 16.82 -0.79 -19.75
N LEU H 110 16.82 -0.14 -20.92
CA LEU H 110 15.64 0.42 -21.54
C LEU H 110 15.39 -0.25 -22.89
N ALA H 111 14.12 -0.42 -23.24
CA ALA H 111 13.75 -0.94 -24.55
C ALA H 111 13.00 0.12 -25.32
N ARG H 112 12.94 -0.05 -26.64
CA ARG H 112 12.07 0.80 -27.46
C ARG H 112 10.77 0.08 -27.78
N VAL H 113 9.64 0.76 -27.60
CA VAL H 113 8.38 0.18 -28.01
C VAL H 113 7.80 1.05 -29.13
N VAL H 114 7.45 0.39 -30.23
CA VAL H 114 6.97 1.05 -31.44
C VAL H 114 5.45 0.97 -31.45
N SER H 115 4.79 1.96 -32.06
CA SER H 115 3.33 2.01 -31.98
C SER H 115 2.66 0.79 -32.62
N ASP H 116 3.40 0.03 -33.45
CA ASP H 116 2.79 -1.17 -34.02
C ASP H 116 2.94 -2.40 -33.12
N GLY H 117 3.51 -2.22 -31.93
CA GLY H 117 3.67 -3.32 -31.00
C GLY H 117 5.03 -4.01 -31.04
N GLU H 118 5.90 -3.55 -31.91
CA GLU H 118 7.25 -4.12 -31.99
C GLU H 118 8.10 -3.60 -30.83
N VAL H 119 8.91 -4.49 -30.26
CA VAL H 119 9.80 -4.10 -29.18
C VAL H 119 11.24 -4.36 -29.58
N LEU H 120 12.12 -3.40 -29.33
CA LEU H 120 13.55 -3.58 -29.54
C LEU H 120 14.32 -3.40 -28.24
N TYR H 121 15.01 -4.44 -27.81
CA TYR H 121 15.89 -4.32 -26.66
C TYR H 121 17.30 -4.69 -27.13
N MET H 122 18.27 -3.82 -26.87
CA MET H 122 19.65 -4.12 -27.30
C MET H 122 20.69 -3.72 -26.26
N PRO H 123 20.90 -4.57 -25.26
CA PRO H 123 21.95 -4.33 -24.28
C PRO H 123 23.35 -4.56 -24.88
N SER H 124 24.33 -3.78 -24.45
CA SER H 124 25.72 -4.16 -24.68
C SER H 124 26.14 -5.08 -23.55
N ILE H 125 26.69 -6.23 -23.90
CA ILE H 125 27.03 -7.26 -22.93
C ILE H 125 28.49 -7.65 -23.03
N ARG H 126 29.15 -7.72 -21.88
CA ARG H 126 30.48 -8.33 -21.80
C ARG H 126 30.37 -9.67 -21.07
N GLN H 127 30.90 -10.73 -21.66
CA GLN H 127 30.74 -12.07 -21.10
C GLN H 127 31.88 -12.98 -21.51
N ARG H 128 32.20 -13.96 -20.66
CA ARG H 128 33.30 -14.87 -20.94
C ARG H 128 32.81 -16.22 -21.40
N PHE H 129 33.57 -16.84 -22.31
CA PHE H 129 33.22 -18.13 -22.89
C PHE H 129 34.44 -19.05 -22.93
N SER H 130 34.17 -20.34 -22.95
CA SER H 130 35.20 -21.36 -23.22
C SER H 130 35.33 -21.52 -24.73
N CYS H 131 36.53 -21.26 -25.27
CA CYS H 131 36.75 -21.29 -26.72
C CYS H 131 38.05 -22.00 -27.08
N ASP H 132 38.14 -22.47 -28.31
CA ASP H 132 39.40 -23.02 -28.80
C ASP H 132 40.32 -21.89 -29.21
N VAL H 133 41.27 -21.57 -28.33
CA VAL H 133 42.15 -20.45 -28.53
C VAL H 133 43.51 -20.88 -29.08
N SER H 134 43.69 -22.19 -29.30
CA SER H 134 45.01 -22.72 -29.70
C SER H 134 45.53 -22.05 -30.97
N GLY H 135 44.66 -21.87 -31.96
CA GLY H 135 45.10 -21.33 -33.22
C GLY H 135 45.06 -19.82 -33.35
N VAL H 136 44.91 -19.12 -32.21
CA VAL H 136 44.63 -17.68 -32.24
C VAL H 136 45.72 -16.87 -32.95
N ASP H 137 46.97 -17.31 -32.87
CA ASP H 137 48.08 -16.61 -33.51
C ASP H 137 48.43 -17.17 -34.90
N THR H 138 47.59 -18.06 -35.42
CA THR H 138 47.80 -18.61 -36.75
C THR H 138 46.86 -17.97 -37.76
N GLU H 139 47.07 -18.25 -39.04
CA GLU H 139 46.21 -17.70 -40.07
C GLU H 139 44.79 -18.27 -39.95
N SER H 140 44.65 -19.48 -39.42
CA SER H 140 43.32 -20.08 -39.35
C SER H 140 42.53 -19.58 -38.13
N GLY H 141 43.23 -19.10 -37.11
CA GLY H 141 42.59 -18.42 -36.01
C GLY H 141 41.94 -19.28 -34.92
N ALA H 142 41.12 -18.62 -34.12
CA ALA H 142 40.48 -19.25 -32.98
C ALA H 142 38.98 -19.22 -33.21
N THR H 143 38.24 -20.06 -32.48
CA THR H 143 36.79 -20.10 -32.66
C THR H 143 36.05 -20.13 -31.33
N CYS H 144 35.05 -19.26 -31.22
CA CYS H 144 34.12 -19.27 -30.10
C CYS H 144 32.74 -19.64 -30.63
N ARG H 145 32.03 -20.48 -29.90
CA ARG H 145 30.66 -20.81 -30.25
C ARG H 145 29.76 -20.40 -29.10
N ILE H 146 28.81 -19.53 -29.41
CA ILE H 146 27.90 -18.99 -28.40
C ILE H 146 26.48 -19.42 -28.72
N LYS H 147 25.81 -20.06 -27.77
CA LYS H 147 24.45 -20.55 -28.01
C LYS H 147 23.49 -19.70 -27.18
N ILE H 148 22.61 -18.99 -27.83
CA ILE H 148 21.68 -18.12 -27.12
C ILE H 148 20.24 -18.52 -27.36
N GLY H 149 19.49 -18.70 -26.27
CA GLY H 149 18.11 -19.11 -26.42
C GLY H 149 17.35 -18.75 -25.16
N SER H 150 16.05 -19.02 -25.16
CA SER H 150 15.26 -18.86 -23.94
C SER H 150 15.75 -19.85 -22.90
N TRP H 151 15.90 -19.40 -21.67
CA TRP H 151 16.34 -20.29 -20.61
C TRP H 151 15.24 -21.28 -20.19
N THR H 152 13.98 -20.84 -20.14
CA THR H 152 12.92 -21.72 -19.63
C THR H 152 11.79 -22.04 -20.61
N HIS H 153 11.73 -21.35 -21.75
CA HIS H 153 10.64 -21.60 -22.69
C HIS H 153 11.10 -22.46 -23.87
N HIS H 154 10.43 -23.59 -24.07
CA HIS H 154 10.78 -24.45 -25.19
C HIS H 154 10.13 -23.99 -26.49
N SER H 155 10.40 -24.73 -27.57
CA SER H 155 10.10 -24.27 -28.92
C SER H 155 8.61 -23.99 -29.18
N ARG H 156 7.72 -24.65 -28.46
CA ARG H 156 6.29 -24.36 -28.62
C ARG H 156 5.91 -22.99 -28.07
N GLU H 157 6.71 -22.46 -27.17
CA GLU H 157 6.40 -21.19 -26.50
C GLU H 157 7.19 -20.01 -27.04
N ILE H 158 8.46 -20.23 -27.33
CA ILE H 158 9.31 -19.18 -27.87
C ILE H 158 10.20 -19.74 -28.97
N SER H 159 10.20 -19.09 -30.13
CA SER H 159 11.18 -19.40 -31.15
C SER H 159 12.22 -18.29 -31.19
N VAL H 160 13.50 -18.65 -31.21
CA VAL H 160 14.53 -17.62 -31.24
C VAL H 160 15.30 -17.75 -32.53
N ASP H 161 15.12 -16.78 -33.42
CA ASP H 161 15.68 -16.84 -34.79
C ASP H 161 16.65 -15.71 -35.12
N PRO H 162 17.72 -16.04 -35.88
CA PRO H 162 18.71 -15.04 -36.27
C PRO H 162 18.07 -14.04 -37.21
N THR H 163 18.33 -12.75 -37.02
CA THR H 163 17.63 -11.70 -37.77
C THR H 163 18.03 -11.73 -39.22
N THR H 164 17.04 -11.55 -40.11
CA THR H 164 17.30 -11.58 -41.55
C THR H 164 17.87 -10.25 -42.04
N SER H 170 32.17 -4.80 -38.11
CA SER H 170 32.85 -3.96 -39.10
C SER H 170 32.36 -2.52 -39.01
N GLU H 171 31.05 -2.36 -38.96
CA GLU H 171 30.47 -1.09 -38.64
C GLU H 171 30.52 -0.91 -37.13
N TYR H 172 30.75 -2.02 -36.43
CA TYR H 172 30.64 -2.00 -34.98
C TYR H 172 31.91 -2.43 -34.27
N PHE H 173 32.71 -3.29 -34.89
CA PHE H 173 33.87 -3.85 -34.18
C PHE H 173 34.94 -2.78 -33.90
N SER H 174 35.46 -2.79 -32.68
CA SER H 174 36.47 -1.83 -32.28
C SER H 174 37.70 -1.89 -33.19
N GLN H 175 38.15 -0.74 -33.66
CA GLN H 175 39.38 -0.71 -34.45
C GLN H 175 40.61 -0.86 -33.54
N TYR H 176 40.42 -0.89 -32.23
CA TYR H 176 41.56 -1.00 -31.32
C TYR H 176 41.70 -2.35 -30.65
N SER H 177 40.91 -3.33 -31.09
CA SER H 177 41.04 -4.68 -30.59
C SER H 177 42.39 -5.24 -31.02
N ARG H 178 42.95 -6.14 -30.21
CA ARG H 178 44.15 -6.90 -30.58
C ARG H 178 43.86 -7.89 -31.68
N PHE H 179 42.58 -8.16 -31.91
CA PHE H 179 42.17 -9.26 -32.78
C PHE H 179 41.34 -8.77 -33.93
N GLU H 180 41.24 -9.61 -34.95
CA GLU H 180 40.42 -9.31 -36.10
C GLU H 180 39.47 -10.47 -36.38
N ILE H 181 38.27 -10.16 -36.85
CA ILE H 181 37.28 -11.19 -37.09
C ILE H 181 37.45 -11.78 -38.49
N LEU H 182 37.54 -13.11 -38.56
CA LEU H 182 37.67 -13.82 -39.84
C LEU H 182 36.29 -14.11 -40.41
N ASP H 183 35.36 -14.45 -39.51
CA ASP H 183 34.00 -14.79 -39.92
C ASP H 183 33.08 -14.81 -38.73
N VAL H 184 31.84 -14.38 -38.96
CA VAL H 184 30.76 -14.59 -38.00
C VAL H 184 29.57 -15.23 -38.71
N THR H 185 29.06 -16.33 -38.17
CA THR H 185 27.77 -16.83 -38.61
C THR H 185 26.83 -16.88 -37.41
N GLN H 186 25.55 -16.69 -37.69
CA GLN H 186 24.52 -16.75 -36.67
C GLN H 186 23.39 -17.60 -37.23
N LYS H 187 23.29 -18.84 -36.74
CA LYS H 187 22.45 -19.86 -37.37
C LYS H 187 21.33 -20.35 -36.45
N LYS H 188 20.15 -20.62 -37.01
CA LYS H 188 19.09 -21.28 -36.26
C LYS H 188 19.55 -22.67 -35.83
N ASN H 189 19.25 -23.04 -34.60
CA ASN H 189 19.67 -24.31 -34.08
C ASN H 189 18.63 -24.82 -33.07
N SER H 190 18.18 -26.05 -33.24
CA SER H 190 17.25 -26.67 -32.32
C SER H 190 18.03 -27.55 -31.35
N VAL H 191 17.95 -27.26 -30.05
CA VAL H 191 18.71 -28.00 -29.07
C VAL H 191 17.80 -28.93 -28.26
N THR H 192 18.19 -30.20 -28.20
CA THR H 192 17.44 -31.19 -27.45
C THR H 192 18.44 -32.03 -26.67
N TYR H 193 18.00 -32.56 -25.53
CA TYR H 193 18.86 -33.37 -24.68
C TYR H 193 18.27 -34.77 -24.61
N SER H 194 19.14 -35.79 -24.57
CA SER H 194 18.69 -37.19 -24.63
C SER H 194 17.62 -37.49 -23.57
N CYS H 195 17.75 -36.85 -22.42
CA CYS H 195 16.88 -37.13 -21.28
C CYS H 195 15.43 -36.72 -21.52
N CYS H 196 15.23 -35.69 -22.33
CA CYS H 196 13.95 -34.98 -22.27
C CYS H 196 13.43 -34.60 -23.66
N PRO H 197 12.09 -34.48 -23.78
CA PRO H 197 11.40 -34.27 -25.06
C PRO H 197 11.41 -32.82 -25.55
N GLU H 198 11.58 -31.85 -24.67
CA GLU H 198 11.50 -30.44 -25.06
C GLU H 198 12.68 -30.06 -25.97
N ALA H 199 12.40 -29.30 -27.02
CA ALA H 199 13.43 -28.66 -27.81
C ALA H 199 13.46 -27.16 -27.53
N TYR H 200 14.67 -26.60 -27.50
CA TYR H 200 14.88 -25.17 -27.33
C TYR H 200 15.42 -24.57 -28.61
N GLU H 201 14.72 -23.56 -29.12
CA GLU H 201 15.18 -22.92 -30.35
C GLU H 201 16.18 -21.86 -30.02
N ASP H 202 17.39 -21.99 -30.55
CA ASP H 202 18.44 -21.03 -30.23
C ASP H 202 19.10 -20.46 -31.49
N VAL H 203 19.90 -19.43 -31.29
CA VAL H 203 20.80 -18.94 -32.33
C VAL H 203 22.20 -19.40 -31.94
N GLU H 204 22.85 -20.12 -32.86
CA GLU H 204 24.21 -20.55 -32.66
C GLU H 204 25.11 -19.54 -33.33
N VAL H 205 25.89 -18.83 -32.54
CA VAL H 205 26.79 -17.82 -33.09
C VAL H 205 28.21 -18.35 -33.11
N SER H 206 28.79 -18.42 -34.30
CA SER H 206 30.18 -18.86 -34.44
C SER H 206 31.06 -17.67 -34.73
N LEU H 207 32.04 -17.43 -33.86
CA LEU H 207 32.95 -16.31 -34.00
C LEU H 207 34.36 -16.82 -34.29
N ASN H 208 34.82 -16.59 -35.51
CA ASN H 208 36.17 -16.98 -35.91
CA ASN H 208 36.17 -16.97 -35.90
C ASN H 208 37.07 -15.75 -35.96
N PHE H 209 38.17 -15.77 -35.20
CA PHE H 209 39.03 -14.58 -35.10
C PHE H 209 40.51 -14.96 -34.94
N ARG H 210 41.39 -13.99 -35.11
CA ARG H 210 42.82 -14.21 -34.90
C ARG H 210 43.49 -12.93 -34.44
N LYS H 211 44.68 -13.05 -33.87
CA LYS H 211 45.45 -11.87 -33.50
C LYS H 211 45.85 -11.12 -34.76
N LYS H 212 45.74 -9.80 -34.74
CA LYS H 212 46.19 -8.97 -35.86
C LYS H 212 47.67 -9.18 -36.14
N GLY H 213 48.03 -9.12 -37.42
CA GLY H 213 49.41 -9.28 -37.85
C GLY H 213 49.52 -10.09 -39.12
N ARG H 214 50.69 -10.04 -39.79
CA ARG H 214 50.91 -10.81 -41.01
C ARG H 214 50.94 -12.31 -40.70
N SER H 215 50.19 -13.09 -41.48
CA SER H 215 50.09 -14.53 -41.26
C SER H 215 50.59 -15.33 -42.46
N LYS I 3 -1.17 -27.95 -26.88
CA LYS I 3 -2.16 -27.43 -27.81
C LYS I 3 -2.82 -26.15 -27.28
N ASP I 4 -2.92 -26.08 -25.95
CA ASP I 4 -3.42 -24.87 -25.29
C ASP I 4 -2.29 -24.09 -24.65
N ASP I 5 -1.06 -24.57 -24.83
CA ASP I 5 0.12 -23.96 -24.22
C ASP I 5 0.23 -22.46 -24.47
N ASP I 6 -0.09 -22.02 -25.68
CA ASP I 6 0.11 -20.61 -26.03
C ASP I 6 -1.14 -19.76 -25.89
N ASP I 7 -2.10 -20.24 -25.10
CA ASP I 7 -3.27 -19.45 -24.74
C ASP I 7 -2.84 -18.47 -23.65
N LYS I 8 -2.66 -17.20 -24.00
CA LYS I 8 -2.01 -16.25 -23.10
C LYS I 8 -2.84 -16.01 -21.83
N LEU I 9 -4.14 -15.82 -21.99
CA LEU I 9 -5.00 -15.58 -20.85
C LEU I 9 -4.93 -16.74 -19.85
N ASP I 10 -4.96 -17.97 -20.37
CA ASP I 10 -4.80 -19.16 -19.54
C ASP I 10 -3.52 -19.09 -18.72
N ARG I 11 -2.41 -18.76 -19.37
CA ARG I 11 -1.13 -18.64 -18.68
C ARG I 11 -1.17 -17.58 -17.56
N ALA I 12 -1.73 -16.42 -17.85
CA ALA I 12 -1.83 -15.33 -16.88
C ALA I 12 -2.67 -15.77 -15.67
N ASP I 13 -3.69 -16.57 -15.94
CA ASP I 13 -4.58 -17.07 -14.90
C ASP I 13 -3.90 -18.14 -14.07
N ILE I 14 -3.10 -18.98 -14.71
CA ILE I 14 -2.34 -19.99 -13.99
C ILE I 14 -1.34 -19.29 -13.05
N LEU I 15 -0.69 -18.25 -13.55
CA LEU I 15 0.30 -17.52 -12.76
C LEU I 15 -0.35 -16.88 -11.52
N TYR I 16 -1.50 -16.26 -11.75
CA TYR I 16 -2.31 -15.71 -10.66
C TYR I 16 -2.68 -16.77 -9.63
N ASN I 17 -3.15 -17.93 -10.11
CA ASN I 17 -3.53 -19.03 -9.23
C ASN I 17 -2.34 -19.50 -8.41
N ILE I 18 -1.20 -19.64 -9.08
CA ILE I 18 0.00 -20.06 -8.38
C ILE I 18 0.37 -19.06 -7.30
N ARG I 19 0.28 -17.77 -7.63
CA ARG I 19 0.66 -16.74 -6.68
C ARG I 19 -0.33 -16.58 -5.54
N GLN I 20 -1.58 -16.99 -5.73
CA GLN I 20 -2.55 -16.99 -4.62
C GLN I 20 -2.25 -18.12 -3.65
N THR I 21 -1.82 -19.25 -4.20
CA THR I 21 -1.68 -20.48 -3.41
C THR I 21 -0.30 -20.58 -2.77
N SER I 22 0.70 -20.12 -3.50
CA SER I 22 2.10 -20.30 -3.11
C SER I 22 2.46 -19.66 -1.77
N ARG I 23 3.12 -20.43 -0.92
CA ARG I 23 3.73 -19.88 0.27
C ARG I 23 5.25 -19.95 0.16
N PRO I 24 5.89 -18.86 -0.29
CA PRO I 24 7.31 -18.91 -0.61
C PRO I 24 8.22 -19.24 0.58
N ASP I 25 7.75 -19.04 1.81
CA ASP I 25 8.61 -19.24 2.96
C ASP I 25 8.24 -20.46 3.79
N VAL I 26 7.30 -21.27 3.31
CA VAL I 26 6.88 -22.46 4.02
C VAL I 26 7.19 -23.72 3.21
N ILE I 27 7.85 -24.71 3.82
CA ILE I 27 8.14 -25.93 3.08
C ILE I 27 6.83 -26.60 2.67
N PRO I 28 6.76 -27.05 1.41
CA PRO I 28 5.54 -27.67 0.86
C PRO I 28 5.40 -29.15 1.26
N THR I 29 5.33 -29.40 2.56
CA THR I 29 5.20 -30.76 3.03
C THR I 29 3.76 -31.24 2.82
N GLN I 30 3.61 -32.38 2.15
CA GLN I 30 2.29 -32.97 1.91
C GLN I 30 2.05 -34.09 2.91
N ARG I 31 0.85 -34.14 3.47
CA ARG I 31 0.56 -35.08 4.55
C ARG I 31 1.61 -34.90 5.65
N ASP I 32 2.15 -36.01 6.13
CA ASP I 32 3.21 -35.96 7.13
C ASP I 32 4.50 -36.56 6.59
N ARG I 33 4.99 -36.00 5.49
CA ARG I 33 6.20 -36.50 4.85
C ARG I 33 7.16 -35.36 4.49
N PRO I 34 8.46 -35.63 4.58
CA PRO I 34 9.45 -34.62 4.14
C PRO I 34 9.28 -34.28 2.66
N VAL I 35 9.74 -33.09 2.27
CA VAL I 35 9.71 -32.69 0.87
C VAL I 35 10.88 -33.37 0.19
N ALA I 36 10.61 -34.19 -0.82
CA ALA I 36 11.68 -34.86 -1.56
C ALA I 36 12.23 -33.93 -2.65
N VAL I 37 13.53 -33.67 -2.59
CA VAL I 37 14.19 -32.77 -3.53
C VAL I 37 15.26 -33.54 -4.29
N SER I 38 15.22 -33.45 -5.62
CA SER I 38 16.26 -34.03 -6.45
C SER I 38 17.16 -32.94 -6.95
N VAL I 39 18.46 -33.21 -6.97
CA VAL I 39 19.41 -32.24 -7.49
C VAL I 39 20.44 -32.96 -8.36
N SER I 40 20.54 -32.54 -9.61
CA SER I 40 21.57 -33.08 -10.51
C SER I 40 22.45 -31.95 -11.05
N LEU I 41 23.77 -32.10 -10.95
CA LEU I 41 24.67 -31.10 -11.48
C LEU I 41 25.14 -31.54 -12.85
N LYS I 42 24.90 -30.69 -13.85
CA LYS I 42 25.38 -30.90 -15.21
C LYS I 42 26.56 -29.98 -15.46
N PHE I 43 27.77 -30.53 -15.49
CA PHE I 43 28.93 -29.65 -15.61
C PHE I 43 29.11 -29.07 -17.01
N ILE I 44 29.23 -27.75 -17.06
CA ILE I 44 29.48 -26.99 -18.29
C ILE I 44 30.99 -26.78 -18.53
N ASN I 45 31.72 -26.52 -17.46
CA ASN I 45 33.16 -26.34 -17.56
C ASN I 45 33.88 -26.49 -16.23
N ILE I 46 35.14 -26.86 -16.33
CA ILE I 46 36.05 -26.84 -15.21
C ILE I 46 37.08 -25.81 -15.56
N LEU I 47 37.06 -24.68 -14.84
CA LEU I 47 37.78 -23.50 -15.30
C LEU I 47 39.21 -23.45 -14.79
N GLU I 48 39.37 -23.71 -13.49
CA GLU I 48 40.67 -23.63 -12.84
C GLU I 48 40.74 -24.67 -11.76
N VAL I 49 41.91 -25.28 -11.64
CA VAL I 49 42.09 -26.35 -10.68
C VAL I 49 43.45 -26.13 -10.04
N ASN I 50 43.51 -26.24 -8.72
CA ASN I 50 44.78 -26.09 -8.02
C ASN I 50 45.08 -27.32 -7.18
N GLU I 51 46.09 -28.09 -7.60
CA GLU I 51 46.45 -29.35 -6.96
C GLU I 51 47.14 -29.16 -5.60
N ILE I 52 47.75 -28.00 -5.43
CA ILE I 52 48.40 -27.64 -4.18
C ILE I 52 47.40 -27.22 -3.10
N THR I 53 46.43 -26.39 -3.47
CA THR I 53 45.46 -25.89 -2.48
C THR I 53 44.20 -26.74 -2.45
N ASN I 54 44.07 -27.67 -3.38
CA ASN I 54 42.89 -28.53 -3.46
C ASN I 54 41.62 -27.68 -3.62
N GLU I 55 41.60 -26.88 -4.68
CA GLU I 55 40.45 -26.04 -4.99
C GLU I 55 40.11 -26.18 -6.48
N VAL I 56 38.82 -26.03 -6.80
CA VAL I 56 38.39 -26.06 -8.17
C VAL I 56 37.37 -24.95 -8.39
N ASP I 57 37.33 -24.47 -9.63
CA ASP I 57 36.40 -23.43 -10.09
C ASP I 57 35.60 -24.06 -11.22
N VAL I 58 34.27 -24.17 -11.05
CA VAL I 58 33.47 -24.88 -12.05
C VAL I 58 32.21 -24.12 -12.41
N VAL I 59 31.65 -24.46 -13.56
CA VAL I 59 30.33 -23.98 -13.95
C VAL I 59 29.42 -25.18 -14.22
N PHE I 60 28.21 -25.15 -13.66
CA PHE I 60 27.30 -26.28 -13.77
C PHE I 60 25.85 -25.83 -13.79
N TRP I 61 25.03 -26.62 -14.47
CA TRP I 61 23.58 -26.44 -14.42
C TRP I 61 23.07 -27.25 -13.25
N GLN I 62 22.36 -26.59 -12.34
CA GLN I 62 21.91 -27.27 -11.15
C GLN I 62 20.44 -27.63 -11.27
N GLN I 63 20.18 -28.84 -11.79
CA GLN I 63 18.81 -29.25 -12.04
C GLN I 63 18.14 -29.63 -10.72
N THR I 64 17.16 -28.82 -10.31
CA THR I 64 16.56 -28.98 -9.00
C THR I 64 15.08 -29.19 -9.14
N THR I 65 14.56 -30.30 -8.62
CA THR I 65 13.16 -30.64 -8.79
C THR I 65 12.50 -31.12 -7.50
N TRP I 66 11.23 -30.79 -7.37
CA TRP I 66 10.46 -31.15 -6.20
C TRP I 66 9.01 -30.93 -6.58
N SER I 67 8.09 -31.30 -5.72
CA SER I 67 6.70 -31.05 -6.06
C SER I 67 6.00 -30.27 -4.97
N ASP I 68 4.99 -29.52 -5.39
CA ASP I 68 4.04 -28.90 -4.50
C ASP I 68 2.66 -29.11 -5.11
N ARG I 69 1.98 -30.15 -4.65
CA ARG I 69 0.73 -30.59 -5.26
C ARG I 69 -0.38 -29.54 -5.11
N THR I 70 -0.19 -28.57 -4.22
CA THR I 70 -1.19 -27.52 -4.04
C THR I 70 -1.16 -26.52 -5.20
N LEU I 71 -0.08 -26.55 -5.98
CA LEU I 71 0.03 -25.67 -7.14
C LEU I 71 -0.57 -26.31 -8.40
N ALA I 72 -0.91 -27.59 -8.33
CA ALA I 72 -1.41 -28.30 -9.50
C ALA I 72 -2.76 -27.76 -9.99
N TRP I 73 -3.03 -27.97 -11.28
CA TRP I 73 -4.30 -27.56 -11.87
C TRP I 73 -4.70 -28.55 -12.95
N ASN I 74 -5.97 -28.46 -13.36
CA ASN I 74 -6.50 -29.27 -14.46
C ASN I 74 -6.06 -28.69 -15.81
N SER I 75 -5.29 -29.45 -16.57
CA SER I 75 -4.74 -28.94 -17.82
C SER I 75 -5.38 -29.56 -19.06
N SER I 76 -6.53 -30.19 -18.89
CA SER I 76 -7.17 -30.86 -20.03
C SER I 76 -7.43 -29.87 -21.17
N HIS I 77 -7.67 -28.62 -20.82
CA HIS I 77 -7.90 -27.58 -21.83
C HIS I 77 -7.11 -26.31 -21.53
N SER I 78 -5.94 -26.46 -20.92
CA SER I 78 -5.09 -25.31 -20.65
C SER I 78 -3.62 -25.73 -20.71
N PRO I 79 -2.70 -24.76 -20.57
CA PRO I 79 -1.25 -25.00 -20.61
C PRO I 79 -0.78 -26.08 -19.64
N ASP I 80 0.18 -26.90 -20.10
CA ASP I 80 0.79 -27.97 -19.31
C ASP I 80 1.77 -27.43 -18.26
N GLN I 81 2.41 -26.31 -18.59
CA GLN I 81 3.46 -25.71 -17.79
C GLN I 81 3.51 -24.20 -17.99
N VAL I 82 4.03 -23.50 -16.99
CA VAL I 82 4.36 -22.09 -17.14
C VAL I 82 5.70 -21.78 -16.48
N SER I 83 6.30 -20.67 -16.87
CA SER I 83 7.48 -20.16 -16.18
C SER I 83 7.06 -19.21 -15.08
N VAL I 84 7.72 -19.29 -13.93
CA VAL I 84 7.37 -18.49 -12.76
C VAL I 84 8.63 -17.90 -12.13
N PRO I 85 8.61 -16.59 -11.81
CA PRO I 85 9.79 -16.05 -11.10
C PRO I 85 9.99 -16.78 -9.78
N ILE I 86 11.23 -17.12 -9.41
CA ILE I 86 11.39 -17.93 -8.21
C ILE I 86 11.02 -17.17 -6.94
N SER I 87 11.02 -15.85 -7.00
CA SER I 87 10.55 -15.04 -5.86
C SER I 87 9.08 -15.34 -5.50
N SER I 88 8.30 -15.84 -6.45
CA SER I 88 6.89 -16.20 -6.19
C SER I 88 6.72 -17.59 -5.58
N LEU I 89 7.82 -18.33 -5.47
CA LEU I 89 7.78 -19.75 -5.08
C LEU I 89 8.62 -20.06 -3.88
N TRP I 90 8.27 -21.12 -3.16
CA TRP I 90 9.22 -21.74 -2.24
C TRP I 90 10.27 -22.46 -3.07
N VAL I 91 11.52 -22.36 -2.66
CA VAL I 91 12.62 -23.08 -3.30
C VAL I 91 13.45 -23.72 -2.19
N PRO I 92 13.96 -24.94 -2.42
CA PRO I 92 14.77 -25.53 -1.34
C PRO I 92 16.01 -24.70 -1.02
N ASP I 93 16.35 -24.60 0.26
CA ASP I 93 17.49 -23.81 0.70
C ASP I 93 18.77 -24.62 0.62
N LEU I 94 19.10 -25.07 -0.59
CA LEU I 94 20.27 -25.94 -0.79
C LEU I 94 21.57 -25.16 -0.64
N ALA I 95 22.60 -25.82 -0.12
CA ALA I 95 23.94 -25.24 -0.11
C ALA I 95 24.97 -26.36 -0.23
N ALA I 96 26.08 -26.04 -0.86
CA ALA I 96 27.21 -26.96 -0.95
C ALA I 96 28.06 -26.81 0.30
N TYR I 97 28.20 -27.88 1.07
CA TYR I 97 28.86 -27.77 2.36
C TYR I 97 30.35 -27.46 2.20
N ASN I 98 30.93 -27.76 1.04
CA ASN I 98 32.34 -27.46 0.81
C ASN I 98 32.59 -26.34 -0.23
N ALA I 99 31.58 -25.48 -0.41
CA ALA I 99 31.76 -24.31 -1.26
C ALA I 99 32.66 -23.29 -0.58
N ILE I 100 33.50 -22.61 -1.36
CA ILE I 100 34.37 -21.58 -0.81
C ILE I 100 34.20 -20.24 -1.51
N SER I 101 33.13 -20.13 -2.28
CA SER I 101 32.72 -18.86 -2.90
C SER I 101 31.22 -18.87 -3.02
N LYS I 102 30.61 -17.70 -3.23
CA LYS I 102 29.16 -17.63 -3.42
C LYS I 102 28.74 -18.33 -4.70
N PRO I 103 27.57 -18.97 -4.67
CA PRO I 103 27.11 -19.52 -5.95
C PRO I 103 26.67 -18.38 -6.86
N GLU I 104 27.38 -18.18 -7.95
CA GLU I 104 27.10 -17.10 -8.87
C GLU I 104 26.10 -17.58 -9.94
N VAL I 105 24.91 -17.00 -9.93
CA VAL I 105 23.87 -17.44 -10.84
C VAL I 105 23.97 -16.66 -12.14
N LEU I 106 24.12 -17.40 -13.24
CA LEU I 106 24.39 -16.76 -14.53
C LEU I 106 23.14 -16.54 -15.38
N THR I 107 22.02 -17.12 -14.96
CA THR I 107 20.83 -17.25 -15.81
C THR I 107 19.61 -16.57 -15.22
N PRO I 108 18.54 -16.41 -16.03
CA PRO I 108 17.29 -15.82 -15.56
C PRO I 108 16.68 -16.61 -14.40
N GLN I 109 16.27 -15.92 -13.32
CA GLN I 109 15.83 -16.63 -12.13
C GLN I 109 14.32 -16.98 -12.23
N LEU I 110 14.05 -17.89 -13.14
CA LEU I 110 12.70 -18.38 -13.42
C LEU I 110 12.67 -19.89 -13.25
N ALA I 111 11.58 -20.40 -12.70
CA ALA I 111 11.37 -21.85 -12.60
C ALA I 111 10.22 -22.27 -13.48
N ARG I 112 10.09 -23.57 -13.69
CA ARG I 112 8.96 -24.14 -14.40
C ARG I 112 8.02 -24.81 -13.41
N VAL I 113 6.73 -24.51 -13.53
CA VAL I 113 5.72 -25.21 -12.74
C VAL I 113 4.85 -26.01 -13.70
N VAL I 114 4.76 -27.31 -13.43
CA VAL I 114 3.98 -28.25 -14.23
C VAL I 114 2.58 -28.43 -13.64
N SER I 115 1.60 -28.76 -14.48
CA SER I 115 0.20 -28.77 -14.03
C SER I 115 -0.04 -29.82 -12.94
N ASP I 116 0.88 -30.77 -12.79
CA ASP I 116 0.74 -31.80 -11.76
C ASP I 116 1.37 -31.35 -10.45
N GLY I 117 1.88 -30.12 -10.42
CA GLY I 117 2.55 -29.59 -9.24
C GLY I 117 4.06 -29.80 -9.19
N GLU I 118 4.66 -30.37 -10.22
CA GLU I 118 6.12 -30.48 -10.20
C GLU I 118 6.75 -29.10 -10.44
N VAL I 119 7.82 -28.82 -9.71
CA VAL I 119 8.56 -27.59 -9.94
C VAL I 119 9.99 -27.90 -10.37
N LEU I 120 10.46 -27.20 -11.40
CA LEU I 120 11.85 -27.35 -11.85
C LEU I 120 12.55 -26.00 -11.82
N TYR I 121 13.65 -25.91 -11.07
CA TYR I 121 14.48 -24.73 -11.09
C TYR I 121 15.88 -25.18 -11.50
N MET I 122 16.43 -24.61 -12.56
CA MET I 122 17.77 -25.01 -12.99
C MET I 122 18.63 -23.81 -13.37
N PRO I 123 19.26 -23.18 -12.38
CA PRO I 123 20.22 -22.10 -12.63
C PRO I 123 21.55 -22.63 -13.16
N SER I 124 22.21 -21.83 -14.00
CA SER I 124 23.62 -22.08 -14.29
C SER I 124 24.42 -21.35 -13.23
N ILE I 125 25.35 -22.05 -12.60
CA ILE I 125 26.03 -21.53 -11.44
C ILE I 125 27.53 -21.64 -11.63
N ARG I 126 28.25 -20.57 -11.33
CA ARG I 126 29.69 -20.65 -11.23
C ARG I 126 30.07 -20.60 -9.76
N GLN I 127 30.89 -21.57 -9.32
CA GLN I 127 31.23 -21.66 -7.90
C GLN I 127 32.56 -22.37 -7.71
N ARG I 128 33.21 -22.08 -6.58
CA ARG I 128 34.49 -22.69 -6.23
C ARG I 128 34.31 -23.62 -5.04
N PHE I 129 35.10 -24.69 -5.00
CA PHE I 129 34.95 -25.70 -3.97
C PHE I 129 36.30 -26.14 -3.45
N SER I 130 36.30 -26.58 -2.20
CA SER I 130 37.43 -27.27 -1.61
C SER I 130 37.20 -28.77 -1.71
N CYS I 131 38.05 -29.47 -2.48
CA CYS I 131 37.85 -30.89 -2.67
C CYS I 131 39.18 -31.55 -3.13
N ASP I 132 39.17 -32.86 -3.23
CA ASP I 132 40.41 -33.60 -3.53
C ASP I 132 40.80 -33.49 -5.00
N VAL I 133 41.81 -32.69 -5.28
CA VAL I 133 42.28 -32.53 -6.65
C VAL I 133 43.49 -33.45 -6.92
N SER I 134 43.89 -34.23 -5.92
CA SER I 134 45.04 -35.13 -6.10
C SER I 134 44.75 -36.11 -7.23
N GLY I 135 45.76 -36.32 -8.07
CA GLY I 135 45.62 -37.26 -9.17
C GLY I 135 45.05 -36.69 -10.46
N VAL I 136 44.79 -35.38 -10.48
CA VAL I 136 44.22 -34.76 -11.67
C VAL I 136 45.12 -34.93 -12.90
N ASP I 137 46.42 -35.10 -12.66
CA ASP I 137 47.34 -35.20 -13.77
C ASP I 137 47.59 -36.64 -14.19
N THR I 138 46.83 -37.56 -13.62
CA THR I 138 47.00 -38.99 -13.91
C THR I 138 45.91 -39.50 -14.82
N GLU I 139 46.08 -40.74 -15.30
CA GLU I 139 45.09 -41.39 -16.15
C GLU I 139 43.76 -41.58 -15.44
N SER I 140 43.82 -41.96 -14.16
CA SER I 140 42.63 -42.20 -13.37
C SER I 140 41.94 -40.92 -12.94
N GLY I 141 42.70 -39.82 -12.92
CA GLY I 141 42.13 -38.52 -12.62
C GLY I 141 41.91 -38.27 -11.14
N ALA I 142 41.39 -37.09 -10.85
CA ALA I 142 41.03 -36.73 -9.50
C ALA I 142 39.54 -36.98 -9.31
N THR I 143 39.14 -37.14 -8.06
CA THR I 143 37.71 -37.24 -7.76
C THR I 143 37.36 -36.19 -6.73
N CYS I 144 36.68 -35.15 -7.20
CA CYS I 144 36.24 -34.04 -6.38
C CYS I 144 34.79 -34.27 -5.95
N ARG I 145 34.55 -34.36 -4.64
CA ARG I 145 33.19 -34.57 -4.14
C ARG I 145 32.57 -33.25 -3.68
N ILE I 146 31.40 -32.96 -4.21
CA ILE I 146 30.65 -31.76 -3.84
C ILE I 146 29.43 -32.20 -3.05
N LYS I 147 29.30 -31.68 -1.84
CA LYS I 147 28.30 -32.14 -0.89
C LYS I 147 27.21 -31.08 -0.81
N ILE I 148 26.01 -31.43 -1.23
CA ILE I 148 24.89 -30.49 -1.26
C ILE I 148 23.68 -30.98 -0.48
N GLY I 149 23.10 -30.10 0.33
CA GLY I 149 21.88 -30.45 1.03
C GLY I 149 21.20 -29.20 1.55
N SER I 150 20.06 -29.39 2.22
CA SER I 150 19.34 -28.26 2.80
C SER I 150 20.20 -27.65 3.89
N TRP I 151 20.31 -26.33 3.91
CA TRP I 151 21.11 -25.66 4.94
C TRP I 151 20.40 -25.66 6.29
N THR I 152 19.07 -25.51 6.31
CA THR I 152 18.40 -25.35 7.61
C THR I 152 17.34 -26.39 7.91
N HIS I 153 17.00 -27.22 6.94
CA HIS I 153 15.96 -28.23 7.14
C HIS I 153 16.57 -29.62 7.33
N HIS I 154 16.32 -30.24 8.48
CA HIS I 154 16.83 -31.60 8.70
C HIS I 154 15.97 -32.65 7.99
N SER I 155 16.34 -33.91 8.18
CA SER I 155 15.89 -35.00 7.32
C SER I 155 14.38 -35.25 7.41
N ARG I 156 13.78 -34.89 8.53
CA ARG I 156 12.34 -35.04 8.67
C ARG I 156 11.57 -34.00 7.86
N GLU I 157 12.24 -32.93 7.45
CA GLU I 157 11.59 -31.85 6.71
C GLU I 157 11.91 -31.87 5.22
N ILE I 158 13.18 -32.11 4.89
CA ILE I 158 13.60 -32.22 3.50
C ILE I 158 14.50 -33.45 3.35
N SER I 159 14.22 -34.26 2.35
CA SER I 159 15.14 -35.31 1.99
C SER I 159 15.67 -34.99 0.60
N VAL I 160 16.98 -35.08 0.44
CA VAL I 160 17.59 -34.83 -0.85
C VAL I 160 17.94 -36.18 -1.44
N ASP I 161 17.34 -36.51 -2.57
CA ASP I 161 17.46 -37.85 -3.10
C ASP I 161 18.38 -37.91 -4.30
N PRO I 162 19.44 -38.74 -4.20
CA PRO I 162 20.41 -38.78 -5.28
C PRO I 162 19.78 -39.29 -6.56
N THR I 163 20.33 -38.87 -7.69
CA THR I 163 19.91 -39.40 -8.96
C THR I 163 20.67 -40.70 -9.19
N THR I 164 20.21 -41.49 -10.16
CA THR I 164 20.88 -42.74 -10.46
C THR I 164 21.67 -42.66 -11.77
N GLU I 165 21.44 -41.63 -12.58
CA GLU I 165 22.14 -41.58 -13.86
C GLU I 165 23.64 -41.41 -13.63
N ASN I 166 24.40 -41.91 -14.59
CA ASN I 166 25.84 -42.01 -14.54
C ASN I 166 26.32 -41.54 -15.92
N SER I 167 27.22 -40.54 -15.98
CA SER I 167 27.68 -40.05 -17.29
C SER I 167 28.93 -39.16 -17.19
N ASP I 168 29.46 -38.77 -18.35
CA ASP I 168 30.57 -37.83 -18.39
C ASP I 168 30.08 -36.46 -18.85
N ASP I 169 28.76 -36.28 -18.83
CA ASP I 169 28.13 -34.99 -19.16
C ASP I 169 28.47 -34.49 -20.56
N SER I 170 28.63 -35.43 -21.49
CA SER I 170 29.02 -35.11 -22.86
C SER I 170 28.09 -34.09 -23.55
N GLU I 171 26.81 -34.05 -23.18
CA GLU I 171 25.96 -33.08 -23.89
C GLU I 171 25.98 -31.71 -23.23
N TYR I 172 26.77 -31.56 -22.17
CA TYR I 172 26.83 -30.30 -21.43
C TYR I 172 28.21 -29.68 -21.39
N PHE I 173 29.22 -30.53 -21.30
CA PHE I 173 30.57 -30.10 -20.96
C PHE I 173 31.34 -29.57 -22.16
N SER I 174 32.02 -28.45 -21.96
CA SER I 174 32.78 -27.80 -23.01
C SER I 174 33.88 -28.67 -23.63
N GLN I 175 33.84 -28.81 -24.95
CA GLN I 175 34.87 -29.59 -25.65
C GLN I 175 36.22 -28.88 -25.58
N TYR I 176 36.19 -27.60 -25.21
CA TYR I 176 37.41 -26.78 -25.18
C TYR I 176 38.05 -26.68 -23.80
N SER I 177 37.45 -27.32 -22.82
CA SER I 177 38.02 -27.31 -21.48
C SER I 177 39.40 -27.95 -21.49
N ARG I 178 40.30 -27.47 -20.64
CA ARG I 178 41.63 -28.06 -20.51
C ARG I 178 41.51 -29.39 -19.75
N PHE I 179 40.34 -29.63 -19.18
CA PHE I 179 40.08 -30.86 -18.45
C PHE I 179 39.06 -31.73 -19.17
N GLU I 180 39.04 -33.01 -18.85
CA GLU I 180 37.98 -33.87 -19.37
C GLU I 180 37.29 -34.58 -18.22
N ILE I 181 35.99 -34.74 -18.33
CA ILE I 181 35.23 -35.43 -17.31
C ILE I 181 35.24 -36.92 -17.62
N LEU I 182 35.63 -37.71 -16.64
CA LEU I 182 35.58 -39.17 -16.78
C LEU I 182 34.23 -39.71 -16.31
N ASP I 183 33.70 -39.15 -15.22
CA ASP I 183 32.46 -39.65 -14.65
C ASP I 183 31.88 -38.68 -13.63
N VAL I 184 30.55 -38.58 -13.65
CA VAL I 184 29.79 -37.84 -12.66
C VAL I 184 28.72 -38.76 -12.07
N THR I 185 28.78 -39.00 -10.77
CA THR I 185 27.82 -39.85 -10.11
C THR I 185 27.38 -39.23 -8.78
N GLN I 186 26.30 -39.76 -8.22
CA GLN I 186 25.72 -39.26 -6.98
C GLN I 186 25.43 -40.36 -5.97
N LYS I 187 25.63 -40.02 -4.71
CA LYS I 187 25.39 -40.95 -3.63
C LYS I 187 24.70 -40.23 -2.48
N LYS I 188 23.70 -40.86 -1.88
CA LYS I 188 23.07 -40.25 -0.72
C LYS I 188 24.00 -40.34 0.47
N ASN I 189 23.91 -39.34 1.31
CA ASN I 189 24.71 -39.29 2.52
C ASN I 189 23.92 -38.50 3.55
N SER I 190 24.22 -38.75 4.81
CA SER I 190 23.56 -37.99 5.86
C SER I 190 24.65 -37.52 6.82
N VAL I 191 24.58 -36.25 7.19
CA VAL I 191 25.57 -35.74 8.12
C VAL I 191 24.92 -35.39 9.45
N THR I 192 25.57 -35.84 10.52
CA THR I 192 25.14 -35.58 11.90
C THR I 192 26.37 -35.10 12.64
N TYR I 193 26.18 -34.39 13.75
CA TYR I 193 27.32 -33.88 14.52
C TYR I 193 27.23 -34.34 15.97
N SER I 194 28.40 -34.51 16.60
CA SER I 194 28.49 -34.93 18.00
C SER I 194 27.49 -34.26 18.94
N CYS I 195 27.33 -32.96 18.77
CA CYS I 195 26.54 -32.15 19.71
C CYS I 195 25.03 -32.39 19.66
N CYS I 196 24.53 -32.81 18.49
CA CYS I 196 23.11 -32.65 18.19
C CYS I 196 22.50 -33.86 17.48
N PRO I 197 21.18 -34.07 17.67
CA PRO I 197 20.46 -35.25 17.20
C PRO I 197 20.07 -35.15 15.72
N GLU I 198 19.91 -33.93 15.24
CA GLU I 198 19.51 -33.68 13.86
C GLU I 198 20.45 -34.35 12.85
N ALA I 199 19.86 -34.85 11.76
CA ALA I 199 20.61 -35.35 10.61
C ALA I 199 20.22 -34.54 9.39
N TYR I 200 21.20 -34.19 8.56
CA TYR I 200 20.93 -33.48 7.32
C TYR I 200 21.23 -34.42 6.16
N GLU I 201 20.24 -34.60 5.29
CA GLU I 201 20.47 -35.42 4.11
C GLU I 201 21.22 -34.59 3.09
N ASP I 202 22.28 -35.15 2.53
CA ASP I 202 22.92 -34.48 1.43
C ASP I 202 23.11 -35.47 0.30
N VAL I 203 23.45 -34.95 -0.85
CA VAL I 203 23.94 -35.79 -1.92
C VAL I 203 25.40 -35.46 -2.13
N GLU I 204 26.24 -36.48 -2.26
CA GLU I 204 27.62 -36.28 -2.64
C GLU I 204 27.73 -36.46 -4.16
N VAL I 205 28.10 -35.40 -4.85
CA VAL I 205 28.34 -35.45 -6.29
C VAL I 205 29.82 -35.73 -6.48
N SER I 206 30.13 -36.87 -7.09
CA SER I 206 31.52 -37.21 -7.36
C SER I 206 31.89 -36.80 -8.76
N LEU I 207 32.76 -35.81 -8.87
CA LEU I 207 33.26 -35.39 -10.17
C LEU I 207 34.64 -36.01 -10.39
N ASN I 208 34.69 -37.06 -11.21
CA ASN I 208 35.95 -37.69 -11.58
C ASN I 208 36.45 -37.07 -12.88
N PHE I 209 37.57 -36.36 -12.83
CA PHE I 209 38.08 -35.63 -13.99
C PHE I 209 39.61 -35.64 -14.07
N ARG I 210 40.15 -35.24 -15.21
CA ARG I 210 41.61 -35.18 -15.35
C ARG I 210 42.02 -34.10 -16.33
N LYS I 211 43.27 -33.63 -16.22
CA LYS I 211 43.80 -32.73 -17.23
C LYS I 211 43.98 -33.50 -18.54
N LYS I 212 43.58 -32.89 -19.64
CA LYS I 212 43.75 -33.48 -20.96
C LYS I 212 45.22 -33.61 -21.28
N GLY I 213 45.59 -34.72 -21.92
CA GLY I 213 46.97 -34.98 -22.31
C GLY I 213 47.36 -36.43 -22.12
N LYS J 3 6.70 -34.99 15.63
CA LYS J 3 5.63 -35.76 15.00
C LYS J 3 4.72 -34.88 14.15
N ASP J 4 4.58 -33.62 14.56
CA ASP J 4 3.74 -32.65 13.86
C ASP J 4 4.55 -31.70 12.99
N ASP J 5 5.86 -31.92 12.95
CA ASP J 5 6.79 -31.01 12.25
C ASP J 5 6.33 -30.71 10.80
N ASP J 6 5.81 -31.70 10.10
CA ASP J 6 5.45 -31.53 8.68
C ASP J 6 3.99 -31.13 8.42
N ASP J 7 3.29 -30.66 9.45
CA ASP J 7 1.96 -30.07 9.27
C ASP J 7 2.10 -28.70 8.62
N LYS J 8 1.79 -28.60 7.34
CA LYS J 8 2.10 -27.37 6.60
C LYS J 8 1.36 -26.15 7.14
N LEU J 9 0.06 -26.28 7.37
CA LEU J 9 -0.72 -25.15 7.89
C LEU J 9 -0.20 -24.67 9.25
N ASP J 10 0.21 -25.61 10.08
CA ASP J 10 0.84 -25.27 11.38
C ASP J 10 2.09 -24.40 11.17
N ARG J 11 2.95 -24.81 10.25
CA ARG J 11 4.16 -24.06 9.96
C ARG J 11 3.86 -22.64 9.47
N ALA J 12 2.90 -22.54 8.55
CA ALA J 12 2.49 -21.25 8.01
C ALA J 12 1.94 -20.36 9.13
N ASP J 13 1.19 -20.94 10.06
CA ASP J 13 0.64 -20.16 11.16
C ASP J 13 1.73 -19.70 12.13
N ILE J 14 2.70 -20.57 12.38
CA ILE J 14 3.83 -20.17 13.21
C ILE J 14 4.59 -19.01 12.58
N LEU J 15 4.84 -19.09 11.27
CA LEU J 15 5.51 -18.03 10.56
C LEU J 15 4.71 -16.72 10.63
N TYR J 16 3.40 -16.82 10.43
CA TYR J 16 2.53 -15.67 10.62
C TYR J 16 2.68 -15.09 12.03
N ASN J 17 2.63 -15.95 13.04
CA ASN J 17 2.78 -15.49 14.43
C ASN J 17 4.12 -14.82 14.70
N ILE J 18 5.20 -15.43 14.21
CA ILE J 18 6.50 -14.84 14.38
C ILE J 18 6.57 -13.46 13.74
N ARG J 19 6.01 -13.30 12.55
CA ARG J 19 6.07 -12.02 11.85
C ARG J 19 5.19 -10.94 12.48
N GLN J 20 4.13 -11.36 13.16
CA GLN J 20 3.27 -10.41 13.88
C GLN J 20 3.94 -9.86 15.14
N THR J 21 4.77 -10.68 15.76
CA THR J 21 5.42 -10.34 17.03
C THR J 21 6.84 -9.81 16.86
N SER J 22 7.54 -10.29 15.84
CA SER J 22 8.93 -9.95 15.66
C SER J 22 9.14 -8.45 15.37
N ARG J 23 10.12 -7.87 16.04
CA ARG J 23 10.57 -6.50 15.77
C ARG J 23 11.99 -6.58 15.27
N PRO J 24 12.19 -6.60 13.94
CA PRO J 24 13.52 -6.91 13.41
C PRO J 24 14.60 -5.86 13.73
N ASP J 25 14.20 -4.64 14.10
CA ASP J 25 15.19 -3.61 14.36
C ASP J 25 15.40 -3.29 15.85
N VAL J 26 14.71 -4.02 16.73
CA VAL J 26 14.80 -3.75 18.17
C VAL J 26 15.45 -4.93 18.90
N ILE J 27 16.41 -4.65 19.77
CA ILE J 27 17.08 -5.76 20.47
C ILE J 27 16.09 -6.43 21.41
N PRO J 28 16.12 -7.77 21.44
CA PRO J 28 15.14 -8.51 22.23
C PRO J 28 15.53 -8.60 23.69
N THR J 29 15.66 -7.46 24.36
CA THR J 29 16.01 -7.45 25.77
C THR J 29 14.85 -7.97 26.60
N GLN J 30 15.13 -8.93 27.46
CA GLN J 30 14.14 -9.52 28.34
C GLN J 30 14.53 -9.25 29.80
N ARG J 31 13.62 -8.71 30.58
CA ARG J 31 13.85 -8.46 32.01
C ARG J 31 14.91 -7.39 32.26
N ASP J 32 15.02 -6.42 31.36
CA ASP J 32 15.97 -5.32 31.52
C ASP J 32 17.42 -5.80 31.69
N ARG J 33 17.73 -6.93 31.07
CA ARG J 33 19.10 -7.43 31.01
C ARG J 33 19.59 -7.39 29.56
N PRO J 34 20.92 -7.41 29.35
CA PRO J 34 21.41 -7.48 27.98
C PRO J 34 20.97 -8.76 27.27
N VAL J 35 20.86 -8.69 25.95
CA VAL J 35 20.65 -9.89 25.16
C VAL J 35 21.93 -10.74 25.18
N ALA J 36 21.81 -11.99 25.62
CA ALA J 36 22.94 -12.92 25.67
C ALA J 36 23.09 -13.64 24.34
N VAL J 37 24.08 -13.23 23.57
CA VAL J 37 24.33 -13.81 22.25
C VAL J 37 25.49 -14.81 22.38
N SER J 38 25.25 -16.06 22.01
CA SER J 38 26.31 -17.06 21.98
C SER J 38 26.81 -17.17 20.55
N VAL J 39 28.12 -17.09 20.39
CA VAL J 39 28.73 -17.19 19.08
C VAL J 39 29.85 -18.23 19.16
N SER J 40 29.95 -19.08 18.14
CA SER J 40 31.06 -20.02 18.03
C SER J 40 31.43 -20.16 16.56
N LEU J 41 32.68 -19.81 16.23
CA LEU J 41 33.14 -19.97 14.87
C LEU J 41 33.64 -21.39 14.66
N LYS J 42 33.10 -22.07 13.65
CA LYS J 42 33.57 -23.40 13.28
C LYS J 42 34.31 -23.25 11.97
N PHE J 43 35.63 -23.41 11.99
CA PHE J 43 36.37 -23.15 10.76
C PHE J 43 36.25 -24.32 9.80
N ILE J 44 36.07 -24.01 8.52
CA ILE J 44 35.84 -25.03 7.50
C ILE J 44 37.01 -25.11 6.54
N ASN J 45 37.53 -23.95 6.14
CA ASN J 45 38.63 -23.88 5.19
C ASN J 45 39.53 -22.69 5.52
N ILE J 46 40.82 -22.84 5.28
CA ILE J 46 41.72 -21.71 5.27
C ILE J 46 42.25 -21.60 3.85
N LEU J 47 41.82 -20.58 3.12
CA LEU J 47 42.03 -20.53 1.67
C LEU J 47 43.38 -19.98 1.26
N GLU J 48 43.82 -18.95 1.97
CA GLU J 48 45.04 -18.24 1.63
C GLU J 48 45.68 -17.71 2.90
N VAL J 49 47.00 -17.83 2.96
CA VAL J 49 47.76 -17.24 4.04
C VAL J 49 48.85 -16.40 3.39
N ASN J 50 48.80 -15.09 3.59
CA ASN J 50 49.77 -14.21 2.96
C ASN J 50 50.79 -13.76 3.99
N GLU J 51 51.97 -14.36 3.93
CA GLU J 51 53.02 -14.07 4.90
C GLU J 51 53.61 -12.68 4.67
N ILE J 52 53.56 -12.21 3.44
CA ILE J 52 54.01 -10.86 3.10
C ILE J 52 53.19 -9.80 3.84
N THR J 53 51.87 -9.94 3.80
CA THR J 53 50.98 -8.87 4.28
C THR J 53 50.28 -9.16 5.62
N ASN J 54 50.56 -10.31 6.21
CA ASN J 54 49.90 -10.72 7.44
C ASN J 54 48.38 -10.77 7.28
N GLU J 55 47.91 -11.55 6.31
CA GLU J 55 46.49 -11.64 6.02
C GLU J 55 46.07 -13.10 5.84
N VAL J 56 44.85 -13.42 6.22
CA VAL J 56 44.32 -14.76 5.98
C VAL J 56 42.94 -14.65 5.36
N ASP J 57 42.63 -15.60 4.49
CA ASP J 57 41.32 -15.69 3.84
C ASP J 57 40.71 -16.99 4.34
N VAL J 58 39.58 -16.92 5.04
CA VAL J 58 39.03 -18.10 5.69
C VAL J 58 37.54 -18.30 5.43
N VAL J 59 37.08 -19.54 5.54
CA VAL J 59 35.64 -19.82 5.54
C VAL J 59 35.26 -20.44 6.88
N PHE J 60 34.24 -19.90 7.53
CA PHE J 60 33.79 -20.46 8.79
C PHE J 60 32.27 -20.44 8.92
N TRP J 61 31.73 -21.38 9.68
CA TRP J 61 30.32 -21.32 10.04
C TRP J 61 30.18 -20.57 11.34
N GLN J 62 29.35 -19.53 11.33
CA GLN J 62 29.21 -18.68 12.49
C GLN J 62 27.97 -19.06 13.28
N GLN J 63 28.16 -19.98 14.24
CA GLN J 63 27.06 -20.51 15.01
C GLN J 63 26.60 -19.45 16.01
N THR J 64 25.41 -18.91 15.79
CA THR J 64 24.93 -17.77 16.57
C THR J 64 23.56 -18.09 17.19
N THR J 65 23.45 -18.03 18.51
CA THR J 65 22.15 -18.31 19.14
C THR J 65 21.80 -17.25 20.18
N TRP J 66 20.49 -17.04 20.38
CA TRP J 66 20.02 -16.11 21.39
C TRP J 66 18.55 -16.40 21.62
N SER J 67 17.98 -15.78 22.65
CA SER J 67 16.59 -16.01 22.95
C SER J 67 15.74 -14.77 22.68
N ASP J 68 14.53 -14.99 22.17
CA ASP J 68 13.49 -13.97 22.18
C ASP J 68 12.22 -14.69 22.56
N ARG J 69 11.91 -14.69 23.85
CA ARG J 69 10.81 -15.50 24.36
C ARG J 69 9.45 -15.00 23.87
N THR J 70 9.40 -13.80 23.31
CA THR J 70 8.15 -13.31 22.73
C THR J 70 7.77 -14.12 21.48
N LEU J 71 8.76 -14.80 20.89
CA LEU J 71 8.51 -15.64 19.72
C LEU J 71 8.05 -17.05 20.07
N ALA J 72 8.09 -17.42 21.34
CA ALA J 72 7.82 -18.79 21.75
C ALA J 72 6.36 -19.19 21.48
N TRP J 73 6.12 -20.49 21.30
CA TRP J 73 4.75 -20.98 21.15
C TRP J 73 4.62 -22.37 21.76
N ASN J 74 3.38 -22.79 21.96
CA ASN J 74 3.07 -24.11 22.48
C ASN J 74 3.17 -25.15 21.38
N SER J 75 4.11 -26.07 21.51
CA SER J 75 4.39 -27.05 20.47
C SER J 75 3.92 -28.46 20.83
N SER J 76 2.96 -28.54 21.75
CA SER J 76 2.36 -29.81 22.17
C SER J 76 1.86 -30.63 20.98
N HIS J 77 1.22 -29.96 20.04
CA HIS J 77 0.68 -30.62 18.87
C HIS J 77 0.96 -29.77 17.65
N SER J 78 2.21 -29.30 17.55
CA SER J 78 2.65 -28.55 16.38
C SER J 78 4.18 -28.62 16.29
N PRO J 79 4.74 -28.13 15.16
CA PRO J 79 6.18 -28.23 14.93
C PRO J 79 7.03 -27.61 16.05
N ASP J 80 8.16 -28.23 16.35
CA ASP J 80 9.10 -27.72 17.35
C ASP J 80 9.92 -26.55 16.85
N GLN J 81 10.14 -26.50 15.54
CA GLN J 81 11.01 -25.50 14.93
C GLN J 81 10.53 -25.15 13.53
N VAL J 82 10.82 -23.94 13.10
CA VAL J 82 10.65 -23.58 11.69
C VAL J 82 11.84 -22.77 11.22
N SER J 83 12.06 -22.77 9.90
CA SER J 83 13.03 -21.87 9.29
C SER J 83 12.36 -20.55 8.95
N VAL J 84 13.07 -19.44 9.16
CA VAL J 84 12.53 -18.10 8.96
C VAL J 84 13.58 -17.24 8.24
N PRO J 85 13.18 -16.53 7.18
CA PRO J 85 14.13 -15.59 6.58
C PRO J 85 14.62 -14.59 7.64
N ILE J 86 15.93 -14.32 7.70
CA ILE J 86 16.41 -13.40 8.73
C ILE J 86 15.88 -11.96 8.53
N SER J 87 15.39 -11.64 7.35
CA SER J 87 14.78 -10.33 7.14
C SER J 87 13.53 -10.16 8.02
N SER J 88 12.95 -11.26 8.50
CA SER J 88 11.79 -11.20 9.39
C SER J 88 12.12 -11.16 10.88
N LEU J 89 13.41 -11.23 11.19
CA LEU J 89 13.92 -11.38 12.56
C LEU J 89 14.92 -10.31 12.94
N TRP J 90 14.99 -9.99 14.23
CA TRP J 90 16.18 -9.30 14.72
C TRP J 90 17.33 -10.29 14.71
N VAL J 91 18.49 -9.85 14.24
CA VAL J 91 19.72 -10.64 14.32
C VAL J 91 20.81 -9.74 14.86
N PRO J 92 21.75 -10.30 15.65
CA PRO J 92 22.77 -9.41 16.23
C PRO J 92 23.66 -8.75 15.17
N ASP J 93 24.04 -7.50 15.41
CA ASP J 93 24.85 -6.74 14.46
C ASP J 93 26.33 -7.03 14.67
N LEU J 94 26.70 -8.30 14.52
CA LEU J 94 28.07 -8.72 14.77
C LEU J 94 29.04 -8.23 13.69
N ALA J 95 30.27 -7.95 14.10
CA ALA J 95 31.35 -7.56 13.17
C ALA J 95 32.69 -7.99 13.74
N ALA J 96 33.62 -8.31 12.85
CA ALA J 96 34.97 -8.64 13.29
C ALA J 96 35.82 -7.38 13.22
N TYR J 97 36.41 -6.99 14.34
CA TYR J 97 37.26 -5.79 14.41
C TYR J 97 38.44 -5.74 13.43
N ASN J 98 38.97 -6.89 13.04
CA ASN J 98 40.14 -6.91 12.17
C ASN J 98 39.84 -7.51 10.81
N ALA J 99 38.57 -7.49 10.42
CA ALA J 99 38.21 -7.88 9.07
C ALA J 99 38.73 -6.83 8.08
N ILE J 100 39.22 -7.28 6.94
CA ILE J 100 39.67 -6.35 5.91
C ILE J 100 38.92 -6.59 4.61
N SER J 101 37.87 -7.43 4.67
CA SER J 101 36.92 -7.53 3.58
C SER J 101 35.51 -7.69 4.14
N LYS J 102 34.51 -7.50 3.28
CA LYS J 102 33.12 -7.72 3.68
C LYS J 102 32.88 -9.17 4.01
N PRO J 103 32.03 -9.45 4.99
CA PRO J 103 31.67 -10.85 5.17
C PRO J 103 30.81 -11.32 3.99
N GLU J 104 31.23 -12.40 3.36
CA GLU J 104 30.59 -12.96 2.18
C GLU J 104 29.74 -14.14 2.66
N VAL J 105 28.42 -14.00 2.67
CA VAL J 105 27.59 -15.11 3.16
C VAL J 105 27.34 -16.12 2.04
N LEU J 106 27.80 -17.35 2.26
CA LEU J 106 27.79 -18.36 1.20
C LEU J 106 26.50 -19.18 1.20
N THR J 107 25.67 -19.00 2.22
CA THR J 107 24.55 -19.89 2.45
C THR J 107 23.22 -19.14 2.51
N PRO J 108 22.10 -19.88 2.41
CA PRO J 108 20.79 -19.23 2.46
C PRO J 108 20.57 -18.48 3.78
N GLN J 109 20.06 -17.26 3.69
CA GLN J 109 19.96 -16.41 4.87
C GLN J 109 18.66 -16.68 5.60
N LEU J 110 18.60 -17.88 6.15
CA LEU J 110 17.51 -18.35 6.98
C LEU J 110 18.03 -18.67 8.37
N ALA J 111 17.19 -18.42 9.37
CA ALA J 111 17.46 -18.85 10.75
C ALA J 111 16.46 -19.92 11.14
N ARG J 112 16.76 -20.65 12.22
CA ARG J 112 15.83 -21.58 12.82
C ARG J 112 15.27 -20.92 14.05
N VAL J 113 13.95 -20.93 14.20
CA VAL J 113 13.32 -20.49 15.43
C VAL J 113 12.69 -21.69 16.12
N VAL J 114 13.07 -21.89 17.39
CA VAL J 114 12.59 -23.00 18.20
C VAL J 114 11.40 -22.57 19.05
N SER J 115 10.48 -23.48 19.34
CA SER J 115 9.24 -23.11 20.02
C SER J 115 9.47 -22.53 21.44
N ASP J 116 10.64 -22.73 22.00
CA ASP J 116 10.94 -22.13 23.31
C ASP J 116 11.45 -20.69 23.15
N GLY J 117 11.58 -20.22 21.91
CA GLY J 117 12.01 -18.86 21.65
C GLY J 117 13.47 -18.70 21.25
N GLU J 118 14.20 -19.81 21.27
CA GLU J 118 15.61 -19.74 20.86
C GLU J 118 15.68 -19.55 19.36
N VAL J 119 16.68 -18.80 18.93
CA VAL J 119 16.94 -18.56 17.52
C VAL J 119 18.36 -19.03 17.22
N LEU J 120 18.50 -19.81 16.15
CA LEU J 120 19.82 -20.23 15.67
C LEU J 120 20.02 -19.69 14.26
N TYR J 121 21.04 -18.87 14.08
CA TYR J 121 21.45 -18.37 12.77
C TYR J 121 22.88 -18.80 12.56
N MET J 122 23.13 -19.56 11.50
CA MET J 122 24.50 -20.04 11.25
C MET J 122 24.90 -19.90 9.79
N PRO J 123 25.31 -18.70 9.39
CA PRO J 123 25.80 -18.51 8.02
C PRO J 123 27.19 -19.11 7.83
N SER J 124 27.45 -19.62 6.63
CA SER J 124 28.83 -19.88 6.22
C SER J 124 29.38 -18.58 5.67
N ILE J 125 30.49 -18.13 6.25
CA ILE J 125 31.05 -16.84 5.91
C ILE J 125 32.48 -16.95 5.37
N ARG J 126 32.73 -16.33 4.23
CA ARG J 126 34.11 -16.16 3.75
C ARG J 126 34.57 -14.73 3.99
N GLN J 127 35.75 -14.56 4.60
CA GLN J 127 36.19 -13.21 4.98
C GLN J 127 37.70 -13.16 5.18
N ARG J 128 38.28 -12.00 4.94
CA ARG J 128 39.73 -11.81 5.12
C ARG J 128 40.03 -11.02 6.37
N PHE J 129 41.14 -11.36 7.01
CA PHE J 129 41.51 -10.72 8.25
C PHE J 129 42.97 -10.31 8.25
N SER J 130 43.25 -9.22 8.96
CA SER J 130 44.63 -8.86 9.26
C SER J 130 44.98 -9.50 10.60
N CYS J 131 46.00 -10.35 10.63
CA CYS J 131 46.37 -11.01 11.88
C CYS J 131 47.77 -11.61 11.75
N ASP J 132 48.27 -12.12 12.86
CA ASP J 132 49.64 -12.61 12.91
C ASP J 132 49.76 -13.98 12.26
N VAL J 133 50.48 -14.02 11.15
CA VAL J 133 50.59 -15.23 10.33
C VAL J 133 51.96 -15.89 10.53
N SER J 134 52.83 -15.27 11.32
CA SER J 134 54.15 -15.82 11.52
C SER J 134 54.07 -17.14 12.27
N GLY J 135 54.94 -18.07 11.91
CA GLY J 135 54.96 -19.37 12.57
C GLY J 135 54.16 -20.42 11.83
N VAL J 136 53.44 -20.01 10.77
CA VAL J 136 52.52 -20.91 10.09
C VAL J 136 53.21 -22.17 9.56
N ASP J 137 54.50 -22.04 9.22
CA ASP J 137 55.23 -23.17 8.67
C ASP J 137 56.15 -23.78 9.73
N THR J 138 55.65 -23.85 10.95
CA THR J 138 56.41 -24.41 12.06
C THR J 138 55.52 -25.30 12.91
N GLU J 139 56.15 -26.07 13.78
CA GLU J 139 55.42 -26.95 14.70
C GLU J 139 54.41 -26.19 15.55
N SER J 140 54.78 -25.01 16.02
CA SER J 140 53.89 -24.24 16.90
C SER J 140 52.72 -23.65 16.12
N GLY J 141 52.91 -23.47 14.83
CA GLY J 141 51.90 -22.88 13.98
C GLY J 141 51.76 -21.39 14.16
N ALA J 142 50.85 -20.80 13.39
CA ALA J 142 50.51 -19.41 13.53
C ALA J 142 49.30 -19.32 14.46
N THR J 143 49.16 -18.20 15.16
CA THR J 143 47.94 -17.93 15.92
C THR J 143 47.36 -16.59 15.45
N CYS J 144 46.26 -16.71 14.71
CA CYS J 144 45.53 -15.58 14.17
C CYS J 144 44.34 -15.27 15.06
N ARG J 145 44.30 -14.06 15.60
CA ARG J 145 43.22 -13.69 16.53
C ARG J 145 42.21 -12.80 15.84
N ILE J 146 40.95 -13.15 16.01
CA ILE J 146 39.84 -12.43 15.43
C ILE J 146 38.89 -12.03 16.55
N LYS J 147 38.62 -10.73 16.71
CA LYS J 147 37.70 -10.24 17.74
C LYS J 147 36.33 -10.00 17.11
N ILE J 148 35.29 -10.55 17.71
CA ILE J 148 33.94 -10.42 17.18
C ILE J 148 32.97 -9.92 18.25
N GLY J 149 32.17 -8.90 17.91
CA GLY J 149 31.24 -8.38 18.88
C GLY J 149 30.17 -7.55 18.19
N SER J 150 29.20 -7.08 18.96
CA SER J 150 28.19 -6.17 18.42
C SER J 150 28.87 -4.89 17.96
N TRP J 151 28.52 -4.41 16.77
CA TRP J 151 29.11 -3.18 16.26
C TRP J 151 28.57 -1.94 16.98
N THR J 152 27.29 -1.94 17.32
CA THR J 152 26.70 -0.71 17.86
C THR J 152 26.10 -0.85 19.25
N HIS J 153 26.06 -2.06 19.79
CA HIS J 153 25.48 -2.28 21.12
C HIS J 153 26.53 -2.57 22.17
N HIS J 154 26.63 -1.72 23.18
CA HIS J 154 27.60 -1.95 24.25
C HIS J 154 27.11 -3.01 25.24
N SER J 155 27.92 -3.27 26.26
CA SER J 155 27.75 -4.45 27.12
C SER J 155 26.43 -4.46 27.88
N ARG J 156 25.87 -3.28 28.10
CA ARG J 156 24.58 -3.19 28.79
C ARG J 156 23.45 -3.70 27.92
N GLU J 157 23.65 -3.67 26.59
CA GLU J 157 22.61 -4.02 25.63
C GLU J 157 22.78 -5.42 25.06
N ILE J 158 24.02 -5.76 24.73
CA ILE J 158 24.34 -7.08 24.25
C ILE J 158 25.60 -7.63 24.91
N SER J 159 25.51 -8.88 25.36
CA SER J 159 26.72 -9.62 25.71
C SER J 159 26.95 -10.72 24.66
N VAL J 160 28.21 -10.88 24.22
CA VAL J 160 28.56 -11.92 23.27
C VAL J 160 29.49 -12.91 23.95
N ASP J 161 29.05 -14.17 24.02
CA ASP J 161 29.73 -15.17 24.83
C ASP J 161 30.08 -16.42 24.02
N PRO J 162 31.25 -17.01 24.27
CA PRO J 162 31.61 -18.22 23.53
C PRO J 162 30.81 -19.42 24.03
N THR J 163 30.80 -20.51 23.28
CA THR J 163 30.17 -21.74 23.75
C THR J 163 31.25 -22.72 24.18
N THR J 164 31.97 -23.27 23.21
CA THR J 164 33.08 -24.16 23.50
C THR J 164 34.37 -23.33 23.51
N GLU J 165 35.13 -23.42 24.59
CA GLU J 165 36.34 -22.62 24.71
C GLU J 165 37.48 -23.13 23.83
N ASN J 166 37.56 -24.45 23.64
CA ASN J 166 38.64 -25.06 22.86
C ASN J 166 38.13 -26.18 21.98
N SER J 167 38.58 -26.21 20.74
CA SER J 167 38.22 -27.29 19.81
C SER J 167 39.21 -27.33 18.66
N ASP J 168 39.47 -28.52 18.14
CA ASP J 168 40.30 -28.67 16.94
C ASP J 168 39.45 -28.66 15.68
N ASP J 169 38.13 -28.50 15.83
CA ASP J 169 37.20 -28.47 14.71
C ASP J 169 37.30 -29.68 13.80
N SER J 170 37.67 -30.83 14.37
CA SER J 170 37.84 -32.05 13.56
C SER J 170 36.59 -32.40 12.78
N GLU J 171 35.43 -32.08 13.33
CA GLU J 171 34.16 -32.39 12.66
C GLU J 171 33.82 -31.42 11.54
N TYR J 172 34.54 -30.31 11.47
CA TYR J 172 34.18 -29.23 10.55
C TYR J 172 35.23 -28.94 9.49
N PHE J 173 36.49 -28.94 9.89
CA PHE J 173 37.55 -28.41 9.02
C PHE J 173 37.87 -29.38 7.88
N SER J 174 38.03 -28.82 6.68
CA SER J 174 38.31 -29.62 5.49
C SER J 174 39.58 -30.43 5.62
N GLN J 175 39.48 -31.73 5.35
CA GLN J 175 40.65 -32.59 5.29
C GLN J 175 41.54 -32.28 4.10
N TYR J 176 41.02 -31.51 3.14
CA TYR J 176 41.76 -31.24 1.90
C TYR J 176 42.54 -29.93 1.92
N SER J 177 42.34 -29.15 2.97
CA SER J 177 43.06 -27.89 3.16
C SER J 177 44.57 -28.15 3.19
N ARG J 178 45.35 -27.17 2.74
CA ARG J 178 46.81 -27.20 2.91
C ARG J 178 47.16 -27.20 4.38
N PHE J 179 46.22 -26.72 5.18
CA PHE J 179 46.50 -26.43 6.57
C PHE J 179 45.77 -27.39 7.49
N GLU J 180 46.17 -27.39 8.75
CA GLU J 180 45.48 -28.16 9.76
C GLU J 180 45.29 -27.29 11.00
N ILE J 181 44.24 -27.57 11.75
CA ILE J 181 43.95 -26.77 12.92
C ILE J 181 44.57 -27.41 14.15
N LEU J 182 45.31 -26.61 14.92
CA LEU J 182 45.90 -27.11 16.16
C LEU J 182 44.91 -26.90 17.30
N ASP J 183 44.37 -25.67 17.39
CA ASP J 183 43.34 -25.37 18.37
C ASP J 183 42.63 -24.07 17.99
N VAL J 184 41.32 -24.04 18.18
CA VAL J 184 40.53 -22.81 18.10
C VAL J 184 40.08 -22.46 19.51
N THR J 185 40.66 -21.41 20.08
CA THR J 185 40.27 -20.97 21.40
C THR J 185 39.29 -19.80 21.25
N GLN J 186 38.21 -19.85 22.01
CA GLN J 186 37.22 -18.77 21.97
C GLN J 186 36.92 -18.31 23.40
N LYS J 187 37.25 -17.05 23.70
CA LYS J 187 37.13 -16.54 25.06
C LYS J 187 36.42 -15.20 25.12
N LYS J 188 35.69 -14.97 26.22
CA LYS J 188 35.09 -13.65 26.45
C LYS J 188 36.17 -12.59 26.53
N ASN J 189 35.87 -11.44 25.97
CA ASN J 189 36.79 -10.32 25.96
C ASN J 189 35.98 -9.02 25.99
N SER J 190 36.46 -8.01 26.72
CA SER J 190 35.75 -6.74 26.80
C SER J 190 36.67 -5.63 26.30
N VAL J 191 36.15 -4.77 25.43
CA VAL J 191 36.95 -3.68 24.89
C VAL J 191 36.38 -2.35 25.35
N THR J 192 37.25 -1.47 25.84
CA THR J 192 36.88 -0.09 26.11
C THR J 192 37.85 0.83 25.40
N TYR J 193 37.39 2.02 25.02
CA TYR J 193 38.26 2.98 24.37
C TYR J 193 38.46 4.18 25.28
N SER J 194 39.64 4.77 25.20
CA SER J 194 40.02 5.92 26.04
C SER J 194 38.99 7.03 26.03
N CYS J 195 38.45 7.30 24.85
CA CYS J 195 37.58 8.44 24.63
C CYS J 195 36.26 8.36 25.41
N CYS J 196 35.76 7.15 25.62
CA CYS J 196 34.36 6.98 26.02
C CYS J 196 34.16 5.94 27.14
N PRO J 197 32.99 5.98 27.81
CA PRO J 197 32.69 5.14 28.97
C PRO J 197 32.25 3.72 28.64
N GLU J 198 31.67 3.52 27.45
CA GLU J 198 31.08 2.23 27.11
C GLU J 198 32.11 1.12 26.93
N ALA J 199 31.74 -0.09 27.32
CA ALA J 199 32.53 -1.26 26.98
C ALA J 199 31.75 -2.10 26.00
N TYR J 200 32.46 -2.76 25.09
CA TYR J 200 31.85 -3.68 24.17
C TYR J 200 32.32 -5.08 24.51
N GLU J 201 31.37 -6.00 24.58
CA GLU J 201 31.75 -7.38 24.80
C GLU J 201 32.11 -8.00 23.48
N ASP J 202 33.07 -8.91 23.51
CA ASP J 202 33.37 -9.59 22.29
C ASP J 202 33.79 -11.01 22.62
N VAL J 203 33.85 -11.83 21.59
CA VAL J 203 34.51 -13.12 21.71
C VAL J 203 35.84 -12.99 20.99
N GLU J 204 36.92 -13.33 21.69
CA GLU J 204 38.23 -13.40 21.07
C GLU J 204 38.46 -14.82 20.55
N VAL J 205 38.56 -14.94 19.23
CA VAL J 205 38.80 -16.23 18.60
C VAL J 205 40.28 -16.32 18.23
N SER J 206 40.96 -17.29 18.81
CA SER J 206 42.36 -17.53 18.49
C SER J 206 42.49 -18.76 17.62
N LEU J 207 42.79 -18.54 16.34
CA LEU J 207 42.90 -19.61 15.36
C LEU J 207 44.36 -20.03 15.26
N ASN J 208 44.68 -21.16 15.88
CA ASN J 208 46.04 -21.68 15.88
C ASN J 208 46.12 -22.81 14.87
N PHE J 209 46.89 -22.58 13.80
CA PHE J 209 46.89 -23.48 12.66
C PHE J 209 48.27 -23.51 12.04
N ARG J 210 48.52 -24.53 11.23
CA ARG J 210 49.83 -24.65 10.59
C ARG J 210 49.72 -25.36 9.25
N LYS J 211 50.71 -25.13 8.40
CA LYS J 211 50.81 -25.85 7.15
C LYS J 211 51.13 -27.33 7.43
N LYS J 212 50.36 -28.23 6.82
CA LYS J 212 50.63 -29.66 6.95
C LYS J 212 52.01 -30.01 6.42
N GLY J 213 52.61 -31.04 7.01
CA GLY J 213 53.92 -31.51 6.58
C GLY J 213 54.19 -32.91 7.10
P PO4 K . -19.65 -15.41 -8.56
O1 PO4 K . -18.71 -14.43 -9.27
O2 PO4 K . -20.90 -15.57 -9.39
O3 PO4 K . -19.00 -16.75 -8.36
O4 PO4 K . -20.00 -14.80 -7.21
P PO4 L . -16.12 8.94 -18.99
O1 PO4 L . -14.93 9.59 -18.32
O2 PO4 L . -15.63 8.03 -20.09
O3 PO4 L . -16.87 8.12 -17.97
O4 PO4 L . -17.04 10.03 -19.52
C1 4P6 M . -23.60 18.28 -17.18
C2 4P6 M . -27.60 23.56 -19.01
C3 4P6 M . -24.88 18.26 -17.68
C4 4P6 M . -26.93 22.45 -18.42
C5 4P6 M . -23.39 17.87 -15.88
C6 4P6 M . -25.57 17.42 -15.55
C7 4P6 M . -28.88 23.23 -19.43
C8 4P6 M . -25.87 17.83 -16.84
C9 4P6 M . -27.67 21.30 -18.40
C10 4P6 M . -27.27 17.74 -17.24
C11 4P6 M . -27.92 18.91 -17.87
C12 4P6 M . -27.21 20.05 -17.85
C13 4P6 M . -29.24 18.75 -18.49
C14 4P6 M . -29.53 17.27 -18.63
C15 4P6 M . -29.24 16.55 -17.34
N16 4P6 M . -24.34 17.44 -15.04
N17 4P6 M . -27.83 16.61 -16.98
S18 4P6 M . -29.22 21.58 -19.11
H19 4P6 M . -22.78 18.62 -17.79
H20 4P6 M . -27.18 24.55 -19.11
H21 4P6 M . -25.10 18.58 -18.70
H22 4P6 M . -25.92 22.51 -18.02
H23 4P6 M . -22.40 17.88 -15.47
H24 4P6 M . -26.35 17.08 -14.88
H25 4P6 M . -29.59 23.88 -19.92
H26 4P6 M . -26.25 20.05 -17.37
H28 4P6 M . -29.25 19.22 -19.48
H27 4P6 M . -30.00 19.21 -17.87
H30 4P6 M . -28.92 16.85 -19.42
H29 4P6 M . -30.59 17.14 -18.90
H32 4P6 M . -29.54 15.50 -17.44
H31 4P6 M . -29.83 16.99 -16.54
P PO4 N . -7.59 24.62 0.68
O1 PO4 N . -6.79 25.14 -0.50
O2 PO4 N . -8.73 23.74 0.21
O3 PO4 N . -8.15 25.77 1.48
O4 PO4 N . -6.69 23.77 1.58
C1 4P6 O . -14.67 29.28 8.87
C2 4P6 O . -17.42 33.79 13.31
C3 4P6 O . -15.73 30.13 8.63
C4 4P6 O . -17.04 32.73 12.43
C5 4P6 O . -14.95 27.95 9.08
C6 4P6 O . -17.18 28.25 8.83
C7 4P6 O . -18.54 34.47 12.87
C8 4P6 O . -17.00 29.60 8.61
C9 4P6 O . -17.88 32.61 11.34
C10 4P6 O . -18.20 30.42 8.34
C11 4P6 O . -18.51 31.57 9.22
C12 4P6 O . -17.76 31.63 10.32
C13 4P6 O . -19.57 32.54 8.81
C14 4P6 O . -19.89 32.30 7.37
C15 4P6 O . -20.15 30.84 7.14
N16 4P6 O . -16.17 27.41 9.07
N17 4P6 O . -18.94 30.03 7.36
S18 4P6 O . -19.13 33.79 11.43
H19 4P6 O . -13.65 29.65 8.90
H20 4P6 O . -16.88 34.06 14.20
H21 4P6 O . -15.57 31.18 8.45
H22 4P6 O . -16.18 32.09 12.59
H23 4P6 O . -14.13 27.25 9.27
H24 4P6 O . -18.16 27.82 8.81
H25 4P6 O . -19.03 35.31 13.36
H26 4P6 O . -17.03 30.84 10.49
H28 4P6 O . -19.22 33.57 8.95
H27 4P6 O . -20.47 32.39 9.42
H30 4P6 O . -19.05 32.63 6.74
H29 4P6 O . -20.77 32.88 7.08
H32 4P6 O . -20.49 30.68 6.11
H31 4P6 O . -20.93 30.49 7.82
P PO4 P . -5.91 10.38 23.21
O1 PO4 P . -4.73 11.31 23.37
O2 PO4 P . -6.68 10.28 24.51
O3 PO4 P . -6.82 10.86 22.09
O4 PO4 P . -5.40 9.01 22.81
C1 4P6 Q . -15.73 6.91 29.65
C2 4P6 Q . -22.14 5.85 33.19
C3 4P6 Q . -16.45 7.84 30.35
C4 4P6 Q . -21.22 6.22 32.18
C5 4P6 Q . -16.05 6.64 28.33
C6 4P6 Q . -17.74 8.13 28.39
C7 4P6 Q . -22.26 6.79 34.19
C8 4P6 Q . -17.49 8.47 29.70
C9 4P6 Q . -20.61 7.43 32.41
C10 4P6 Q . -18.39 9.51 30.25
C11 4P6 Q . -19.34 9.25 31.35
C12 4P6 Q . -19.66 7.96 31.49
C13 4P6 Q . -19.87 10.36 32.15
C14 4P6 Q . -19.31 11.67 31.64
C15 4P6 Q . -19.31 11.66 30.14
N16 4P6 Q . -17.05 7.22 27.68
N17 4P6 Q . -18.38 10.65 29.63
S18 4P6 Q . -21.22 8.11 33.88
H19 4P6 Q . -14.90 6.39 30.12
H20 4P6 Q . -22.72 4.92 33.19
H21 4P6 Q . -16.21 8.09 31.38
H22 4P6 Q . -21.00 5.61 31.32
H23 4P6 Q . -15.49 5.89 27.77
H24 4P6 Q . -18.54 8.60 27.85
H25 4P6 Q . -22.89 6.75 35.07
H26 4P6 Q . -19.21 7.25 30.80
H28 4P6 Q . -19.61 10.23 33.19
H27 4P6 Q . -20.96 10.38 32.07
H30 4P6 Q . -18.30 11.81 32.01
H29 4P6 Q . -19.92 12.50 32.00
H32 4P6 Q . -19.02 12.64 29.76
H31 4P6 Q . -20.32 11.44 29.76
P PO4 R . -13.52 -14.50 17.39
O1 PO4 R . -12.44 -14.70 18.42
O2 PO4 R . -14.71 -15.37 17.67
O3 PO4 R . -13.00 -14.84 16.00
O4 PO4 R . -13.98 -13.06 17.38
C1 4P6 S . -24.85 -17.55 16.10
C2 4P6 S . -30.70 -21.29 16.47
C3 4P6 S . -25.81 -17.51 17.08
C4 4P6 S . -29.65 -20.34 16.28
C5 4P6 S . -24.81 -16.54 15.18
C6 4P6 S . -26.55 -15.46 16.09
C7 4P6 S . -31.52 -20.97 17.54
C8 4P6 S . -26.68 -16.43 17.05
C9 4P6 S . -29.66 -19.34 17.22
C10 4P6 S . -27.74 -16.24 18.02
C11 4P6 S . -28.77 -17.30 18.21
C12 4P6 S . -28.75 -18.25 17.27
C13 4P6 S . -29.65 -17.24 19.40
C14 4P6 S . -29.11 -16.17 20.31
C15 4P6 S . -28.86 -14.91 19.53
N16 4P6 S . -25.63 -15.48 15.13
N17 4P6 S . -27.74 -15.09 18.59
S18 4P6 S . -31.00 -19.52 18.30
H19 4P6 S . -24.14 -18.37 16.06
H20 4P6 S . -30.86 -22.16 15.86
H21 4P6 S . -25.89 -18.28 17.83
H22 4P6 S . -28.91 -20.42 15.50
H23 4P6 S . -24.05 -16.55 14.39
H24 4P6 S . -27.23 -14.61 16.07
H25 4P6 S . -32.38 -21.51 17.89
H26 4P6 S . -28.05 -18.14 16.44
H28 4P6 S . -29.65 -18.21 19.92
H27 4P6 S . -30.67 -17.01 19.10
H30 4P6 S . -28.18 -16.50 20.78
H29 4P6 S . -29.83 -15.97 21.12
H32 4P6 S . -28.63 -14.09 20.22
H31 4P6 S . -29.76 -14.64 18.97
C1 4P6 T . -29.80 -11.28 -12.81
C2 4P6 T . -35.70 -10.53 -16.59
C3 4P6 T . -31.04 -11.80 -12.49
C4 4P6 T . -34.62 -10.50 -15.68
C5 4P6 T . -29.43 -10.10 -12.22
C6 4P6 T . -31.37 -9.93 -11.07
C7 4P6 T . -36.83 -11.10 -16.05
C8 4P6 T . -31.84 -11.09 -11.61
C9 4P6 T . -34.92 -11.08 -14.45
C10 4P6 T . -33.17 -11.59 -11.20
C11 4P6 T . -34.29 -11.63 -12.17
C12 4P6 T . -34.00 -11.17 -13.38
C13 4P6 T . -35.59 -12.17 -11.68
C14 4P6 T . -35.72 -11.90 -10.21
C15 4P6 T . -34.52 -12.49 -9.52
N16 4P6 T . -30.17 -9.40 -11.36
N17 4P6 T . -33.25 -11.95 -9.97
S18 4P6 T . -36.56 -11.61 -14.44
H19 4P6 T . -29.15 -11.80 -13.51
H20 4P6 T . -35.65 -10.14 -17.59
H21 4P6 T . -31.39 -12.72 -12.93
H22 4P6 T . -33.64 -10.11 -15.90
H23 4P6 T . -28.46 -9.67 -12.45
H24 4P6 T . -31.97 -9.36 -10.38
H25 4P6 T . -37.79 -11.24 -16.53
H26 4P6 T . -32.99 -10.80 -13.55
H28 4P6 T . -35.63 -13.25 -11.87
H27 4P6 T . -36.42 -11.70 -12.22
H30 4P6 T . -36.63 -12.36 -9.82
H29 4P6 T . -35.76 -10.82 -10.02
H32 4P6 T . -34.51 -13.58 -9.66
H31 4P6 T . -34.61 -12.31 -8.44
C1 4P6 U . 26.98 19.33 -7.53
C2 4P6 U . 31.75 22.28 -11.46
C3 4P6 U . 28.29 19.59 -7.19
C4 4P6 U . 30.88 21.48 -10.68
C5 4P6 U . 26.62 18.02 -7.78
C6 4P6 U . 28.71 17.26 -7.40
C7 4P6 U . 33.04 22.28 -11.00
C8 4P6 U . 29.16 18.53 -7.13
C9 4P6 U . 31.51 20.87 -9.62
C10 4P6 U . 30.57 18.67 -6.78
C11 4P6 U . 31.43 19.60 -7.54
C12 4P6 U . 30.88 20.00 -8.69
C13 4P6 U . 32.74 19.99 -6.99
C14 4P6 U . 32.84 19.44 -5.59
C15 4P6 U . 32.40 18.01 -5.55
N16 4P6 U . 27.46 16.97 -7.73
N17 4P6 U . 30.98 17.88 -5.85
S18 4P6 U . 33.19 21.29 -9.61
H19 4P6 U . 26.26 20.13 -7.59
H20 4P6 U . 31.43 22.84 -12.33
H21 4P6 U . 28.62 20.60 -6.97
H22 4P6 U . 29.83 21.35 -10.88
H23 4P6 U . 25.60 17.78 -8.05
H24 4P6 U . 29.39 16.42 -7.35
H25 4P6 U . 33.90 22.81 -11.41
H26 4P6 U . 29.90 19.62 -8.96
H28 4P6 U . 32.83 21.08 -6.98
H27 4P6 U . 33.54 19.57 -7.61
H30 4P6 U . 32.22 20.03 -4.93
H29 4P6 U . 33.87 19.52 -5.24
H32 4P6 U . 32.60 17.59 -4.56
H31 4P6 U . 32.97 17.43 -6.29
P PO4 V . 18.27 18.28 0.55
O1 PO4 V . 19.34 19.10 -0.13
O2 PO4 V . 17.12 18.05 -0.40
O3 PO4 V . 18.84 16.93 0.94
O4 PO4 V . 17.75 19.01 1.77
P PO4 W . 10.45 8.06 -22.93
O1 PO4 W . 11.49 7.97 -21.84
O2 PO4 W . 9.81 9.43 -22.94
O3 PO4 W . 9.38 7.03 -22.63
O4 PO4 W . 11.09 7.78 -24.28
C1 4P6 X . 17.42 1.22 -29.57
C2 4P6 X . 20.55 -1.69 -35.08
C3 4P6 X . 18.58 1.64 -30.17
C4 4P6 X . 20.13 -1.20 -33.83
C5 4P6 X . 17.51 0.52 -28.39
C6 4P6 X . 19.76 0.64 -28.37
C7 4P6 X . 21.74 -1.13 -35.53
C8 4P6 X . 19.78 1.34 -29.56
C9 4P6 X . 20.97 -0.26 -33.28
C10 4P6 X . 21.06 1.77 -30.10
C11 4P6 X . 21.45 1.34 -31.48
C12 4P6 X . 20.74 0.36 -32.01
C13 4P6 X . 22.58 2.03 -32.12
C14 4P6 X . 22.91 3.25 -31.30
C15 4P6 X . 23.07 2.84 -29.86
N16 4P6 X . 18.64 0.21 -27.77
N17 4P6 X . 21.80 2.45 -29.29
S18 4P6 X . 22.30 -0.01 -34.36
H19 4P6 X . 16.46 1.43 -30.02
H20 4P6 X . 20.02 -2.43 -35.66
H21 4P6 X . 18.56 2.21 -31.10
H22 4P6 X . 19.23 -1.52 -33.33
H23 4P6 X . 16.61 0.17 -27.89
H24 4P6 X . 20.69 0.39 -27.87
H25 4P6 X . 22.27 -1.33 -36.44
H26 4P6 X . 19.94 -0.08 -31.41
H28 4P6 X . 22.30 2.33 -33.14
H27 4P6 X . 23.44 1.37 -32.18
H30 4P6 X . 22.11 3.98 -31.38
H29 4P6 X . 23.83 3.70 -31.66
H32 4P6 X . 23.48 3.68 -29.28
H31 4P6 X . 23.77 2.01 -29.77
C1 4P6 Y . 13.65 -25.41 -17.61
C2 4P6 Y . 17.40 -31.33 -18.30
C3 4P6 Y . 14.54 -25.73 -18.63
C4 4P6 Y . 16.88 -30.02 -18.10
C5 4P6 Y . 14.07 -24.58 -16.60
C6 4P6 Y . 16.11 -24.37 -17.50
C7 4P6 Y . 18.24 -31.40 -19.39
C8 4P6 Y . 15.80 -25.20 -18.56
C9 4P6 Y . 17.28 -29.10 -19.04
C10 4P6 Y . 16.86 -25.43 -19.56
C11 4P6 Y . 17.27 -26.80 -19.92
C12 4P6 Y . 16.91 -27.73 -19.03
C13 4P6 Y . 18.08 -27.02 -21.15
C14 4P6 Y . 18.20 -25.71 -21.91
C15 4P6 Y . 18.53 -24.60 -20.97
N16 4P6 Y . 15.29 -24.04 -16.51
N17 4P6 Y . 17.45 -24.37 -20.00
S18 4P6 Y . 18.35 -29.86 -20.17
H19 4P6 Y . 12.65 -25.81 -17.61
H20 4P6 Y . 17.18 -32.18 -17.67
H21 4P6 Y . 14.23 -26.38 -19.44
H22 4P6 Y . 16.20 -29.77 -17.30
H23 4P6 Y . 13.39 -24.32 -15.80
H24 4P6 Y . 17.11 -23.94 -17.44
H25 4P6 Y . 18.76 -32.27 -19.77
H26 4P6 Y . 16.37 -27.40 -18.15
H28 4P6 Y . 17.59 -27.77 -21.77
H27 4P6 Y . 19.07 -27.39 -20.89
H30 4P6 Y . 17.27 -25.50 -22.42
H29 4P6 Y . 18.99 -25.81 -22.67
H32 4P6 Y . 18.72 -23.68 -21.53
H31 4P6 Y . 19.46 -24.84 -20.42
P PO4 Z . 4.92 -17.67 -18.66
O1 PO4 Z . 5.96 -16.57 -18.55
O2 PO4 Z . 5.54 -18.98 -19.05
O3 PO4 Z . 4.30 -17.82 -17.28
O4 PO4 Z . 3.88 -17.26 -19.67
P PO4 AA . 9.56 -23.36 7.05
O1 PO4 AA . 10.17 -22.84 5.76
O2 PO4 AA . 10.58 -24.15 7.82
O3 PO4 AA . 8.38 -24.25 6.72
O4 PO4 AA . 9.12 -22.16 7.86
C1 4P6 BA . 20.41 -24.73 11.38
C2 4P6 BA . 25.57 -27.29 15.37
C3 4P6 BA . 21.32 -25.71 11.03
C4 4P6 BA . 24.74 -26.63 14.42
C5 4P6 BA . 20.58 -23.46 10.86
C6 4P6 BA . 22.45 -24.07 9.74
C7 4P6 BA . 26.36 -28.25 14.80
C8 4P6 BA . 22.35 -25.37 10.20
C9 4P6 BA . 24.87 -27.08 13.13
C10 4P6 BA . 23.36 -26.34 9.76
C11 4P6 BA . 24.16 -27.08 10.76
C12 4P6 BA . 24.14 -26.57 12.00
C13 4P6 BA . 24.87 -28.30 10.32
C14 4P6 BA . 24.44 -28.65 8.91
C15 4P6 BA . 24.49 -27.41 8.05
N16 4P6 BA . 21.59 -23.10 10.05
N17 4P6 BA . 23.47 -26.44 8.48
S18 4P6 BA . 26.05 -28.32 13.11
H19 4P6 BA . 19.57 -24.95 12.03
H20 4P6 BA . 25.59 -27.06 16.43
H21 4P6 BA . 21.21 -26.72 11.40
H22 4P6 BA . 24.04 -25.84 14.69
H23 4P6 BA . 19.89 -22.67 11.11
H24 4P6 BA . 23.26 -23.79 9.08
H25 4P6 BA . 27.08 -28.90 15.28
H26 4P6 BA . 23.58 -25.66 12.15
H28 4P6 BA . 24.64 -29.12 10.99
H27 4P6 BA . 25.96 -28.13 10.35
H30 4P6 BA . 23.43 -29.05 8.93
H29 4P6 BA . 25.12 -29.40 8.50
H32 4P6 BA . 24.31 -27.69 7.00
H31 4P6 BA . 25.47 -26.95 8.12
P PO4 CA . 17.75 -1.10 19.03
O1 PO4 CA . 19.03 -0.50 19.55
O2 PO4 CA . 16.94 -1.77 20.11
O3 PO4 CA . 16.92 0.04 18.41
O4 PO4 CA . 18.05 -2.07 17.90
C1 4P6 DA . 28.78 3.29 17.75
C2 4P6 DA . 34.86 6.15 19.47
C3 4P6 DA . 29.90 2.66 18.23
C4 4P6 DA . 33.74 5.49 18.90
C5 4P6 DA . 28.46 3.15 16.42
C6 4P6 DA . 30.26 1.84 16.02
C7 4P6 DA . 35.86 5.28 19.83
C8 4P6 DA . 30.65 1.94 17.33
C9 4P6 DA . 33.89 4.12 18.85
C10 4P6 DA . 31.87 1.20 17.72
C11 4P6 DA . 32.97 1.91 18.42
C12 4P6 DA . 32.92 3.23 18.32
C13 4P6 DA . 34.00 1.11 19.12
C14 4P6 DA . 33.54 -0.33 19.11
C15 4P6 DA . 33.12 -0.70 17.71
N16 4P6 DA . 29.17 2.44 15.53
N17 4P6 DA . 31.88 -0.03 17.35
S18 4P6 DA . 35.43 3.66 19.47
H19 4P6 DA . 28.15 3.88 18.40
H20 4P6 DA . 34.93 7.22 19.60
H21 4P6 DA . 30.19 2.74 19.27
H22 4P6 DA . 32.84 6.00 18.56
H23 4P6 DA . 27.58 3.63 16.01
H24 4P6 DA . 30.83 1.27 15.31
H25 4P6 DA . 36.82 5.52 20.28
H26 4P6 DA . 32.12 3.68 17.75
H28 4P6 DA . 34.10 1.46 20.15
H27 4P6 DA . 34.96 1.20 18.61
H30 4P6 DA . 32.70 -0.46 19.80
H29 4P6 DA . 34.35 -0.98 19.43
H32 4P6 DA . 32.98 -1.78 17.65
H31 4P6 DA . 33.91 -0.41 17.01
#